data_9JLI
#
_entry.id   9JLI
#
loop_
_entity.id
_entity.type
_entity.pdbx_description
1 polymer 'Envelope glycoprotein B'
2 non-polymer 2-acetamido-2-deoxy-beta-D-glucopyranose
#
_entity_poly.entity_id   1
_entity_poly.type   'polypeptide(L)'
_entity_poly.pdbx_seq_one_letter_code
;MSKMRVLFLAVFLMNSVLMIYCDSDDYIRAGYNHKYPFRICSIAKGTDLMRFDRDISCSPYKSNAKMSEGFFIIYKTNIE
TYTFPVRTYKNELTFPTSYRDHRTTYFLDRTVMGLAMPVYEANLVNSRAQCYSAVAIKRPDGTVFSAYHEDNNKNETLEL
FPLNFKSVTNKRFITTKEPYFARGPLATHSTSTSLNCIVTEATAKAKYPFSYFALTTGEIVEGSPFFDGSNGKHFAEPLE
KLTILENYTMIEDLMNGMNGATTLVRKIAFLEKGDTLFSWEIKEENESVCMLKHWTTVTHGLRAETDETYHFISKELTAA
FVASKESLNLTDPKQTCIKNEFEKIITDVYMSDYNDAYSMNGSYQIFKTTGDLILIWQPLVQKSLMVLEQGSVNLRRRRD
LVDVKSRHDILYVQLQYLYDTLKDYINDALGNLAESWCLDQKRTITMLHELSKISPSSIVSEVYGRPISAQLHGDVLAIS
KCIEVNQSSVQLYKSMRVVDAKGVRSETMCYNRPLVTFSFVNSTPEVVLGQLGLDNEILLGDHRTEECEIPSTKIFLSGN
HAHVYTDYTHTNSTPIEDIEVLDAFIRLKIDPLENADFKLLDLYSPDELSRANVFDLENILREYNSYKSALYT
;
_entity_poly.pdbx_strand_id   A,B,C
#
loop_
_chem_comp.id
_chem_comp.type
_chem_comp.name
_chem_comp.formula
NAG D-saccharide, beta linking 2-acetamido-2-deoxy-beta-D-glucopyranose 'C8 H15 N O6'
#
# COMPACT_ATOMS: atom_id res chain seq x y z
N ASP A 25 -14.83 -16.47 -77.91
CA ASP A 25 -13.55 -16.94 -77.37
C ASP A 25 -13.77 -18.10 -76.41
N ASP A 26 -12.86 -19.06 -76.43
CA ASP A 26 -12.91 -20.22 -75.55
C ASP A 26 -12.00 -20.09 -74.34
N TYR A 27 -11.82 -18.86 -73.83
CA TYR A 27 -10.94 -18.63 -72.71
C TYR A 27 -11.51 -17.52 -71.83
N ILE A 28 -11.14 -17.55 -70.56
CA ILE A 28 -11.60 -16.60 -69.57
C ILE A 28 -10.39 -16.02 -68.85
N ARG A 29 -10.34 -14.69 -68.75
CA ARG A 29 -9.26 -14.04 -68.01
C ARG A 29 -9.34 -14.38 -66.54
N ALA A 30 -8.20 -14.71 -65.95
CA ALA A 30 -8.15 -15.09 -64.55
C ALA A 30 -8.13 -13.86 -63.65
N GLY A 31 -8.32 -14.09 -62.36
CA GLY A 31 -8.25 -13.05 -61.35
C GLY A 31 -6.83 -12.80 -60.89
N TYR A 32 -6.73 -12.29 -59.66
CA TYR A 32 -5.42 -11.98 -59.10
C TYR A 32 -5.51 -11.99 -57.58
N ASN A 33 -4.48 -12.54 -56.94
CA ASN A 33 -4.32 -12.46 -55.49
C ASN A 33 -2.92 -11.93 -55.21
N HIS A 34 -2.83 -11.01 -54.25
CA HIS A 34 -1.56 -10.35 -53.97
C HIS A 34 -0.57 -11.22 -53.22
N LYS A 35 -1.02 -12.31 -52.60
CA LYS A 35 -0.13 -13.19 -51.85
C LYS A 35 -0.11 -14.62 -52.36
N TYR A 36 -0.95 -14.97 -53.33
CA TYR A 36 -0.90 -16.27 -54.00
C TYR A 36 -0.89 -16.03 -55.51
N PRO A 37 0.17 -15.43 -56.03
CA PRO A 37 0.19 -15.09 -57.45
C PRO A 37 0.53 -16.30 -58.32
N PHE A 38 0.08 -16.21 -59.57
CA PHE A 38 0.29 -17.30 -60.53
C PHE A 38 1.78 -17.47 -60.78
N ARG A 39 2.32 -18.61 -60.37
CA ARG A 39 3.74 -18.89 -60.52
C ARG A 39 3.95 -20.27 -61.14
N ILE A 40 5.04 -20.40 -61.89
CA ILE A 40 5.46 -21.68 -62.45
C ILE A 40 6.57 -22.23 -61.57
N CYS A 41 6.38 -23.44 -61.07
CA CYS A 41 7.30 -23.99 -60.07
C CYS A 41 7.95 -25.28 -60.57
N SER A 42 8.49 -25.25 -61.79
CA SER A 42 9.25 -26.37 -62.30
C SER A 42 10.44 -26.66 -61.40
N ILE A 43 11.01 -27.86 -61.57
CA ILE A 43 12.08 -28.31 -60.68
C ILE A 43 13.32 -27.42 -60.83
N ALA A 44 13.59 -26.96 -62.05
CA ALA A 44 14.73 -26.09 -62.34
C ALA A 44 16.03 -26.69 -61.81
N LYS A 45 16.45 -26.25 -60.63
CA LYS A 45 17.63 -26.80 -59.97
C LYS A 45 17.31 -27.77 -58.85
N GLY A 46 16.11 -27.69 -58.27
CA GLY A 46 15.73 -28.61 -57.21
C GLY A 46 16.59 -28.41 -55.98
N THR A 47 17.09 -29.52 -55.45
CA THR A 47 17.94 -29.56 -54.26
C THR A 47 17.19 -28.91 -53.09
N ASP A 48 17.93 -28.28 -52.17
CA ASP A 48 17.36 -27.60 -51.01
C ASP A 48 16.51 -28.57 -50.17
N LEU A 49 17.17 -29.60 -49.65
CA LEU A 49 16.50 -30.56 -48.80
C LEU A 49 16.06 -29.91 -47.50
N MET A 50 14.92 -30.36 -46.97
CA MET A 50 14.40 -29.86 -45.71
C MET A 50 13.87 -31.02 -44.87
N ARG A 51 13.72 -30.75 -43.58
CA ARG A 51 13.22 -31.75 -42.65
C ARG A 51 12.60 -31.05 -41.46
N PHE A 52 11.81 -31.80 -40.70
CA PHE A 52 11.15 -31.31 -39.50
C PHE A 52 11.88 -31.81 -38.26
N ASP A 53 12.11 -30.91 -37.31
CA ASP A 53 12.82 -31.25 -36.07
C ASP A 53 11.82 -31.85 -35.10
N ARG A 54 11.74 -33.18 -35.08
CA ARG A 54 10.90 -33.90 -34.15
C ARG A 54 11.58 -34.17 -32.81
N ASP A 55 12.86 -33.80 -32.70
CA ASP A 55 13.62 -34.03 -31.47
C ASP A 55 13.61 -32.76 -30.64
N ILE A 56 12.54 -32.59 -29.88
CA ILE A 56 12.34 -31.40 -29.05
C ILE A 56 12.13 -31.85 -27.61
N SER A 57 12.89 -31.28 -26.70
CA SER A 57 12.76 -31.56 -25.28
C SER A 57 11.95 -30.45 -24.63
N CYS A 58 10.91 -30.85 -23.87
CA CYS A 58 10.06 -29.86 -23.15
C CYS A 58 10.38 -29.93 -21.66
N SER A 59 10.79 -28.81 -21.07
CA SER A 59 11.17 -28.81 -19.63
C SER A 59 9.93 -28.65 -18.74
N PRO A 60 9.78 -29.44 -17.66
CA PRO A 60 8.67 -29.26 -16.74
C PRO A 60 8.87 -27.92 -16.02
N TYR A 61 7.79 -27.28 -15.57
CA TYR A 61 7.93 -25.93 -14.96
C TYR A 61 8.50 -26.02 -13.55
N LYS A 62 9.83 -25.90 -13.40
CA LYS A 62 10.42 -25.85 -12.07
C LYS A 62 10.60 -24.40 -11.67
N SER A 63 10.09 -24.04 -10.50
CA SER A 63 10.21 -22.67 -10.02
C SER A 63 11.67 -22.33 -9.74
N ASN A 64 12.07 -21.13 -10.14
CA ASN A 64 13.44 -20.67 -9.92
C ASN A 64 13.65 -20.03 -8.56
N ALA A 65 12.58 -19.78 -7.81
CA ALA A 65 12.71 -19.18 -6.49
C ALA A 65 13.31 -20.18 -5.51
N LYS A 66 14.21 -19.67 -4.66
CA LYS A 66 14.83 -20.49 -3.61
C LYS A 66 14.17 -20.12 -2.29
N MET A 67 13.47 -21.08 -1.70
CA MET A 67 12.72 -20.87 -0.47
C MET A 67 13.23 -21.83 0.61
N SER A 68 13.26 -21.34 1.85
CA SER A 68 13.65 -22.15 2.99
C SER A 68 12.55 -22.06 4.05
N GLU A 69 12.40 -23.15 4.81
CA GLU A 69 11.34 -23.25 5.80
C GLU A 69 11.89 -22.97 7.19
N GLY A 70 11.06 -22.36 8.04
CA GLY A 70 11.48 -22.05 9.39
C GLY A 70 10.50 -21.09 10.03
N PHE A 71 10.92 -20.53 11.16
CA PHE A 71 10.14 -19.54 11.87
C PHE A 71 11.07 -18.43 12.34
N PHE A 72 10.50 -17.24 12.52
CA PHE A 72 11.30 -16.09 12.93
C PHE A 72 10.53 -15.26 13.95
N ILE A 73 11.29 -14.50 14.73
CA ILE A 73 10.76 -13.62 15.77
C ILE A 73 11.22 -12.20 15.45
N ILE A 74 10.30 -11.24 15.59
CA ILE A 74 10.56 -9.85 15.23
C ILE A 74 10.59 -9.02 16.50
N TYR A 75 11.65 -8.21 16.64
CA TYR A 75 11.82 -7.31 17.77
C TYR A 75 11.85 -5.88 17.26
N LYS A 76 11.23 -4.98 18.02
CA LYS A 76 11.15 -3.57 17.66
C LYS A 76 11.85 -2.73 18.73
N THR A 77 12.26 -1.53 18.33
CA THR A 77 12.91 -0.62 19.26
C THR A 77 11.93 -0.19 20.34
N ASN A 78 12.39 -0.18 21.58
CA ASN A 78 11.55 0.20 22.70
C ASN A 78 11.45 1.71 22.79
N ILE A 79 10.23 2.24 22.66
CA ILE A 79 10.00 3.68 22.76
C ILE A 79 9.45 4.09 24.10
N GLU A 80 9.16 3.14 24.99
CA GLU A 80 8.65 3.47 26.31
C GLU A 80 9.73 4.15 27.13
N THR A 81 9.33 5.18 27.88
CA THR A 81 10.25 5.87 28.74
C THR A 81 10.56 5.02 29.98
N TYR A 82 11.65 5.36 30.65
CA TYR A 82 12.07 4.67 31.86
C TYR A 82 11.48 5.38 33.07
N THR A 83 10.59 4.70 33.79
CA THR A 83 9.87 5.29 34.91
C THR A 83 10.37 4.67 36.21
N PHE A 84 10.66 5.52 37.18
CA PHE A 84 11.13 5.10 38.49
C PHE A 84 10.56 6.02 39.55
N PRO A 85 10.36 5.53 40.78
CA PRO A 85 9.80 6.38 41.82
C PRO A 85 10.82 7.38 42.37
N VAL A 86 10.34 8.58 42.64
CA VAL A 86 11.17 9.65 43.21
C VAL A 86 10.44 10.23 44.40
N ARG A 87 11.15 10.39 45.52
CA ARG A 87 10.59 10.95 46.74
C ARG A 87 11.14 12.36 46.94
N THR A 88 10.26 13.30 47.22
CA THR A 88 10.62 14.71 47.42
C THR A 88 10.28 15.14 48.84
N TYR A 89 11.18 15.90 49.44
CA TYR A 89 11.00 16.43 50.79
C TYR A 89 11.12 17.94 50.76
N LYS A 90 10.16 18.63 51.37
CA LYS A 90 10.12 20.08 51.36
C LYS A 90 9.66 20.61 52.70
N ASN A 91 10.33 21.67 53.17
CA ASN A 91 9.96 22.36 54.41
C ASN A 91 9.77 23.84 54.09
N GLU A 92 8.65 24.39 54.55
CA GLU A 92 8.29 25.76 54.18
C GLU A 92 7.66 26.49 55.36
N LEU A 93 7.77 27.81 55.34
CA LEU A 93 7.09 28.71 56.26
C LEU A 93 6.08 29.54 55.49
N THR A 94 4.88 29.70 56.05
CA THR A 94 3.83 30.48 55.41
C THR A 94 3.03 31.20 56.49
N PHE A 95 2.95 32.53 56.37
CA PHE A 95 2.08 33.30 57.23
C PHE A 95 0.62 33.00 56.90
N PRO A 96 -0.31 33.25 57.85
CA PRO A 96 -1.73 33.03 57.55
C PRO A 96 -2.16 33.76 56.28
N THR A 97 -2.49 33.00 55.25
CA THR A 97 -2.73 33.58 53.94
C THR A 97 -4.06 34.33 53.90
N SER A 98 -4.12 35.33 53.02
CA SER A 98 -5.33 36.13 52.81
C SER A 98 -5.81 36.77 54.12
N TYR A 99 -4.87 37.26 54.91
CA TYR A 99 -5.21 37.97 56.13
C TYR A 99 -5.90 39.28 55.79
N ARG A 100 -6.94 39.62 56.57
CA ARG A 100 -7.67 40.87 56.37
C ARG A 100 -8.05 41.50 57.70
N ASP A 101 -7.22 41.35 58.73
CA ASP A 101 -7.56 41.80 60.07
C ASP A 101 -7.75 43.31 60.11
N HIS A 102 -6.69 44.06 59.81
CA HIS A 102 -6.74 45.51 59.92
C HIS A 102 -7.57 46.12 58.80
N ARG A 103 -7.68 47.45 58.81
CA ARG A 103 -8.50 48.14 57.82
C ARG A 103 -7.95 47.94 56.41
N THR A 104 -6.64 48.03 56.26
CA THR A 104 -6.00 47.84 54.95
C THR A 104 -5.67 46.37 54.69
N THR A 105 -6.67 45.50 54.89
CA THR A 105 -6.52 44.06 54.73
C THR A 105 -5.35 43.52 55.55
N TYR A 106 -5.03 44.20 56.66
CA TYR A 106 -3.89 43.86 57.51
C TYR A 106 -2.60 43.75 56.72
N PHE A 107 -2.53 44.41 55.56
CA PHE A 107 -1.43 44.24 54.61
C PHE A 107 -1.20 42.78 54.26
N LEU A 108 -2.28 41.99 54.32
CA LEU A 108 -2.23 40.54 54.11
C LEU A 108 -1.23 39.88 55.05
N ASP A 109 -0.89 38.63 54.79
CA ASP A 109 0.15 37.94 55.55
C ASP A 109 0.59 36.73 54.74
N ARG A 110 1.87 36.68 54.39
CA ARG A 110 2.37 35.57 53.58
C ARG A 110 3.89 35.44 53.69
N THR A 111 4.35 34.34 54.30
CA THR A 111 5.77 33.98 54.25
C THR A 111 6.05 33.10 53.04
N VAL A 112 5.21 32.08 52.83
CA VAL A 112 5.13 31.32 51.59
C VAL A 112 6.40 30.55 51.27
N MET A 113 7.55 31.21 51.34
CA MET A 113 8.77 30.62 50.83
C MET A 113 9.16 29.38 51.64
N GLY A 114 9.96 28.53 51.01
CA GLY A 114 10.36 27.28 51.63
C GLY A 114 11.81 26.95 51.31
N LEU A 115 12.28 25.86 51.90
CA LEU A 115 13.66 25.43 51.74
C LEU A 115 13.71 23.90 51.70
N ALA A 116 14.79 23.39 51.10
CA ALA A 116 14.96 21.96 50.99
C ALA A 116 15.17 21.34 52.36
N MET A 117 14.55 20.17 52.58
CA MET A 117 14.72 19.47 53.83
C MET A 117 16.16 19.01 54.00
N PRO A 118 16.74 19.18 55.19
CA PRO A 118 18.11 18.71 55.41
C PRO A 118 18.21 17.20 55.36
N VAL A 119 19.43 16.73 55.11
CA VAL A 119 19.66 15.30 54.87
C VAL A 119 19.31 14.48 56.11
N TYR A 120 19.69 14.96 57.29
CA TYR A 120 19.38 14.22 58.51
C TYR A 120 17.88 14.13 58.76
N GLU A 121 17.15 15.21 58.49
CA GLU A 121 15.71 15.16 58.60
C GLU A 121 15.12 14.20 57.57
N ALA A 122 15.72 14.12 56.39
CA ALA A 122 15.29 13.14 55.40
C ALA A 122 15.51 11.72 55.91
N ASN A 123 16.64 11.48 56.58
CA ASN A 123 16.88 10.17 57.19
C ASN A 123 15.84 9.86 58.25
N LEU A 124 15.50 10.84 59.08
CA LEU A 124 14.47 10.64 60.10
C LEU A 124 13.14 10.30 59.46
N VAL A 125 12.78 11.00 58.38
CA VAL A 125 11.52 10.72 57.68
C VAL A 125 11.54 9.31 57.10
N ASN A 126 12.65 8.93 56.46
CA ASN A 126 12.73 7.62 55.81
C ASN A 126 12.84 6.49 56.81
N SER A 127 13.21 6.77 58.06
CA SER A 127 13.36 5.73 59.07
C SER A 127 12.14 5.60 59.97
N ARG A 128 11.75 6.69 60.64
CA ARG A 128 10.69 6.64 61.64
C ARG A 128 9.41 7.34 61.19
N ALA A 129 9.34 7.77 59.92
CA ALA A 129 8.15 8.41 59.37
C ALA A 129 7.73 9.63 60.19
N GLN A 130 8.72 10.42 60.61
CA GLN A 130 8.44 11.65 61.34
C GLN A 130 9.52 12.67 61.03
N CYS A 131 9.21 13.93 61.29
CA CYS A 131 10.06 15.05 60.93
C CYS A 131 10.26 15.98 62.12
N TYR A 132 11.42 16.65 62.14
CA TYR A 132 11.76 17.53 63.24
C TYR A 132 10.85 18.77 63.26
N SER A 133 10.75 19.37 64.43
CA SER A 133 9.91 20.55 64.65
C SER A 133 10.65 21.86 64.45
N ALA A 134 11.96 21.83 64.21
CA ALA A 134 12.76 23.04 64.08
C ALA A 134 13.55 23.00 62.78
N VAL A 135 13.79 24.18 62.22
CA VAL A 135 14.57 24.34 61.00
C VAL A 135 15.61 25.42 61.22
N ALA A 136 16.63 25.41 60.37
CA ALA A 136 17.71 26.38 60.42
C ALA A 136 17.69 27.22 59.15
N ILE A 137 17.83 28.54 59.32
CA ILE A 137 17.87 29.48 58.21
C ILE A 137 19.21 30.17 58.22
N LYS A 138 19.91 30.14 57.09
CA LYS A 138 21.25 30.69 56.96
C LYS A 138 21.16 31.99 56.16
N ARG A 139 21.42 33.11 56.83
CA ARG A 139 21.48 34.40 56.16
C ARG A 139 22.77 34.51 55.36
N PRO A 140 22.82 35.42 54.37
CA PRO A 140 24.08 35.60 53.62
C PRO A 140 25.26 35.96 54.50
N ASP A 141 25.02 36.64 55.62
CA ASP A 141 26.12 36.92 56.55
C ASP A 141 26.70 35.63 57.12
N GLY A 142 25.86 34.67 57.45
CA GLY A 142 26.31 33.40 57.99
C GLY A 142 25.59 32.99 59.25
N THR A 143 24.74 33.88 59.77
CA THR A 143 24.01 33.60 60.99
C THR A 143 22.98 32.49 60.77
N VAL A 144 22.76 31.70 61.82
CA VAL A 144 21.83 30.57 61.77
C VAL A 144 20.60 30.94 62.58
N PHE A 145 19.43 30.88 61.93
CA PHE A 145 18.17 31.27 62.56
C PHE A 145 17.42 30.02 63.01
N SER A 146 16.75 30.13 64.15
CA SER A 146 15.99 29.02 64.72
C SER A 146 14.51 29.41 64.70
N ALA A 147 13.72 28.69 63.91
CA ALA A 147 12.29 28.88 63.82
C ALA A 147 11.58 27.64 64.33
N TYR A 148 10.45 27.83 65.02
CA TYR A 148 9.74 26.74 65.64
C TYR A 148 8.25 26.89 65.41
N HIS A 149 7.54 25.77 65.45
CA HIS A 149 6.09 25.76 65.33
C HIS A 149 5.47 26.27 66.62
N GLU A 150 4.67 27.33 66.53
CA GLU A 150 4.04 27.99 67.67
C GLU A 150 5.07 28.51 68.67
N ASP A 151 6.31 28.71 68.23
CA ASP A 151 7.39 29.24 69.07
C ASP A 151 7.59 28.39 70.33
N ASN A 152 7.36 27.08 70.20
CA ASN A 152 7.57 26.19 71.33
C ASN A 152 9.04 26.01 71.69
N ASN A 153 9.94 26.34 70.76
CA ASN A 153 11.39 26.24 70.98
C ASN A 153 11.79 24.81 71.36
N LYS A 154 11.17 23.83 70.71
CA LYS A 154 11.48 22.43 70.94
C LYS A 154 11.82 21.76 69.61
N ASN A 155 12.93 21.02 69.59
CA ASN A 155 13.33 20.27 68.40
C ASN A 155 12.78 18.85 68.44
N GLU A 156 11.47 18.73 68.64
CA GLU A 156 10.82 17.44 68.74
C GLU A 156 10.38 16.97 67.34
N THR A 157 9.60 15.90 67.29
CA THR A 157 9.19 15.28 66.03
C THR A 157 7.68 15.30 65.89
N LEU A 158 7.22 15.32 64.63
CA LEU A 158 5.81 15.28 64.30
C LEU A 158 5.56 14.23 63.23
N GLU A 159 4.35 13.67 63.26
CA GLU A 159 3.99 12.61 62.32
C GLU A 159 3.48 13.20 61.01
N LEU A 160 3.31 12.33 60.01
CA LEU A 160 2.86 12.71 58.69
C LEU A 160 1.50 12.10 58.41
N PHE A 161 0.65 12.85 57.70
CA PHE A 161 -0.69 12.39 57.39
C PHE A 161 -0.92 12.37 55.88
N PRO A 162 -1.62 11.36 55.37
CA PRO A 162 -1.86 11.29 53.92
C PRO A 162 -2.94 12.24 53.46
N LEU A 163 -2.56 13.50 53.17
CA LEU A 163 -3.52 14.50 52.74
C LEU A 163 -4.19 14.09 51.43
N ASN A 164 -5.47 14.44 51.30
CA ASN A 164 -6.26 14.17 50.10
C ASN A 164 -6.36 12.67 49.83
N PHE A 165 -6.28 11.86 50.88
CA PHE A 165 -6.39 10.39 50.78
C PHE A 165 -5.34 9.82 49.83
N LYS A 166 -4.19 10.48 49.74
CA LYS A 166 -3.03 10.10 48.93
C LYS A 166 -3.29 10.21 47.42
N SER A 167 -4.49 10.57 47.00
CA SER A 167 -4.84 10.72 45.59
C SER A 167 -4.43 9.48 44.79
N VAL A 168 -3.94 9.69 43.57
CA VAL A 168 -3.46 8.61 42.72
C VAL A 168 -2.11 9.01 42.13
N THR A 169 -1.12 8.15 42.30
CA THR A 169 0.25 8.32 41.79
C THR A 169 0.93 9.57 42.31
N ASN A 170 0.33 10.27 43.28
CA ASN A 170 0.93 11.45 43.88
C ASN A 170 0.70 11.45 45.38
N LYS A 171 0.90 10.30 46.02
CA LYS A 171 0.71 10.17 47.46
C LYS A 171 1.67 11.08 48.20
N ARG A 172 1.14 12.10 48.87
CA ARG A 172 1.93 13.06 49.63
C ARG A 172 1.51 13.05 51.08
N PHE A 173 2.48 13.09 51.98
CA PHE A 173 2.25 13.12 53.41
C PHE A 173 2.60 14.49 53.97
N ILE A 174 1.78 14.98 54.90
CA ILE A 174 1.96 16.30 55.48
C ILE A 174 1.87 16.19 56.99
N THR A 175 2.44 17.20 57.67
CA THR A 175 2.41 17.26 59.12
C THR A 175 1.54 18.39 59.66
N THR A 176 1.15 19.34 58.81
CA THR A 176 0.35 20.48 59.22
C THR A 176 -0.90 20.56 58.35
N LYS A 177 -2.07 20.69 59.00
CA LYS A 177 -3.34 20.81 58.29
C LYS A 177 -3.65 22.24 57.86
N GLU A 178 -2.66 23.11 57.85
CA GLU A 178 -2.81 24.52 57.49
C GLU A 178 -3.92 25.21 58.29
N PRO A 179 -3.81 25.28 59.62
CA PRO A 179 -4.82 26.00 60.40
C PRO A 179 -4.46 27.47 60.56
N TYR A 180 -5.29 28.22 61.29
CA TYR A 180 -4.96 29.60 61.58
C TYR A 180 -3.75 29.68 62.50
N PHE A 181 -2.84 30.60 62.20
CA PHE A 181 -1.61 30.77 62.96
C PHE A 181 -1.60 32.12 63.65
N ALA A 182 -0.61 32.30 64.53
CA ALA A 182 -0.49 33.54 65.28
C ALA A 182 -0.13 34.69 64.35
N ARG A 183 -0.81 35.82 64.51
CA ARG A 183 -0.54 37.00 63.70
C ARG A 183 -1.14 38.21 64.40
N GLY A 184 -0.68 39.39 63.98
CA GLY A 184 -1.22 40.63 64.46
C GLY A 184 -0.77 41.80 63.60
N PRO A 185 -1.72 42.61 63.16
CA PRO A 185 -1.37 43.74 62.27
C PRO A 185 -1.00 45.00 63.03
N LEU A 186 0.25 45.43 62.87
CA LEU A 186 0.67 46.76 63.32
C LEU A 186 0.54 47.78 62.19
N ALA A 187 -0.66 47.81 61.60
CA ALA A 187 -0.96 48.57 60.38
C ALA A 187 -0.16 48.03 59.21
N THR A 188 0.58 46.94 59.41
CA THR A 188 1.42 46.31 58.40
C THR A 188 1.24 44.80 58.51
N HIS A 189 2.12 44.07 57.85
CA HIS A 189 2.11 42.61 57.87
C HIS A 189 3.43 42.10 58.46
N SER A 190 3.34 41.33 59.55
CA SER A 190 4.53 40.77 60.18
C SER A 190 4.11 39.53 60.96
N THR A 191 4.33 38.35 60.39
CA THR A 191 4.04 37.08 61.05
C THR A 191 4.63 35.93 60.24
N SER A 192 5.27 34.99 60.94
CA SER A 192 5.66 33.72 60.31
C SER A 192 5.77 32.68 61.43
N THR A 193 4.73 31.88 61.63
CA THR A 193 4.72 30.86 62.67
C THR A 193 4.02 29.59 62.19
N SER A 194 4.30 29.16 60.96
CA SER A 194 3.66 27.95 60.43
C SER A 194 4.72 27.09 59.77
N LEU A 195 5.17 26.06 60.48
CA LEU A 195 6.09 25.07 59.95
C LEU A 195 5.30 23.92 59.34
N ASN A 196 5.55 23.63 58.07
CA ASN A 196 4.91 22.52 57.38
C ASN A 196 5.97 21.74 56.63
N CYS A 197 5.88 20.41 56.68
CA CYS A 197 6.81 19.52 56.00
C CYS A 197 6.07 18.78 54.91
N ILE A 198 6.58 18.88 53.68
CA ILE A 198 5.96 18.27 52.51
C ILE A 198 6.83 17.09 52.09
N VAL A 199 6.25 15.89 52.11
CA VAL A 199 6.91 14.68 51.61
C VAL A 199 5.99 14.09 50.55
N THR A 200 6.50 13.97 49.33
CA THR A 200 5.70 13.54 48.19
C THR A 200 6.37 12.38 47.47
N GLU A 201 5.56 11.41 47.05
CA GLU A 201 6.01 10.31 46.23
C GLU A 201 5.59 10.59 44.79
N ALA A 202 6.57 10.65 43.89
CA ALA A 202 6.30 10.97 42.50
C ALA A 202 7.08 10.00 41.61
N THR A 203 6.75 10.04 40.32
CA THR A 203 7.39 9.18 39.32
C THR A 203 8.03 10.05 38.25
N ALA A 204 9.23 9.66 37.82
CA ALA A 204 9.98 10.41 36.82
C ALA A 204 10.13 9.56 35.56
N LYS A 205 10.42 10.23 34.45
CA LYS A 205 10.58 9.58 33.16
C LYS A 205 11.80 10.14 32.45
N ALA A 206 12.34 9.35 31.52
CA ALA A 206 13.52 9.74 30.78
C ALA A 206 13.49 9.12 29.40
N LYS A 207 14.00 9.87 28.40
CA LYS A 207 14.05 9.33 27.02
C LYS A 207 15.21 8.34 26.92
N TYR A 208 15.62 7.99 25.70
CA TYR A 208 16.68 7.00 25.53
C TYR A 208 18.06 7.48 25.97
N PRO A 209 18.54 8.67 25.59
CA PRO A 209 19.90 9.06 26.02
C PRO A 209 20.04 9.19 27.52
N PHE A 210 18.94 9.32 28.25
CA PHE A 210 18.95 9.45 29.71
C PHE A 210 19.82 10.61 30.17
N SER A 211 19.84 11.70 29.40
CA SER A 211 20.60 12.87 29.81
C SER A 211 19.90 13.63 30.94
N TYR A 212 18.60 13.44 31.10
CA TYR A 212 17.83 14.13 32.12
C TYR A 212 16.57 13.34 32.40
N PHE A 213 15.96 13.60 33.55
CA PHE A 213 14.67 13.03 33.88
C PHE A 213 13.79 14.09 34.50
N ALA A 214 12.49 14.01 34.21
CA ALA A 214 11.53 15.01 34.68
C ALA A 214 10.41 14.32 35.43
N LEU A 215 10.01 14.92 36.55
CA LEU A 215 8.87 14.40 37.31
C LEU A 215 7.58 14.64 36.53
N THR A 216 6.56 13.85 36.89
CA THR A 216 5.27 13.98 36.22
C THR A 216 4.64 15.35 36.47
N THR A 217 4.89 15.93 37.64
CA THR A 217 4.37 17.26 37.93
C THR A 217 4.97 18.32 37.02
N GLY A 218 6.27 18.21 36.73
CA GLY A 218 6.90 19.17 35.85
C GLY A 218 8.34 19.51 36.20
N GLU A 219 8.77 19.17 37.42
CA GLU A 219 10.14 19.44 37.81
C GLU A 219 11.12 18.65 36.94
N ILE A 220 12.26 19.26 36.64
CA ILE A 220 13.26 18.69 35.75
C ILE A 220 14.60 18.65 36.50
N VAL A 221 15.27 17.50 36.41
CA VAL A 221 16.61 17.34 36.94
C VAL A 221 17.54 17.09 35.75
N GLU A 222 18.51 17.98 35.55
CA GLU A 222 19.39 17.90 34.39
C GLU A 222 20.57 16.97 34.69
N GLY A 223 20.25 15.69 34.76
CA GLY A 223 21.27 14.68 35.02
C GLY A 223 20.75 13.30 34.74
N SER A 224 21.68 12.39 34.52
CA SER A 224 21.30 11.00 34.23
C SER A 224 20.78 10.33 35.49
N PRO A 225 19.64 9.64 35.44
CA PRO A 225 19.17 8.92 36.62
C PRO A 225 20.10 7.79 37.04
N PHE A 226 20.96 7.33 36.15
CA PHE A 226 21.93 6.28 36.46
C PHE A 226 23.30 6.83 36.85
N PHE A 227 23.39 8.14 37.06
CA PHE A 227 24.67 8.75 37.42
C PHE A 227 25.15 8.22 38.77
N ASP A 228 26.47 8.14 38.91
CA ASP A 228 27.09 7.64 40.14
C ASP A 228 28.31 8.50 40.42
N GLY A 229 29.16 8.02 41.34
CA GLY A 229 30.35 8.78 41.69
C GLY A 229 31.30 8.95 40.52
N SER A 230 31.54 7.88 39.78
CA SER A 230 32.50 7.92 38.68
C SER A 230 32.02 7.14 37.46
N ASN A 231 30.71 7.04 37.27
CA ASN A 231 30.18 6.35 36.11
C ASN A 231 30.45 7.09 34.80
N GLY A 232 30.75 8.38 34.87
CA GLY A 232 30.95 9.16 33.67
C GLY A 232 29.69 9.58 32.96
N LYS A 233 28.52 9.30 33.54
CA LYS A 233 27.27 9.66 32.91
C LYS A 233 27.06 11.17 32.93
N HIS A 234 26.19 11.64 32.04
CA HIS A 234 25.90 13.07 31.97
C HIS A 234 25.25 13.55 33.25
N PHE A 235 25.70 14.72 33.72
CA PHE A 235 25.13 15.33 34.92
C PHE A 235 25.48 16.81 34.91
N ALA A 236 24.46 17.66 34.88
CA ALA A 236 24.66 19.11 34.80
C ALA A 236 24.43 19.82 36.12
N GLU A 237 23.77 19.18 37.08
CA GLU A 237 23.53 19.82 38.36
C GLU A 237 24.84 19.96 39.14
N PRO A 238 24.93 20.95 40.03
CA PRO A 238 26.16 21.11 40.82
C PRO A 238 26.45 19.87 41.66
N LEU A 239 27.73 19.52 41.73
CA LEU A 239 28.12 18.30 42.44
C LEU A 239 27.96 18.43 43.95
N GLU A 240 28.15 19.64 44.49
CA GLU A 240 28.06 19.83 45.93
C GLU A 240 26.64 19.57 46.44
N LYS A 241 25.63 19.77 45.60
CA LYS A 241 24.27 19.49 46.02
C LYS A 241 23.99 17.99 46.06
N LEU A 242 24.70 17.22 45.24
CA LEU A 242 24.49 15.79 45.19
C LEU A 242 25.03 15.10 46.44
N THR A 243 24.39 14.00 46.82
CA THR A 243 24.83 13.19 47.94
C THR A 243 24.43 11.74 47.68
N ILE A 244 25.41 10.85 47.72
CA ILE A 244 25.20 9.44 47.40
C ILE A 244 25.48 8.60 48.63
N LEU A 245 24.53 7.75 49.01
CA LEU A 245 24.65 6.88 50.16
C LEU A 245 24.50 5.43 49.72
N GLU A 246 25.10 4.52 50.50
CA GLU A 246 25.08 3.10 50.20
C GLU A 246 24.43 2.34 51.35
N ASN A 247 23.78 1.23 51.00
CA ASN A 247 23.10 0.37 51.97
C ASN A 247 22.07 1.15 52.79
N TYR A 248 21.40 2.10 52.14
CA TYR A 248 20.38 2.90 52.80
C TYR A 248 19.11 2.08 53.02
N THR A 249 18.43 2.36 54.12
CA THR A 249 17.16 1.71 54.46
C THR A 249 16.06 2.76 54.53
N MET A 250 14.91 2.44 53.97
CA MET A 250 13.83 3.41 53.86
C MET A 250 12.49 2.68 53.78
N ILE A 251 11.43 3.36 54.19
CA ILE A 251 10.10 2.78 54.19
C ILE A 251 9.55 2.77 52.77
N GLU A 252 8.86 1.69 52.42
CA GLU A 252 8.33 1.56 51.07
C GLU A 252 7.23 2.59 50.81
N ASP A 253 6.25 2.66 51.71
CA ASP A 253 5.13 3.58 51.57
C ASP A 253 4.87 4.30 52.89
N LEU A 254 4.49 5.56 52.79
CA LEU A 254 4.21 6.36 53.98
C LEU A 254 2.79 6.16 54.50
N MET A 255 1.92 5.48 53.75
CA MET A 255 0.58 5.19 54.25
C MET A 255 0.63 4.29 55.47
N ASN A 256 1.57 3.34 55.49
CA ASN A 256 1.70 2.42 56.62
C ASN A 256 2.30 3.06 57.86
N GLY A 257 2.80 4.30 57.75
CA GLY A 257 3.36 4.95 58.92
C GLY A 257 4.73 4.39 59.30
N MET A 258 5.07 4.60 60.57
CA MET A 258 6.36 4.18 61.10
C MET A 258 6.54 2.67 61.13
N ASN A 259 5.45 1.91 60.99
CA ASN A 259 5.52 0.45 61.00
C ASN A 259 5.63 -0.15 59.62
N GLY A 260 5.75 0.67 58.58
CA GLY A 260 5.85 0.14 57.23
C GLY A 260 7.14 -0.63 57.00
N ALA A 261 7.08 -1.55 56.05
CA ALA A 261 8.24 -2.38 55.74
C ALA A 261 9.34 -1.53 55.11
N THR A 262 10.58 -1.87 55.41
CA THR A 262 11.75 -1.16 54.91
C THR A 262 12.57 -2.08 54.02
N THR A 263 13.05 -1.54 52.90
CA THR A 263 13.85 -2.28 51.94
C THR A 263 15.23 -1.63 51.82
N LEU A 264 16.28 -2.43 51.95
CA LEU A 264 17.63 -1.92 51.77
C LEU A 264 17.86 -1.54 50.31
N VAL A 265 18.55 -0.42 50.11
CA VAL A 265 18.91 0.06 48.78
C VAL A 265 20.43 0.13 48.71
N ARG A 266 21.02 -0.55 47.73
CA ARG A 266 22.48 -0.59 47.63
C ARG A 266 23.07 0.79 47.35
N LYS A 267 22.33 1.66 46.68
CA LYS A 267 22.83 3.00 46.37
C LYS A 267 21.65 3.93 46.16
N ILE A 268 21.63 5.05 46.87
CA ILE A 268 20.58 6.05 46.76
C ILE A 268 21.24 7.41 46.55
N ALA A 269 20.51 8.32 45.92
CA ALA A 269 21.00 9.65 45.60
C ALA A 269 20.10 10.70 46.22
N PHE A 270 20.70 11.68 46.88
CA PHE A 270 19.97 12.81 47.45
C PHE A 270 20.43 14.07 46.73
N LEU A 271 19.49 14.80 46.14
CA LEU A 271 19.78 16.02 45.42
C LEU A 271 18.95 17.16 45.98
N GLU A 272 19.60 18.27 46.27
CA GLU A 272 18.93 19.48 46.76
C GLU A 272 18.89 20.48 45.61
N LYS A 273 17.71 20.68 45.03
CA LYS A 273 17.52 21.59 43.91
C LYS A 273 16.45 22.59 44.28
N GLY A 274 16.79 23.87 44.19
CA GLY A 274 15.83 24.90 44.56
C GLY A 274 15.45 24.80 46.02
N ASP A 275 14.15 24.73 46.27
CA ASP A 275 13.61 24.63 47.63
C ASP A 275 13.17 23.22 47.98
N THR A 276 13.56 22.22 47.19
CA THR A 276 13.11 20.86 47.40
C THR A 276 14.31 19.91 47.35
N LEU A 277 14.18 18.80 48.08
CA LEU A 277 15.19 17.75 48.10
C LEU A 277 14.63 16.52 47.41
N PHE A 278 15.36 16.02 46.40
CA PHE A 278 14.93 14.89 45.61
C PHE A 278 15.77 13.66 45.96
N SER A 279 15.10 12.52 46.08
CA SER A 279 15.76 11.26 46.40
C SER A 279 15.27 10.19 45.43
N TRP A 280 16.21 9.44 44.86
CA TRP A 280 15.87 8.34 43.97
C TRP A 280 16.94 7.27 44.09
N GLU A 281 16.55 6.04 43.73
CA GLU A 281 17.46 4.91 43.80
C GLU A 281 18.30 4.82 42.53
N ILE A 282 19.60 4.66 42.69
CA ILE A 282 20.52 4.55 41.57
C ILE A 282 20.64 3.08 41.20
N LYS A 283 20.06 2.70 40.07
CA LYS A 283 20.15 1.35 39.56
C LYS A 283 21.27 1.27 38.52
N GLU A 284 21.37 0.13 37.84
CA GLU A 284 22.36 -0.08 36.81
C GLU A 284 21.70 0.04 35.45
N GLU A 285 22.29 0.86 34.57
CA GLU A 285 21.68 1.12 33.27
C GLU A 285 21.58 -0.14 32.44
N ASN A 286 22.62 -0.97 32.45
CA ASN A 286 22.64 -2.16 31.60
C ASN A 286 21.60 -3.18 32.04
N GLU A 287 21.33 -3.28 33.34
CA GLU A 287 20.44 -4.30 33.88
C GLU A 287 19.03 -3.77 34.15
N SER A 288 18.72 -2.55 33.73
CA SER A 288 17.40 -1.97 33.98
C SER A 288 16.72 -1.42 32.74
N VAL A 289 17.43 -1.23 31.64
CA VAL A 289 16.85 -0.67 30.42
C VAL A 289 17.16 -1.61 29.27
N CYS A 290 16.12 -2.06 28.58
CA CYS A 290 16.25 -2.88 27.39
C CYS A 290 15.68 -2.09 26.21
N MET A 291 16.50 -1.91 25.17
CA MET A 291 16.12 -1.07 24.05
C MET A 291 15.42 -1.84 22.94
N LEU A 292 15.18 -3.14 23.12
CA LEU A 292 14.47 -3.95 22.15
C LEU A 292 13.30 -4.65 22.83
N LYS A 293 12.13 -4.57 22.20
CA LYS A 293 10.92 -5.15 22.75
C LYS A 293 10.35 -6.16 21.76
N HIS A 294 9.91 -7.30 22.28
CA HIS A 294 9.31 -8.33 21.45
C HIS A 294 7.99 -7.83 20.87
N TRP A 295 7.81 -8.03 19.57
CA TRP A 295 6.59 -7.60 18.89
C TRP A 295 5.69 -8.78 18.55
N THR A 296 6.19 -9.76 17.82
CA THR A 296 5.37 -10.89 17.40
C THR A 296 6.27 -12.07 17.08
N THR A 297 5.66 -13.25 17.04
CA THR A 297 6.34 -14.49 16.68
C THR A 297 5.59 -15.15 15.55
N VAL A 298 6.29 -15.48 14.48
CA VAL A 298 5.70 -16.13 13.32
C VAL A 298 6.11 -17.60 13.38
N THR A 299 5.14 -18.49 13.61
CA THR A 299 5.44 -19.90 13.76
C THR A 299 5.72 -20.58 12.42
N HIS A 300 5.05 -20.16 11.36
CA HIS A 300 5.24 -20.72 10.02
C HIS A 300 5.70 -19.59 9.10
N GLY A 301 6.99 -19.59 8.77
CA GLY A 301 7.54 -18.56 7.91
C GLY A 301 8.36 -19.17 6.79
N LEU A 302 8.59 -18.36 5.77
CA LEU A 302 9.40 -18.74 4.62
C LEU A 302 10.40 -17.64 4.31
N ARG A 303 11.60 -18.04 3.88
CA ARG A 303 12.65 -17.09 3.53
C ARG A 303 12.93 -17.24 2.03
N ALA A 304 12.59 -16.20 1.27
CA ALA A 304 12.86 -16.16 -0.16
C ALA A 304 14.14 -15.36 -0.38
N GLU A 305 15.14 -16.01 -0.97
CA GLU A 305 16.43 -15.39 -1.19
C GLU A 305 16.48 -14.80 -2.60
N THR A 306 16.64 -13.48 -2.67
CA THR A 306 16.83 -12.81 -3.94
C THR A 306 18.34 -12.69 -4.21
N ASP A 307 18.70 -11.93 -5.24
CA ASP A 307 20.11 -11.78 -5.58
C ASP A 307 20.85 -10.86 -4.62
N GLU A 308 20.14 -10.04 -3.85
CA GLU A 308 20.79 -9.10 -2.95
C GLU A 308 20.20 -9.07 -1.55
N THR A 309 18.97 -9.56 -1.34
CA THR A 309 18.33 -9.46 -0.04
C THR A 309 17.51 -10.72 0.23
N TYR A 310 17.20 -10.94 1.50
CA TYR A 310 16.28 -11.98 1.90
C TYR A 310 14.87 -11.41 2.04
N HIS A 311 13.88 -12.25 1.78
CA HIS A 311 12.48 -11.90 1.97
C HIS A 311 11.86 -12.89 2.93
N PHE A 312 11.48 -12.43 4.11
CA PHE A 312 10.84 -13.25 5.13
C PHE A 312 9.34 -13.05 5.02
N ILE A 313 8.62 -14.09 4.60
CA ILE A 313 7.21 -13.99 4.26
C ILE A 313 6.41 -14.74 5.33
N SER A 314 5.39 -14.06 5.87
CA SER A 314 4.50 -14.64 6.85
C SER A 314 3.08 -14.56 6.31
N LYS A 315 2.52 -15.73 5.96
CA LYS A 315 1.15 -15.74 5.43
C LYS A 315 0.13 -15.36 6.49
N GLU A 316 0.38 -15.70 7.75
CA GLU A 316 -0.57 -15.36 8.80
C GLU A 316 -0.71 -13.84 8.95
N LEU A 317 0.41 -13.12 8.92
CA LEU A 317 0.40 -11.67 9.04
C LEU A 317 0.23 -10.97 7.70
N THR A 318 0.30 -11.70 6.59
CA THR A 318 0.29 -11.12 5.25
C THR A 318 1.35 -10.02 5.14
N ALA A 319 2.56 -10.35 5.60
CA ALA A 319 3.66 -9.40 5.65
C ALA A 319 4.92 -10.04 5.09
N ALA A 320 5.74 -9.21 4.44
CA ALA A 320 7.04 -9.64 3.92
C ALA A 320 8.09 -8.64 4.37
N PHE A 321 9.14 -9.15 5.02
CA PHE A 321 10.20 -8.31 5.56
C PHE A 321 11.45 -8.49 4.71
N VAL A 322 12.07 -7.38 4.33
CA VAL A 322 13.24 -7.39 3.46
C VAL A 322 14.45 -7.01 4.30
N ALA A 323 15.47 -7.86 4.29
CA ALA A 323 16.69 -7.62 5.03
C ALA A 323 17.89 -7.98 4.16
N SER A 324 19.01 -7.34 4.44
CA SER A 324 20.23 -7.63 3.71
C SER A 324 20.75 -9.01 4.08
N LYS A 325 21.59 -9.57 3.20
CA LYS A 325 22.02 -10.95 3.36
C LYS A 325 23.04 -11.14 4.47
N GLU A 326 23.56 -10.07 5.05
CA GLU A 326 24.58 -10.17 6.09
C GLU A 326 23.91 -10.24 7.45
N SER A 327 24.14 -11.36 8.15
CA SER A 327 23.57 -11.53 9.49
C SER A 327 24.29 -10.64 10.49
N LEU A 328 23.54 -10.18 11.49
CA LEU A 328 24.07 -9.28 12.51
C LEU A 328 24.77 -10.09 13.60
N ASN A 329 25.21 -9.39 14.65
CA ASN A 329 25.82 -10.02 15.81
C ASN A 329 25.54 -9.11 17.00
N LEU A 330 24.56 -9.47 17.82
CA LEU A 330 24.16 -8.64 18.93
C LEU A 330 25.25 -8.61 19.99
N THR A 331 25.81 -7.42 20.24
CA THR A 331 26.89 -7.26 21.20
C THR A 331 26.69 -6.14 22.20
N ASP A 332 25.82 -5.17 21.91
CA ASP A 332 25.59 -4.08 22.84
C ASP A 332 24.94 -4.61 24.11
N PRO A 333 25.40 -4.18 25.28
CA PRO A 333 24.78 -4.66 26.53
C PRO A 333 23.31 -4.29 26.65
N LYS A 334 22.88 -3.18 26.05
CA LYS A 334 21.48 -2.78 26.09
C LYS A 334 20.65 -3.46 25.02
N GLN A 335 21.25 -4.29 24.17
CA GLN A 335 20.52 -5.05 23.17
C GLN A 335 20.61 -6.55 23.39
N THR A 336 21.50 -7.02 24.26
CA THR A 336 21.60 -8.44 24.58
C THR A 336 20.65 -8.86 25.69
N CYS A 337 19.84 -7.94 26.21
CA CYS A 337 18.86 -8.26 27.23
C CYS A 337 17.73 -9.14 26.72
N ILE A 338 17.62 -9.32 25.41
CA ILE A 338 16.58 -10.16 24.83
C ILE A 338 17.09 -11.55 24.45
N LYS A 339 18.37 -11.84 24.69
CA LYS A 339 18.95 -13.08 24.21
C LYS A 339 18.28 -14.29 24.84
N ASN A 340 18.20 -14.32 26.18
CA ASN A 340 17.59 -15.44 26.87
C ASN A 340 16.12 -15.58 26.48
N GLU A 341 15.41 -14.45 26.40
CA GLU A 341 14.00 -14.47 26.08
C GLU A 341 13.76 -15.10 24.71
N PHE A 342 14.48 -14.63 23.69
CA PHE A 342 14.21 -15.16 22.35
C PHE A 342 14.75 -16.57 22.17
N GLU A 343 15.81 -16.93 22.90
CA GLU A 343 16.25 -18.32 22.86
C GLU A 343 15.19 -19.25 23.47
N LYS A 344 14.59 -18.84 24.59
CA LYS A 344 13.52 -19.64 25.16
C LYS A 344 12.32 -19.70 24.22
N ILE A 345 12.02 -18.59 23.54
CA ILE A 345 10.92 -18.58 22.58
C ILE A 345 11.21 -19.58 21.45
N ILE A 346 12.44 -19.58 20.94
CA ILE A 346 12.82 -20.52 19.89
C ILE A 346 12.64 -21.95 20.37
N THR A 347 13.12 -22.25 21.58
CA THR A 347 13.01 -23.60 22.11
C THR A 347 11.54 -24.01 22.25
N ASP A 348 10.71 -23.13 22.80
CA ASP A 348 9.30 -23.45 23.00
C ASP A 348 8.59 -23.67 21.67
N VAL A 349 8.85 -22.79 20.70
CA VAL A 349 8.18 -22.91 19.41
C VAL A 349 8.58 -24.21 18.72
N TYR A 350 9.88 -24.54 18.75
CA TYR A 350 10.31 -25.79 18.14
C TYR A 350 9.71 -27.00 18.86
N MET A 351 9.65 -26.95 20.19
CA MET A 351 9.12 -28.08 20.95
C MET A 351 7.61 -28.23 20.74
N SER A 352 6.92 -27.15 20.41
CA SER A 352 5.47 -27.20 20.30
C SER A 352 5.02 -27.76 18.96
N ASP A 353 5.38 -27.10 17.87
CA ASP A 353 4.87 -27.48 16.55
C ASP A 353 5.80 -28.44 15.82
N TYR A 354 7.02 -28.01 15.53
CA TYR A 354 7.95 -28.81 14.72
C TYR A 354 8.77 -29.77 15.57
N ASN A 355 8.10 -30.58 16.39
CA ASN A 355 8.84 -31.47 17.29
C ASN A 355 9.47 -32.64 16.55
N ASP A 356 8.74 -33.24 15.61
CA ASP A 356 9.15 -34.50 14.99
C ASP A 356 9.47 -34.38 13.50
N ALA A 357 8.58 -33.75 12.73
CA ALA A 357 8.76 -33.69 11.29
C ALA A 357 9.97 -32.89 10.86
N TYR A 358 10.48 -32.01 11.73
CA TYR A 358 11.59 -31.14 11.39
C TYR A 358 12.65 -31.19 12.49
N SER A 359 13.87 -30.81 12.12
CA SER A 359 14.97 -30.69 13.06
C SER A 359 15.68 -29.37 12.83
N MET A 360 16.20 -28.80 13.92
CA MET A 360 16.84 -27.49 13.87
C MET A 360 18.12 -27.58 13.05
N ASN A 361 18.11 -27.00 11.85
CA ASN A 361 19.24 -27.05 10.93
C ASN A 361 20.17 -25.88 11.24
N GLY A 362 21.06 -26.09 12.20
CA GLY A 362 22.03 -25.07 12.55
C GLY A 362 21.47 -24.02 13.48
N SER A 363 22.36 -23.11 13.88
CA SER A 363 21.99 -22.05 14.80
C SER A 363 21.16 -20.99 14.10
N TYR A 364 20.52 -20.15 14.90
CA TYR A 364 19.70 -19.07 14.38
C TYR A 364 20.58 -17.97 13.79
N GLN A 365 19.95 -17.09 13.01
CA GLN A 365 20.61 -15.93 12.45
C GLN A 365 19.78 -14.69 12.76
N ILE A 366 20.46 -13.56 12.95
CA ILE A 366 19.83 -12.30 13.31
C ILE A 366 20.02 -11.33 12.15
N PHE A 367 18.91 -10.81 11.64
CA PHE A 367 18.94 -9.87 10.53
C PHE A 367 18.27 -8.57 10.94
N LYS A 368 18.75 -7.47 10.36
CA LYS A 368 18.16 -6.14 10.55
C LYS A 368 17.44 -5.78 9.27
N THR A 369 16.12 -5.83 9.29
CA THR A 369 15.34 -5.51 8.11
C THR A 369 15.35 -4.00 7.84
N THR A 370 15.03 -3.65 6.61
CA THR A 370 14.80 -2.24 6.28
C THR A 370 13.64 -1.73 7.12
N GLY A 371 13.82 -0.57 7.72
CA GLY A 371 12.89 -0.09 8.74
C GLY A 371 13.33 -0.37 10.15
N ASP A 372 14.51 -0.95 10.35
CA ASP A 372 15.11 -1.16 11.66
C ASP A 372 14.22 -2.05 12.55
N LEU A 373 14.02 -3.27 12.08
CA LEU A 373 13.38 -4.32 12.87
C LEU A 373 14.35 -5.48 13.01
N ILE A 374 14.59 -5.93 14.23
CA ILE A 374 15.49 -7.04 14.48
C ILE A 374 14.72 -8.34 14.26
N LEU A 375 15.14 -9.11 13.26
CA LEU A 375 14.49 -10.36 12.90
C LEU A 375 15.42 -11.52 13.21
N ILE A 376 14.93 -12.48 13.97
CA ILE A 376 15.71 -13.64 14.39
C ILE A 376 15.17 -14.84 13.62
N TRP A 377 15.90 -15.27 12.60
CA TRP A 377 15.47 -16.35 11.72
C TRP A 377 16.07 -17.66 12.19
N GLN A 378 15.23 -18.68 12.31
CA GLN A 378 15.67 -20.02 12.68
C GLN A 378 15.35 -21.00 11.55
N PRO A 379 16.36 -21.59 10.91
CA PRO A 379 16.09 -22.51 9.81
C PRO A 379 15.57 -23.84 10.31
N LEU A 380 14.80 -24.51 9.45
CA LEU A 380 14.30 -25.85 9.72
C LEU A 380 14.53 -26.73 8.51
N VAL A 381 14.77 -28.02 8.75
CA VAL A 381 15.11 -28.96 7.70
C VAL A 381 14.12 -30.12 7.75
N GLN A 382 14.18 -30.97 6.73
CA GLN A 382 13.30 -32.13 6.59
C GLN A 382 11.85 -31.70 6.42
N LYS A 383 10.94 -32.66 6.39
CA LYS A 383 9.52 -32.37 6.23
C LYS A 383 8.68 -33.50 6.81
N GLY A 391 9.56 -37.26 8.21
CA GLY A 391 8.16 -37.26 8.56
C GLY A 391 7.25 -36.89 7.39
N SER A 392 5.94 -36.95 7.62
CA SER A 392 4.96 -36.63 6.59
C SER A 392 4.07 -35.46 6.97
N VAL A 393 3.52 -35.47 8.19
CA VAL A 393 2.58 -34.45 8.63
C VAL A 393 3.04 -33.87 9.96
N ASN A 394 2.52 -32.70 10.29
CA ASN A 394 2.88 -31.99 11.50
C ASN A 394 1.63 -31.42 12.16
N LEU A 395 1.74 -31.11 13.44
CA LEU A 395 0.62 -30.57 14.19
C LEU A 395 0.25 -29.18 13.67
N ARG A 396 -1.05 -28.87 13.70
CA ARG A 396 -1.58 -27.61 13.21
C ARG A 396 -2.27 -26.88 14.36
N ARG A 397 -1.97 -25.59 14.50
CA ARG A 397 -2.53 -24.76 15.56
C ARG A 397 -2.99 -23.43 14.97
N ARG A 398 -4.09 -22.91 15.51
CA ARG A 398 -4.69 -21.67 15.05
C ARG A 398 -4.81 -20.68 16.19
N ARG A 399 -4.75 -19.40 15.86
CA ARG A 399 -4.85 -18.33 16.86
C ARG A 399 -5.51 -17.11 16.22
N ASP A 400 -5.99 -16.22 17.09
CA ASP A 400 -6.63 -15.00 16.64
C ASP A 400 -6.42 -13.91 17.68
N LEU A 401 -6.56 -12.65 17.25
CA LEU A 401 -6.38 -11.51 18.12
C LEU A 401 -7.54 -10.53 17.91
N VAL A 402 -7.87 -9.79 18.97
CA VAL A 402 -9.00 -8.83 18.89
C VAL A 402 -8.48 -7.42 19.18
N ASP A 403 -7.21 -7.16 18.86
CA ASP A 403 -6.62 -5.86 19.12
C ASP A 403 -7.40 -4.75 18.41
N VAL A 404 -7.48 -3.60 19.06
CA VAL A 404 -8.23 -2.46 18.54
C VAL A 404 -7.30 -1.60 17.68
N LYS A 405 -7.75 -1.29 16.47
CA LYS A 405 -6.94 -0.49 15.55
C LYS A 405 -6.83 0.95 16.03
N SER A 406 -5.64 1.51 15.93
CA SER A 406 -5.41 2.92 16.20
C SER A 406 -4.58 3.63 15.13
N ARG A 407 -3.77 2.92 14.36
CA ARG A 407 -2.94 3.51 13.33
C ARG A 407 -2.42 2.38 12.43
N HIS A 408 -1.61 2.75 11.45
CA HIS A 408 -1.01 1.77 10.54
C HIS A 408 0.37 2.30 10.16
N ASP A 409 1.40 1.83 10.85
CA ASP A 409 2.76 2.31 10.64
C ASP A 409 3.59 1.38 9.76
N ILE A 410 3.17 0.15 9.54
CA ILE A 410 3.99 -0.84 8.85
C ILE A 410 3.27 -1.38 7.63
N LEU A 411 2.46 -0.55 6.97
CA LEU A 411 1.77 -1.00 5.77
C LEU A 411 2.73 -1.36 4.64
N TYR A 412 3.99 -0.92 4.72
CA TYR A 412 4.94 -1.22 3.65
C TYR A 412 5.26 -2.71 3.58
N VAL A 413 5.28 -3.41 4.72
CA VAL A 413 5.50 -4.85 4.67
C VAL A 413 4.32 -5.54 4.01
N GLN A 414 3.11 -5.03 4.21
CA GLN A 414 1.95 -5.60 3.53
C GLN A 414 2.01 -5.34 2.03
N LEU A 415 2.47 -4.15 1.64
CA LEU A 415 2.66 -3.86 0.22
C LEU A 415 3.68 -4.81 -0.40
N GLN A 416 4.79 -5.04 0.29
CA GLN A 416 5.80 -5.97 -0.22
C GLN A 416 5.25 -7.39 -0.31
N TYR A 417 4.47 -7.81 0.68
CA TYR A 417 3.86 -9.13 0.63
C TYR A 417 2.90 -9.26 -0.54
N LEU A 418 2.11 -8.21 -0.79
CA LEU A 418 1.19 -8.24 -1.91
C LEU A 418 1.94 -8.39 -3.23
N TYR A 419 3.02 -7.61 -3.40
CA TYR A 419 3.80 -7.73 -4.62
C TYR A 419 4.39 -9.12 -4.77
N ASP A 420 4.96 -9.66 -3.68
CA ASP A 420 5.60 -10.97 -3.75
C ASP A 420 4.58 -12.06 -4.09
N THR A 421 3.41 -12.02 -3.46
CA THR A 421 2.39 -13.03 -3.71
C THR A 421 1.91 -12.98 -5.15
N LEU A 422 1.61 -11.77 -5.64
CA LEU A 422 1.13 -11.66 -7.01
C LEU A 422 2.20 -12.08 -8.02
N LYS A 423 3.46 -11.70 -7.77
CA LYS A 423 4.53 -12.10 -8.66
C LYS A 423 4.70 -13.62 -8.67
N ASP A 424 4.64 -14.25 -7.50
CA ASP A 424 4.79 -15.70 -7.43
C ASP A 424 3.68 -16.39 -8.20
N TYR A 425 2.44 -15.95 -8.00
CA TYR A 425 1.32 -16.60 -8.69
C TYR A 425 1.44 -16.41 -10.21
N ILE A 426 1.77 -15.19 -10.65
CA ILE A 426 1.87 -14.94 -12.08
C ILE A 426 2.99 -15.78 -12.69
N ASN A 427 4.13 -15.87 -12.00
CA ASN A 427 5.24 -16.67 -12.52
C ASN A 427 4.86 -18.14 -12.61
N ASP A 428 4.20 -18.67 -11.59
CA ASP A 428 3.80 -20.08 -11.64
C ASP A 428 2.83 -20.35 -12.78
N ALA A 429 1.82 -19.49 -12.91
CA ALA A 429 0.82 -19.69 -13.96
C ALA A 429 1.44 -19.61 -15.34
N LEU A 430 2.30 -18.61 -15.57
CA LEU A 430 2.89 -18.46 -16.90
C LEU A 430 3.92 -19.55 -17.18
N GLY A 431 4.61 -20.07 -16.16
CA GLY A 431 5.50 -21.19 -16.39
C GLY A 431 4.75 -22.45 -16.77
N ASN A 432 3.63 -22.73 -16.09
CA ASN A 432 2.81 -23.88 -16.47
C ASN A 432 2.26 -23.71 -17.88
N LEU A 433 1.83 -22.49 -18.22
CA LEU A 433 1.35 -22.21 -19.57
C LEU A 433 2.45 -22.44 -20.59
N ALA A 434 3.68 -22.03 -20.28
CA ALA A 434 4.79 -22.22 -21.20
C ALA A 434 5.09 -23.71 -21.41
N GLU A 435 5.04 -24.50 -20.34
CA GLU A 435 5.26 -25.93 -20.48
C GLU A 435 4.19 -26.58 -21.35
N SER A 436 2.92 -26.23 -21.11
CA SER A 436 1.84 -26.78 -21.93
C SER A 436 1.99 -26.34 -23.38
N TRP A 437 2.41 -25.09 -23.61
CA TRP A 437 2.64 -24.60 -24.96
C TRP A 437 3.74 -25.38 -25.64
N CYS A 438 4.82 -25.68 -24.91
CA CYS A 438 5.90 -26.50 -25.47
C CYS A 438 5.37 -27.86 -25.91
N LEU A 439 4.58 -28.51 -25.04
CA LEU A 439 4.06 -29.83 -25.38
C LEU A 439 3.14 -29.76 -26.61
N ASP A 440 2.26 -28.77 -26.64
CA ASP A 440 1.35 -28.63 -27.77
C ASP A 440 2.10 -28.35 -29.06
N GLN A 441 3.14 -27.51 -29.01
CA GLN A 441 3.92 -27.22 -30.19
C GLN A 441 4.67 -28.45 -30.68
N LYS A 442 5.19 -29.26 -29.77
CA LYS A 442 5.88 -30.49 -30.17
C LYS A 442 4.91 -31.44 -30.87
N ARG A 443 3.71 -31.61 -30.31
CA ARG A 443 2.73 -32.47 -30.96
C ARG A 443 2.31 -31.92 -32.31
N THR A 444 2.15 -30.59 -32.41
CA THR A 444 1.78 -29.98 -33.68
C THR A 444 2.88 -30.16 -34.72
N ILE A 445 4.14 -30.10 -34.29
CA ILE A 445 5.25 -30.33 -35.22
C ILE A 445 5.23 -31.76 -35.74
N THR A 446 4.98 -32.73 -34.85
CA THR A 446 4.86 -34.11 -35.31
C THR A 446 3.71 -34.26 -36.30
N MET A 447 2.57 -33.63 -36.00
CA MET A 447 1.42 -33.71 -36.88
C MET A 447 1.71 -33.07 -38.23
N LEU A 448 2.42 -31.94 -38.24
CA LEU A 448 2.80 -31.29 -39.49
C LEU A 448 3.72 -32.18 -40.31
N HIS A 449 4.67 -32.84 -39.65
CA HIS A 449 5.56 -33.75 -40.37
C HIS A 449 4.77 -34.89 -40.99
N GLU A 450 3.78 -35.43 -40.27
CA GLU A 450 2.97 -36.50 -40.84
C GLU A 450 2.11 -36.00 -41.99
N LEU A 451 1.59 -34.77 -41.89
CA LEU A 451 0.75 -34.22 -42.94
C LEU A 451 1.53 -33.89 -44.20
N SER A 452 2.79 -33.48 -44.05
CA SER A 452 3.58 -33.07 -45.21
C SER A 452 3.80 -34.20 -46.20
N LYS A 453 3.69 -35.46 -45.76
CA LYS A 453 3.85 -36.58 -46.68
C LYS A 453 2.68 -36.72 -47.65
N ILE A 454 1.59 -36.00 -47.42
CA ILE A 454 0.41 -36.07 -48.29
C ILE A 454 0.32 -34.86 -49.20
N SER A 455 0.39 -33.66 -48.63
CA SER A 455 0.33 -32.41 -49.39
C SER A 455 1.51 -31.54 -48.98
N PRO A 456 2.71 -31.87 -49.46
CA PRO A 456 3.91 -31.14 -48.99
C PRO A 456 3.89 -29.67 -49.32
N SER A 457 3.35 -29.29 -50.48
CA SER A 457 3.47 -27.91 -50.94
C SER A 457 2.83 -26.93 -49.97
N SER A 458 1.56 -27.17 -49.62
CA SER A 458 0.84 -26.24 -48.76
C SER A 458 1.46 -26.17 -47.37
N ILE A 459 1.80 -27.32 -46.79
CA ILE A 459 2.33 -27.36 -45.44
C ILE A 459 3.68 -26.63 -45.38
N VAL A 460 4.57 -26.94 -46.33
CA VAL A 460 5.89 -26.32 -46.33
C VAL A 460 5.78 -24.84 -46.61
N SER A 461 4.84 -24.43 -47.48
CA SER A 461 4.64 -23.01 -47.73
C SER A 461 4.15 -22.29 -46.48
N GLU A 462 3.21 -22.90 -45.76
CA GLU A 462 2.71 -22.29 -44.54
C GLU A 462 3.81 -22.15 -43.48
N VAL A 463 4.61 -23.20 -43.30
CA VAL A 463 5.69 -23.14 -42.32
C VAL A 463 6.73 -22.11 -42.73
N TYR A 464 7.11 -22.11 -44.02
CA TYR A 464 8.11 -21.16 -44.51
C TYR A 464 7.61 -19.74 -44.50
N GLY A 465 6.32 -19.53 -44.72
CA GLY A 465 5.75 -18.20 -44.80
C GLY A 465 5.75 -17.59 -46.19
N ARG A 466 6.31 -18.29 -47.18
CA ARG A 466 6.37 -17.80 -48.55
C ARG A 466 5.95 -18.91 -49.51
N PRO A 467 5.15 -18.58 -50.53
CA PRO A 467 4.67 -19.62 -51.45
C PRO A 467 5.82 -20.25 -52.22
N ILE A 468 6.02 -21.55 -51.99
CA ILE A 468 7.04 -22.33 -52.67
C ILE A 468 6.43 -23.67 -53.09
N SER A 469 7.26 -24.52 -53.68
CA SER A 469 6.84 -25.87 -54.08
C SER A 469 7.79 -26.88 -53.46
N ALA A 470 7.23 -27.99 -52.97
CA ALA A 470 8.01 -29.04 -52.35
C ALA A 470 7.53 -30.39 -52.85
N GLN A 471 8.41 -31.38 -52.79
CA GLN A 471 8.09 -32.72 -53.23
C GLN A 471 8.82 -33.72 -52.35
N LEU A 472 8.15 -34.81 -52.01
CA LEU A 472 8.71 -35.81 -51.10
C LEU A 472 9.71 -36.68 -51.85
N HIS A 473 11.00 -36.48 -51.59
CA HIS A 473 12.05 -37.28 -52.20
C HIS A 473 12.46 -38.41 -51.27
N GLY A 474 11.56 -39.38 -51.14
CA GLY A 474 11.79 -40.50 -50.24
C GLY A 474 11.28 -40.23 -48.84
N ASP A 475 12.19 -39.84 -47.94
CA ASP A 475 11.82 -39.52 -46.57
C ASP A 475 12.06 -38.06 -46.20
N VAL A 476 12.58 -37.25 -47.12
CA VAL A 476 12.82 -35.83 -46.87
C VAL A 476 12.17 -35.03 -47.99
N LEU A 477 11.93 -33.76 -47.70
CA LEU A 477 11.29 -32.85 -48.63
C LEU A 477 12.35 -32.07 -49.40
N ALA A 478 12.24 -32.07 -50.73
CA ALA A 478 13.16 -31.34 -51.60
C ALA A 478 12.39 -30.17 -52.19
N ILE A 479 12.47 -29.02 -51.52
CA ILE A 479 11.75 -27.84 -52.00
C ILE A 479 12.44 -27.27 -53.24
N SER A 480 11.70 -26.44 -53.97
CA SER A 480 12.21 -25.82 -55.19
C SER A 480 11.73 -24.38 -55.24
N LYS A 481 12.62 -23.44 -54.95
CA LYS A 481 12.30 -22.03 -55.14
C LYS A 481 11.99 -21.78 -56.60
N CYS A 482 10.92 -21.02 -56.85
CA CYS A 482 10.45 -20.82 -58.21
C CYS A 482 9.95 -19.41 -58.39
N ILE A 483 9.96 -18.95 -59.64
CA ILE A 483 9.78 -17.55 -59.96
C ILE A 483 8.35 -17.28 -60.39
N GLU A 484 7.98 -16.01 -60.48
CA GLU A 484 6.67 -15.57 -60.88
C GLU A 484 6.57 -15.46 -62.40
N VAL A 485 5.35 -15.19 -62.88
CA VAL A 485 5.10 -14.90 -64.28
C VAL A 485 4.16 -13.71 -64.34
N ASN A 486 4.09 -13.09 -65.51
CA ASN A 486 3.26 -11.89 -65.68
C ASN A 486 1.79 -12.21 -65.48
N GLN A 487 1.05 -11.24 -64.94
CA GLN A 487 -0.35 -11.42 -64.58
C GLN A 487 -1.29 -11.23 -65.75
N SER A 488 -0.79 -10.91 -66.94
CA SER A 488 -1.61 -10.78 -68.13
C SER A 488 -1.63 -12.10 -68.90
N SER A 489 -2.60 -12.20 -69.81
CA SER A 489 -2.75 -13.38 -70.67
C SER A 489 -2.86 -14.67 -69.86
N VAL A 490 -3.58 -14.60 -68.75
CA VAL A 490 -3.87 -15.78 -67.93
C VAL A 490 -5.27 -16.23 -68.31
N GLN A 491 -5.33 -17.15 -69.28
CA GLN A 491 -6.60 -17.59 -69.84
C GLN A 491 -6.83 -19.05 -69.49
N LEU A 492 -8.09 -19.39 -69.17
CA LEU A 492 -8.49 -20.74 -68.83
C LEU A 492 -9.45 -21.26 -69.89
N TYR A 493 -9.12 -22.42 -70.47
CA TYR A 493 -10.02 -23.03 -71.43
C TYR A 493 -11.31 -23.48 -70.75
N LYS A 494 -12.44 -23.17 -71.37
CA LYS A 494 -13.74 -23.47 -70.81
C LYS A 494 -14.19 -24.91 -71.04
N SER A 495 -13.28 -25.80 -71.44
CA SER A 495 -13.61 -27.20 -71.65
C SER A 495 -12.54 -28.06 -71.01
N MET A 496 -12.95 -28.94 -70.09
CA MET A 496 -12.04 -29.88 -69.45
C MET A 496 -11.95 -31.21 -70.18
N ARG A 497 -12.73 -31.38 -71.25
CA ARG A 497 -12.68 -32.62 -72.01
C ARG A 497 -11.36 -32.74 -72.76
N VAL A 498 -10.88 -33.98 -72.88
CA VAL A 498 -9.68 -34.27 -73.65
C VAL A 498 -10.07 -34.47 -75.10
N VAL A 499 -9.52 -33.62 -75.98
CA VAL A 499 -9.86 -33.63 -77.40
C VAL A 499 -8.68 -34.22 -78.17
N ASP A 500 -8.97 -35.21 -79.03
CA ASP A 500 -7.93 -35.86 -79.80
C ASP A 500 -7.31 -34.89 -80.82
N ALA A 501 -6.18 -35.31 -81.39
CA ALA A 501 -5.50 -34.48 -82.38
C ALA A 501 -6.37 -34.22 -83.61
N LYS A 502 -7.33 -35.08 -83.88
CA LYS A 502 -8.27 -34.91 -84.99
C LYS A 502 -9.52 -34.15 -84.57
N GLY A 503 -9.46 -33.39 -83.49
CA GLY A 503 -10.62 -32.66 -83.00
C GLY A 503 -11.74 -33.55 -82.53
N VAL A 504 -11.42 -34.65 -81.86
CA VAL A 504 -12.41 -35.60 -81.36
C VAL A 504 -12.31 -35.64 -79.84
N ARG A 505 -13.42 -35.35 -79.17
CA ARG A 505 -13.46 -35.39 -77.72
C ARG A 505 -13.42 -36.84 -77.24
N SER A 506 -12.57 -37.11 -76.26
CA SER A 506 -12.45 -38.45 -75.69
C SER A 506 -13.42 -38.55 -74.51
N GLU A 507 -14.45 -39.39 -74.66
CA GLU A 507 -15.46 -39.54 -73.62
C GLU A 507 -14.95 -40.32 -72.42
N THR A 508 -13.78 -40.95 -72.52
CA THR A 508 -13.22 -41.72 -71.42
C THR A 508 -12.08 -41.01 -70.70
N MET A 509 -11.59 -39.90 -71.25
CA MET A 509 -10.50 -39.14 -70.64
C MET A 509 -10.94 -37.70 -70.46
N CYS A 510 -10.85 -37.20 -69.23
CA CYS A 510 -11.19 -35.82 -68.92
C CYS A 510 -10.15 -35.26 -67.96
N TYR A 511 -9.77 -34.00 -68.18
CA TYR A 511 -8.77 -33.38 -67.33
C TYR A 511 -9.35 -33.11 -65.95
N ASN A 512 -8.60 -33.50 -64.91
CA ASN A 512 -9.04 -33.24 -63.55
C ASN A 512 -8.96 -31.77 -63.19
N ARG A 513 -8.10 -31.01 -63.86
CA ARG A 513 -7.93 -29.59 -63.61
C ARG A 513 -8.06 -28.81 -64.91
N PRO A 514 -8.55 -27.58 -64.85
CA PRO A 514 -8.68 -26.79 -66.08
C PRO A 514 -7.32 -26.48 -66.69
N LEU A 515 -7.31 -26.41 -68.03
CA LEU A 515 -6.10 -26.04 -68.75
C LEU A 515 -5.99 -24.53 -68.82
N VAL A 516 -4.83 -24.01 -68.45
CA VAL A 516 -4.60 -22.57 -68.35
C VAL A 516 -3.44 -22.19 -69.26
N THR A 517 -3.58 -21.06 -69.93
CA THR A 517 -2.54 -20.52 -70.80
C THR A 517 -2.00 -19.24 -70.19
N PHE A 518 -0.67 -19.11 -70.19
CA PHE A 518 0.01 -17.94 -69.64
C PHE A 518 1.11 -17.49 -70.60
N SER A 519 1.49 -16.23 -70.47
CA SER A 519 2.47 -15.61 -71.35
C SER A 519 3.82 -15.43 -70.67
N PHE A 520 4.11 -16.22 -69.64
CA PHE A 520 5.39 -16.17 -68.91
C PHE A 520 5.54 -14.75 -68.36
N VAL A 521 6.66 -14.08 -68.59
CA VAL A 521 6.83 -12.70 -68.15
C VAL A 521 6.35 -11.77 -69.26
N ASN A 522 6.05 -10.52 -68.89
CA ASN A 522 5.56 -9.56 -69.87
C ASN A 522 6.63 -9.19 -70.90
N SER A 523 7.91 -9.32 -70.55
CA SER A 523 8.97 -9.08 -71.52
C SER A 523 8.97 -10.11 -72.65
N THR A 524 8.31 -11.24 -72.45
CA THR A 524 8.20 -12.29 -73.48
C THR A 524 6.74 -12.43 -73.87
N PRO A 525 6.32 -11.90 -75.02
CA PRO A 525 4.91 -11.99 -75.42
C PRO A 525 4.47 -13.38 -75.84
N GLU A 526 5.38 -14.35 -75.90
CA GLU A 526 5.01 -15.70 -76.29
C GLU A 526 4.05 -16.31 -75.27
N VAL A 527 3.12 -17.12 -75.76
CA VAL A 527 2.08 -17.74 -74.94
C VAL A 527 2.22 -19.25 -75.05
N VAL A 528 2.21 -19.92 -73.90
CA VAL A 528 2.31 -21.38 -73.83
C VAL A 528 1.28 -21.91 -72.84
N LEU A 529 0.67 -23.03 -73.21
CA LEU A 529 -0.45 -23.61 -72.48
C LEU A 529 0.06 -24.51 -71.35
N GLY A 530 -0.59 -24.42 -70.19
CA GLY A 530 -0.28 -25.29 -69.07
C GLY A 530 -1.53 -25.80 -68.39
N GLN A 531 -1.37 -26.36 -67.18
CA GLN A 531 -2.49 -26.86 -66.40
C GLN A 531 -2.53 -26.20 -65.04
N LEU A 532 -3.73 -25.81 -64.60
CA LEU A 532 -3.89 -25.17 -63.31
C LEU A 532 -3.66 -26.15 -62.17
N GLY A 533 -2.98 -25.69 -61.13
CA GLY A 533 -2.73 -26.51 -59.96
C GLY A 533 -3.49 -26.04 -58.73
N LEU A 534 -2.78 -25.79 -57.65
CA LEU A 534 -3.38 -25.37 -56.38
C LEU A 534 -2.80 -24.03 -55.96
N ASP A 535 -3.68 -23.16 -55.44
CA ASP A 535 -3.29 -21.83 -54.96
C ASP A 535 -2.57 -21.04 -56.04
N ASN A 536 -3.17 -21.00 -57.23
CA ASN A 536 -2.63 -20.28 -58.39
C ASN A 536 -1.22 -20.77 -58.72
N GLU A 537 -1.13 -22.06 -59.01
CA GLU A 537 0.12 -22.68 -59.43
C GLU A 537 -0.09 -23.36 -60.76
N ILE A 538 0.89 -23.24 -61.64
CA ILE A 538 0.83 -23.83 -62.97
C ILE A 538 1.93 -24.87 -63.09
N LEU A 539 1.71 -25.84 -63.97
CA LEU A 539 2.71 -26.88 -64.22
C LEU A 539 2.55 -27.40 -65.64
N LEU A 540 3.67 -27.58 -66.33
CA LEU A 540 3.67 -28.11 -67.69
C LEU A 540 3.83 -29.62 -67.64
N GLY A 541 4.08 -30.22 -68.79
CA GLY A 541 4.21 -31.65 -68.91
C GLY A 541 2.92 -32.34 -69.30
N ASP A 542 2.89 -33.64 -69.07
CA ASP A 542 1.70 -34.44 -69.37
C ASP A 542 0.57 -34.02 -68.44
N HIS A 543 -0.45 -33.38 -69.01
CA HIS A 543 -1.59 -32.92 -68.21
C HIS A 543 -2.32 -34.11 -67.58
N ARG A 544 -2.62 -34.00 -66.29
CA ARG A 544 -3.30 -35.07 -65.59
C ARG A 544 -4.75 -35.19 -66.09
N THR A 545 -5.24 -36.42 -66.09
CA THR A 545 -6.59 -36.70 -66.56
C THR A 545 -7.10 -37.98 -65.91
N GLU A 546 -8.41 -38.19 -66.00
CA GLU A 546 -9.05 -39.36 -65.42
C GLU A 546 -10.34 -39.64 -66.19
N GLU A 547 -11.03 -40.70 -65.79
CA GLU A 547 -12.28 -41.07 -66.45
C GLU A 547 -13.34 -39.99 -66.24
N CYS A 548 -14.07 -39.69 -67.31
CA CYS A 548 -15.13 -38.69 -67.23
C CYS A 548 -16.32 -39.24 -66.46
N GLU A 549 -17.05 -38.32 -65.80
CA GLU A 549 -18.27 -38.65 -65.08
C GLU A 549 -19.38 -37.73 -65.58
N ILE A 550 -20.53 -38.32 -65.90
CA ILE A 550 -21.65 -37.53 -66.40
C ILE A 550 -22.12 -36.49 -65.38
N PRO A 551 -22.38 -36.84 -64.10
CA PRO A 551 -22.68 -35.79 -63.12
C PRO A 551 -21.41 -35.23 -62.50
N SER A 552 -21.16 -33.94 -62.70
CA SER A 552 -19.96 -33.31 -62.17
C SER A 552 -20.23 -31.83 -61.98
N THR A 553 -19.89 -31.31 -60.80
CA THR A 553 -20.07 -29.89 -60.48
C THR A 553 -18.81 -29.38 -59.78
N LYS A 554 -17.66 -29.67 -60.37
CA LYS A 554 -16.39 -29.26 -59.77
C LYS A 554 -16.26 -27.74 -59.77
N ILE A 555 -15.67 -27.21 -58.70
CA ILE A 555 -15.39 -25.79 -58.56
C ILE A 555 -13.90 -25.62 -58.30
N PHE A 556 -13.27 -24.71 -59.04
CA PHE A 556 -11.84 -24.48 -58.96
C PHE A 556 -11.58 -23.05 -58.51
N LEU A 557 -10.66 -22.89 -57.56
CA LEU A 557 -10.30 -21.58 -57.06
C LEU A 557 -9.07 -21.06 -57.79
N SER A 558 -9.16 -19.84 -58.30
CA SER A 558 -8.04 -19.23 -59.03
C SER A 558 -8.07 -17.74 -58.81
N GLY A 559 -6.99 -17.20 -58.25
CA GLY A 559 -6.94 -15.78 -57.96
C GLY A 559 -8.01 -15.40 -56.96
N ASN A 560 -8.88 -14.48 -57.36
CA ASN A 560 -10.01 -14.05 -56.54
C ASN A 560 -11.33 -14.26 -57.28
N HIS A 561 -11.47 -15.42 -57.92
CA HIS A 561 -12.68 -15.71 -58.69
C HIS A 561 -12.85 -17.22 -58.77
N ALA A 562 -13.89 -17.74 -58.14
CA ALA A 562 -14.21 -19.15 -58.25
C ALA A 562 -14.82 -19.45 -59.62
N HIS A 563 -14.44 -20.59 -60.19
CA HIS A 563 -14.93 -21.02 -61.50
C HIS A 563 -15.68 -22.34 -61.34
N VAL A 564 -16.87 -22.41 -61.90
CA VAL A 564 -17.72 -23.59 -61.81
C VAL A 564 -17.62 -24.36 -63.11
N TYR A 565 -17.41 -25.68 -63.00
CA TYR A 565 -17.29 -26.55 -64.16
C TYR A 565 -18.30 -27.68 -64.03
N THR A 566 -19.35 -27.63 -64.84
CA THR A 566 -20.36 -28.68 -64.91
C THR A 566 -20.19 -29.44 -66.22
N ASP A 567 -20.20 -30.77 -66.13
CA ASP A 567 -19.96 -31.64 -67.28
C ASP A 567 -18.64 -31.31 -67.97
N TYR A 568 -17.62 -31.01 -67.15
CA TYR A 568 -16.27 -30.71 -67.63
C TYR A 568 -16.25 -29.52 -68.58
N THR A 569 -17.14 -28.56 -68.37
CA THR A 569 -17.10 -27.31 -69.11
C THR A 569 -17.50 -26.16 -68.19
N HIS A 570 -16.98 -24.97 -68.50
CA HIS A 570 -17.23 -23.81 -67.66
C HIS A 570 -18.67 -23.35 -67.81
N THR A 571 -19.26 -22.94 -66.70
CA THR A 571 -20.64 -22.43 -66.70
C THR A 571 -20.76 -21.06 -66.04
N ASN A 572 -20.00 -20.80 -64.98
CA ASN A 572 -20.12 -19.55 -64.25
C ASN A 572 -18.79 -19.22 -63.60
N SER A 573 -18.63 -17.93 -63.28
CA SER A 573 -17.42 -17.44 -62.61
C SER A 573 -17.84 -16.35 -61.63
N THR A 574 -17.65 -16.59 -60.34
CA THR A 574 -18.09 -15.70 -59.29
C THR A 574 -16.94 -15.38 -58.35
N PRO A 575 -16.99 -14.22 -57.69
CA PRO A 575 -15.95 -13.89 -56.71
C PRO A 575 -15.97 -14.86 -55.53
N ILE A 576 -14.79 -15.04 -54.93
CA ILE A 576 -14.65 -15.98 -53.82
C ILE A 576 -15.46 -15.54 -52.61
N GLU A 577 -15.70 -14.23 -52.46
CA GLU A 577 -16.41 -13.73 -51.30
C GLU A 577 -17.86 -14.18 -51.24
N ASP A 578 -18.40 -14.70 -52.34
CA ASP A 578 -19.80 -15.12 -52.36
C ASP A 578 -20.04 -16.33 -51.45
N ILE A 579 -19.14 -17.31 -51.49
CA ILE A 579 -19.29 -18.50 -50.67
C ILE A 579 -18.83 -18.19 -49.25
N GLU A 580 -19.64 -18.57 -48.27
CA GLU A 580 -19.38 -18.22 -46.89
C GLU A 580 -18.13 -18.94 -46.37
N VAL A 581 -17.69 -18.53 -45.18
CA VAL A 581 -16.42 -18.96 -44.62
C VAL A 581 -16.69 -19.66 -43.29
N LEU A 582 -16.12 -20.84 -43.13
CA LEU A 582 -16.19 -21.54 -41.86
C LEU A 582 -15.37 -20.79 -40.82
N ASP A 583 -15.95 -20.59 -39.63
CA ASP A 583 -15.28 -19.87 -38.56
C ASP A 583 -14.40 -20.82 -37.77
N ALA A 584 -13.28 -21.20 -38.40
CA ALA A 584 -12.33 -22.10 -37.77
C ALA A 584 -11.46 -21.42 -36.73
N PHE A 585 -11.39 -20.10 -36.75
CA PHE A 585 -10.59 -19.38 -35.76
C PHE A 585 -11.23 -19.48 -34.38
N ILE A 586 -10.38 -19.69 -33.37
CA ILE A 586 -10.81 -19.73 -31.98
C ILE A 586 -10.30 -18.48 -31.29
N ARG A 587 -11.22 -17.62 -30.85
CA ARG A 587 -10.85 -16.34 -30.27
C ARG A 587 -10.33 -16.53 -28.85
N LEU A 588 -9.56 -15.53 -28.41
CA LEU A 588 -9.04 -15.47 -27.05
C LEU A 588 -9.64 -14.23 -26.40
N LYS A 589 -10.72 -14.39 -25.66
CA LYS A 589 -11.46 -13.27 -25.08
C LYS A 589 -10.67 -12.72 -23.90
N ILE A 590 -9.65 -11.93 -24.21
CA ILE A 590 -8.82 -11.28 -23.21
C ILE A 590 -8.71 -9.80 -23.58
N ASP A 591 -8.99 -8.93 -22.61
CA ASP A 591 -8.89 -7.50 -22.82
C ASP A 591 -7.79 -6.91 -21.93
N PRO A 592 -7.06 -5.92 -22.43
CA PRO A 592 -5.96 -5.36 -21.63
C PRO A 592 -6.47 -4.65 -20.39
N LEU A 593 -5.64 -4.67 -19.36
CA LEU A 593 -5.96 -3.96 -18.11
C LEU A 593 -5.91 -2.46 -18.34
N GLU A 594 -6.80 -1.75 -17.64
CA GLU A 594 -6.94 -0.32 -17.81
C GLU A 594 -6.13 0.43 -16.75
N ASN A 595 -5.75 1.66 -17.09
CA ASN A 595 -5.05 2.52 -16.13
C ASN A 595 -6.00 2.91 -15.01
N ALA A 596 -5.45 3.00 -13.80
CA ALA A 596 -6.21 3.40 -12.62
C ALA A 596 -5.44 4.45 -11.85
N ASP A 597 -6.14 5.47 -11.39
CA ASP A 597 -5.57 6.55 -10.59
C ASP A 597 -6.13 6.41 -9.18
N PHE A 598 -5.32 5.87 -8.27
CA PHE A 598 -5.74 5.74 -6.88
C PHE A 598 -5.87 7.13 -6.27
N LYS A 599 -7.09 7.57 -6.03
CA LYS A 599 -7.30 8.90 -5.48
C LYS A 599 -6.98 8.91 -3.99
N LEU A 600 -6.46 10.03 -3.52
CA LEU A 600 -6.06 10.16 -2.13
C LEU A 600 -7.28 10.28 -1.23
N LEU A 601 -7.29 9.52 -0.14
CA LEU A 601 -8.41 9.48 0.78
C LEU A 601 -7.98 10.04 2.13
N ASP A 602 -8.82 10.89 2.71
CA ASP A 602 -8.57 11.50 4.02
C ASP A 602 -9.72 11.15 4.94
N LEU A 603 -9.44 10.30 5.93
CA LEU A 603 -10.48 9.92 6.89
C LEU A 603 -10.88 11.11 7.75
N TYR A 604 -9.90 11.82 8.30
CA TYR A 604 -10.13 12.95 9.18
C TYR A 604 -9.50 14.20 8.60
N SER A 605 -10.30 15.25 8.43
CA SER A 605 -9.77 16.53 7.97
C SER A 605 -8.83 17.12 9.03
N PRO A 606 -7.81 17.86 8.61
CA PRO A 606 -6.88 18.44 9.59
C PRO A 606 -7.57 19.33 10.62
N ASP A 607 -8.68 19.97 10.25
CA ASP A 607 -9.48 20.70 11.23
C ASP A 607 -9.98 19.77 12.32
N GLU A 608 -10.42 18.56 11.95
CA GLU A 608 -10.87 17.59 12.94
C GLU A 608 -9.73 17.16 13.86
N LEU A 609 -8.53 16.98 13.31
CA LEU A 609 -7.38 16.69 14.17
C LEU A 609 -7.11 17.83 15.12
N SER A 610 -7.27 19.08 14.64
CA SER A 610 -7.07 20.23 15.51
C SER A 610 -8.10 20.25 16.64
N ARG A 611 -9.34 19.90 16.34
CA ARG A 611 -10.41 19.95 17.34
C ARG A 611 -10.45 18.72 18.23
N ALA A 612 -9.59 17.73 18.01
CA ALA A 612 -9.64 16.50 18.77
C ALA A 612 -8.88 16.57 20.10
N ASN A 613 -8.25 17.69 20.41
CA ASN A 613 -7.45 17.82 21.61
C ASN A 613 -8.10 18.81 22.57
N VAL A 614 -8.26 18.41 23.83
CA VAL A 614 -8.80 19.31 24.84
C VAL A 614 -7.83 20.46 25.10
N PHE A 615 -6.53 20.16 25.19
CA PHE A 615 -5.52 21.15 25.50
C PHE A 615 -4.70 21.46 24.27
N ASP A 616 -4.60 22.73 23.93
CA ASP A 616 -3.76 23.20 22.82
C ASP A 616 -2.69 24.12 23.40
N LEU A 617 -1.43 23.75 23.20
CA LEU A 617 -0.33 24.52 23.78
C LEU A 617 -0.29 25.93 23.22
N GLU A 618 -0.44 26.08 21.90
CA GLU A 618 -0.36 27.39 21.28
C GLU A 618 -1.48 28.30 21.78
N ASN A 619 -2.71 27.79 21.80
CA ASN A 619 -3.84 28.60 22.26
C ASN A 619 -3.68 29.00 23.71
N ILE A 620 -3.26 28.06 24.56
CA ILE A 620 -3.09 28.35 25.98
C ILE A 620 -2.04 29.43 26.17
N LEU A 621 -0.89 29.28 25.50
CA LEU A 621 0.18 30.25 25.66
C LEU A 621 -0.22 31.62 25.13
N ARG A 622 -0.89 31.66 23.97
CA ARG A 622 -1.30 32.94 23.41
C ARG A 622 -2.29 33.65 24.32
N GLU A 623 -3.28 32.92 24.84
CA GLU A 623 -4.26 33.52 25.72
C GLU A 623 -3.61 34.01 27.01
N TYR A 624 -2.72 33.20 27.59
CA TYR A 624 -2.06 33.61 28.82
C TYR A 624 -1.19 34.83 28.60
N ASN A 625 -0.45 34.86 27.49
CA ASN A 625 0.40 36.02 27.21
C ASN A 625 -0.42 37.28 26.97
N SER A 626 -1.54 37.15 26.24
CA SER A 626 -2.39 38.31 26.02
C SER A 626 -2.97 38.83 27.32
N TYR A 627 -3.43 37.92 28.19
CA TYR A 627 -3.96 38.33 29.49
C TYR A 627 -2.89 39.01 30.33
N LYS A 628 -1.67 38.45 30.34
CA LYS A 628 -0.59 39.05 31.11
C LYS A 628 -0.22 40.43 30.57
N SER A 629 -0.19 40.58 29.25
CA SER A 629 0.08 41.88 28.66
C SER A 629 -1.00 42.89 29.02
N ALA A 630 -2.26 42.46 29.01
CA ALA A 630 -3.36 43.32 29.44
C ALA A 630 -3.37 43.54 30.95
N LEU A 631 -2.56 42.78 31.69
CA LEU A 631 -2.47 42.91 33.14
C LEU A 631 -1.43 43.94 33.57
N TYR A 632 -1.14 44.92 32.72
CA TYR A 632 -0.19 45.97 33.05
C TYR A 632 -0.85 47.07 33.87
N THR A 633 -1.55 46.68 34.94
CA THR A 633 -2.24 47.64 35.80
C THR A 633 -1.72 47.55 37.23
N ASP B 25 -31.89 -65.33 -35.70
CA ASP B 25 -31.91 -64.10 -36.48
C ASP B 25 -30.49 -63.74 -36.93
N ASP B 26 -30.38 -63.18 -38.14
CA ASP B 26 -29.10 -62.76 -38.70
C ASP B 26 -28.87 -61.26 -38.56
N TYR B 27 -29.37 -60.66 -37.48
CA TYR B 27 -29.24 -59.22 -37.29
C TYR B 27 -29.07 -58.93 -35.81
N ILE B 28 -28.43 -57.80 -35.53
CA ILE B 28 -28.15 -57.36 -34.17
C ILE B 28 -28.64 -55.93 -34.01
N ARG B 29 -29.40 -55.67 -32.95
CA ARG B 29 -29.86 -54.31 -32.67
C ARG B 29 -28.69 -53.42 -32.33
N ALA B 30 -28.69 -52.22 -32.91
CA ALA B 30 -27.60 -51.29 -32.70
C ALA B 30 -27.78 -50.52 -31.39
N GLY B 31 -26.73 -49.81 -30.99
CA GLY B 31 -26.75 -48.97 -29.81
C GLY B 31 -27.31 -47.59 -30.12
N TYR B 32 -26.89 -46.63 -29.30
CA TYR B 32 -27.37 -45.26 -29.46
C TYR B 32 -26.36 -44.30 -28.84
N ASN B 33 -26.14 -43.18 -29.52
CA ASN B 33 -25.36 -42.07 -28.99
C ASN B 33 -26.19 -40.81 -29.12
N HIS B 34 -26.17 -39.98 -28.07
CA HIS B 34 -27.02 -38.80 -28.05
C HIS B 34 -26.53 -37.67 -28.93
N LYS B 35 -25.26 -37.70 -29.34
CA LYS B 35 -24.70 -36.64 -30.17
C LYS B 35 -24.16 -37.13 -31.51
N TYR B 36 -24.15 -38.44 -31.76
CA TYR B 36 -23.82 -39.00 -33.07
C TYR B 36 -24.92 -39.99 -33.45
N PRO B 37 -26.13 -39.50 -33.68
CA PRO B 37 -27.24 -40.40 -33.97
C PRO B 37 -27.22 -40.89 -35.42
N PHE B 38 -27.85 -42.04 -35.62
CA PHE B 38 -27.90 -42.67 -36.94
C PHE B 38 -28.69 -41.77 -37.88
N ARG B 39 -28.02 -41.22 -38.89
CA ARG B 39 -28.64 -40.32 -39.84
C ARG B 39 -28.31 -40.75 -41.26
N ILE B 40 -29.24 -40.48 -42.18
CA ILE B 40 -29.03 -40.70 -43.60
C ILE B 40 -28.71 -39.35 -44.23
N CYS B 41 -27.56 -39.28 -44.91
CA CYS B 41 -27.06 -38.01 -45.40
C CYS B 41 -26.92 -38.01 -46.93
N SER B 42 -27.97 -38.45 -47.62
CA SER B 42 -27.99 -38.36 -49.07
C SER B 42 -27.83 -36.92 -49.53
N ILE B 43 -27.51 -36.75 -50.81
CA ILE B 43 -27.20 -35.42 -51.33
C ILE B 43 -28.44 -34.52 -51.28
N ALA B 44 -29.63 -35.10 -51.51
CA ALA B 44 -30.89 -34.36 -51.47
C ALA B 44 -30.83 -33.13 -52.36
N LYS B 45 -30.56 -31.97 -51.76
CA LYS B 45 -30.40 -30.73 -52.50
C LYS B 45 -28.95 -30.32 -52.69
N GLY B 46 -28.05 -30.79 -51.84
CA GLY B 46 -26.64 -30.45 -51.98
C GLY B 46 -26.40 -28.97 -51.77
N THR B 47 -25.65 -28.37 -52.68
CA THR B 47 -25.30 -26.94 -52.66
C THR B 47 -24.59 -26.63 -51.34
N ASP B 48 -24.75 -25.40 -50.85
CA ASP B 48 -24.14 -24.94 -49.60
C ASP B 48 -22.62 -25.11 -49.63
N LEU B 49 -22.00 -24.40 -50.57
CA LEU B 49 -20.55 -24.42 -50.69
C LEU B 49 -19.90 -23.78 -49.46
N MET B 50 -18.74 -24.30 -49.08
CA MET B 50 -18.00 -23.77 -47.96
C MET B 50 -16.51 -23.72 -48.30
N ARG B 51 -15.77 -22.92 -47.52
CA ARG B 51 -14.34 -22.77 -47.72
C ARG B 51 -13.71 -22.34 -46.41
N PHE B 52 -12.39 -22.49 -46.34
CA PHE B 52 -11.61 -22.10 -45.18
C PHE B 52 -10.88 -20.79 -45.46
N ASP B 53 -10.94 -19.88 -44.48
CA ASP B 53 -10.30 -18.57 -44.63
C ASP B 53 -8.83 -18.69 -44.26
N ARG B 54 -7.99 -18.89 -45.26
CA ARG B 54 -6.55 -18.96 -45.07
C ARG B 54 -5.89 -17.59 -45.11
N ASP B 55 -6.66 -16.54 -45.37
CA ASP B 55 -6.13 -15.18 -45.46
C ASP B 55 -6.37 -14.48 -44.12
N ILE B 56 -5.47 -14.73 -43.18
CA ILE B 56 -5.55 -14.18 -41.84
C ILE B 56 -4.27 -13.41 -41.54
N SER B 57 -4.41 -12.17 -41.10
CA SER B 57 -3.29 -11.33 -40.72
C SER B 57 -3.14 -11.36 -39.21
N CYS B 58 -1.92 -11.66 -38.75
CA CYS B 58 -1.65 -11.73 -37.28
C CYS B 58 -0.84 -10.50 -36.86
N SER B 59 -1.50 -9.53 -36.20
CA SER B 59 -0.80 -8.29 -35.75
C SER B 59 0.23 -8.64 -34.68
N PRO B 60 1.48 -8.14 -34.77
CA PRO B 60 2.47 -8.36 -33.71
C PRO B 60 2.03 -7.60 -32.45
N TYR B 61 2.66 -7.89 -31.30
CA TYR B 61 2.20 -7.25 -30.05
C TYR B 61 2.87 -5.90 -29.84
N LYS B 62 2.24 -4.81 -30.31
CA LYS B 62 2.77 -3.48 -30.04
C LYS B 62 2.05 -2.90 -28.83
N SER B 63 2.83 -2.44 -27.86
CA SER B 63 2.25 -1.88 -26.65
C SER B 63 1.51 -0.59 -26.97
N ASN B 64 0.34 -0.43 -26.36
CA ASN B 64 -0.48 0.76 -26.56
C ASN B 64 -0.11 1.90 -25.64
N ALA B 65 0.74 1.65 -24.65
CA ALA B 65 1.14 2.72 -23.73
C ALA B 65 2.07 3.71 -24.42
N LYS B 66 1.86 4.99 -24.14
CA LYS B 66 2.69 6.06 -24.66
C LYS B 66 3.64 6.51 -23.56
N MET B 67 4.93 6.29 -23.76
CA MET B 67 5.96 6.61 -22.78
C MET B 67 6.95 7.60 -23.36
N SER B 68 7.43 8.51 -22.52
CA SER B 68 8.45 9.48 -22.91
C SER B 68 9.59 9.40 -21.92
N GLU B 69 10.80 9.69 -22.41
CA GLU B 69 12.01 9.58 -21.60
C GLU B 69 12.44 10.96 -21.12
N GLY B 70 13.02 10.99 -19.92
CA GLY B 70 13.48 12.24 -19.35
C GLY B 70 13.78 12.07 -17.88
N PHE B 71 13.96 13.21 -17.21
CA PHE B 71 14.20 13.23 -15.78
C PHE B 71 13.37 14.35 -15.16
N PHE B 72 13.05 14.18 -13.88
CA PHE B 72 12.23 15.17 -13.19
C PHE B 72 12.74 15.40 -11.78
N ILE B 73 12.41 16.57 -11.24
CA ILE B 73 12.80 16.97 -9.90
C ILE B 73 11.52 17.25 -9.11
N ILE B 74 11.49 16.79 -7.87
CA ILE B 74 10.30 16.88 -7.03
C ILE B 74 10.58 17.86 -5.89
N TYR B 75 9.67 18.81 -5.71
CA TYR B 75 9.75 19.80 -4.64
C TYR B 75 8.55 19.65 -3.71
N LYS B 76 8.80 19.80 -2.42
CA LYS B 76 7.77 19.67 -1.40
C LYS B 76 7.59 20.98 -0.66
N THR B 77 6.42 21.16 -0.06
CA THR B 77 6.14 22.35 0.70
C THR B 77 7.04 22.42 1.93
N ASN B 78 7.59 23.60 2.19
CA ASN B 78 8.49 23.78 3.32
C ASN B 78 7.68 23.95 4.60
N ILE B 79 7.88 23.02 5.55
CA ILE B 79 7.20 23.08 6.82
C ILE B 79 8.07 23.64 7.94
N GLU B 80 9.34 23.91 7.66
CA GLU B 80 10.22 24.48 8.67
C GLU B 80 9.81 25.90 9.01
N THR B 81 9.85 26.22 10.30
CA THR B 81 9.53 27.57 10.74
C THR B 81 10.67 28.53 10.38
N TYR B 82 10.34 29.82 10.40
CA TYR B 82 11.32 30.86 10.11
C TYR B 82 11.94 31.32 11.41
N THR B 83 13.24 31.08 11.57
CA THR B 83 13.95 31.39 12.80
C THR B 83 14.90 32.56 12.58
N PHE B 84 14.85 33.53 13.48
CA PHE B 84 15.70 34.71 13.42
C PHE B 84 16.10 35.11 14.84
N PRO B 85 17.26 35.74 15.00
CA PRO B 85 17.69 36.13 16.35
C PRO B 85 16.93 37.35 16.85
N VAL B 86 16.62 37.34 18.14
CA VAL B 86 15.93 38.44 18.81
C VAL B 86 16.69 38.78 20.08
N ARG B 87 16.95 40.06 20.29
CA ARG B 87 17.65 40.55 21.46
C ARG B 87 16.67 41.24 22.39
N THR B 88 16.72 40.89 23.67
CA THR B 88 15.82 41.45 24.67
C THR B 88 16.62 42.20 25.72
N TYR B 89 16.10 43.36 26.14
CA TYR B 89 16.72 44.20 27.15
C TYR B 89 15.73 44.44 28.28
N LYS B 90 16.18 44.22 29.52
CA LYS B 90 15.31 44.36 30.68
C LYS B 90 16.08 44.99 31.84
N ASN B 91 15.42 45.91 32.54
CA ASN B 91 15.95 46.55 33.73
C ASN B 91 14.96 46.36 34.87
N GLU B 92 15.46 45.91 36.02
CA GLU B 92 14.60 45.56 37.13
C GLU B 92 15.22 45.98 38.46
N LEU B 93 14.35 46.19 39.45
CA LEU B 93 14.73 46.43 40.84
C LEU B 93 14.24 45.26 41.69
N THR B 94 15.09 44.79 42.59
CA THR B 94 14.74 43.68 43.46
C THR B 94 15.37 43.90 44.83
N PHE B 95 14.55 43.91 45.88
CA PHE B 95 15.06 43.95 47.23
C PHE B 95 15.75 42.63 47.56
N PRO B 96 16.65 42.62 48.55
CA PRO B 96 17.29 41.36 48.95
C PRO B 96 16.27 40.27 49.25
N THR B 97 16.24 39.25 48.41
CA THR B 97 15.19 38.25 48.48
C THR B 97 15.37 37.34 49.69
N SER B 98 14.25 36.81 50.19
CA SER B 98 14.22 35.88 51.31
C SER B 98 14.90 36.49 52.55
N TYR B 99 14.63 37.76 52.79
CA TYR B 99 15.15 38.42 53.98
C TYR B 99 14.49 37.83 55.22
N ARG B 100 15.29 37.64 56.28
CA ARG B 100 14.78 37.12 57.54
C ARG B 100 15.43 37.80 58.74
N ASP B 101 15.76 39.10 58.60
CA ASP B 101 16.50 39.80 59.64
C ASP B 101 15.70 39.86 60.94
N HIS B 102 14.54 40.51 60.92
CA HIS B 102 13.77 40.71 62.13
C HIS B 102 13.12 39.41 62.58
N ARG B 103 12.38 39.49 63.69
CA ARG B 103 11.74 38.30 64.25
C ARG B 103 10.71 37.73 63.29
N THR B 104 9.90 38.59 62.67
CA THR B 104 8.88 38.15 61.72
C THR B 104 9.44 38.05 60.31
N THR B 105 10.58 37.35 60.17
CA THR B 105 11.26 37.20 58.89
C THR B 105 11.54 38.54 58.22
N TYR B 106 11.66 39.59 59.04
CA TYR B 106 11.84 40.97 58.55
C TYR B 106 10.77 41.36 57.54
N PHE B 107 9.62 40.70 57.58
CA PHE B 107 8.56 40.85 56.57
C PHE B 107 9.12 40.60 55.17
N LEU B 108 10.16 39.77 55.08
CA LEU B 108 10.87 39.50 53.83
C LEU B 108 11.37 40.80 53.19
N ASP B 109 11.78 40.73 51.93
CA ASP B 109 12.16 41.92 51.18
C ASP B 109 12.16 41.56 49.71
N ARG B 110 11.34 42.25 48.92
CA ARG B 110 11.25 41.95 47.49
C ARG B 110 10.65 43.12 46.71
N THR B 111 11.46 43.74 45.86
CA THR B 111 10.95 44.69 44.88
C THR B 111 10.57 43.98 43.58
N VAL B 112 11.47 43.11 43.09
CA VAL B 112 11.19 42.12 42.06
C VAL B 112 10.82 42.75 40.72
N MET B 113 9.90 43.71 40.72
CA MET B 113 9.33 44.19 39.47
C MET B 113 10.39 44.88 38.62
N GLY B 114 10.11 44.95 37.31
CA GLY B 114 11.06 45.52 36.37
C GLY B 114 10.34 46.31 35.30
N LEU B 115 11.14 46.94 34.44
CA LEU B 115 10.61 47.78 33.38
C LEU B 115 11.47 47.62 32.13
N ALA B 116 10.87 47.94 30.99
CA ALA B 116 11.57 47.84 29.73
C ALA B 116 12.71 48.84 29.65
N MET B 117 13.83 48.42 29.11
CA MET B 117 14.98 49.30 28.96
C MET B 117 14.65 50.41 27.96
N PRO B 118 15.01 51.66 28.28
CA PRO B 118 14.75 52.76 27.34
C PRO B 118 15.58 52.62 26.07
N VAL B 119 15.10 53.29 25.02
CA VAL B 119 15.70 53.14 23.69
C VAL B 119 17.14 53.63 23.68
N TYR B 120 17.41 54.76 24.34
CA TYR B 120 18.78 55.28 24.36
C TYR B 120 19.73 54.34 25.10
N GLU B 121 19.26 53.75 26.19
CA GLU B 121 20.08 52.76 26.89
C GLU B 121 20.31 51.54 26.01
N ALA B 122 19.30 51.16 25.21
CA ALA B 122 19.49 50.07 24.26
C ALA B 122 20.55 50.42 23.23
N ASN B 123 20.55 51.67 22.76
CA ASN B 123 21.60 52.11 21.85
C ASN B 123 22.97 52.03 22.50
N LEU B 124 23.07 52.45 23.75
CA LEU B 124 24.34 52.37 24.47
C LEU B 124 24.81 50.93 24.59
N VAL B 125 23.89 50.02 24.90
CA VAL B 125 24.23 48.60 25.01
C VAL B 125 24.70 48.06 23.66
N ASN B 126 23.97 48.39 22.59
CA ASN B 126 24.31 47.86 21.27
C ASN B 126 25.56 48.50 20.70
N SER B 127 26.01 49.64 21.23
CA SER B 127 27.19 50.32 20.70
C SER B 127 28.44 50.02 21.54
N ARG B 128 28.40 50.32 22.84
CA ARG B 128 29.57 50.22 23.69
C ARG B 128 29.51 49.06 24.68
N ALA B 129 28.49 48.20 24.57
CA ALA B 129 28.34 47.03 25.44
C ALA B 129 28.34 47.42 26.91
N GLN B 130 27.64 48.51 27.23
CA GLN B 130 27.50 48.95 28.61
C GLN B 130 26.15 49.63 28.79
N CYS B 131 25.72 49.72 30.04
CA CYS B 131 24.39 50.22 30.38
C CYS B 131 24.49 51.27 31.48
N TYR B 132 23.54 52.20 31.46
CA TYR B 132 23.52 53.29 32.42
C TYR B 132 23.24 52.79 33.83
N SER B 133 23.67 53.57 34.81
CA SER B 133 23.52 53.24 36.22
C SER B 133 22.23 53.80 36.84
N ALA B 134 21.47 54.58 36.09
CA ALA B 134 20.26 55.21 36.62
C ALA B 134 19.08 54.90 35.72
N VAL B 135 17.90 54.82 36.33
CA VAL B 135 16.66 54.59 35.62
C VAL B 135 15.63 55.62 36.07
N ALA B 136 14.59 55.78 35.25
CA ALA B 136 13.50 56.71 35.51
C ALA B 136 12.22 55.94 35.71
N ILE B 137 11.47 56.30 36.75
CA ILE B 137 10.18 55.68 37.05
C ILE B 137 9.11 56.75 36.96
N LYS B 138 8.07 56.48 36.18
CA LYS B 138 6.99 57.43 35.93
C LYS B 138 5.76 56.97 36.69
N ARG B 139 5.38 57.73 37.72
CA ARG B 139 4.15 57.46 38.44
C ARG B 139 2.94 57.88 37.61
N PRO B 140 1.76 57.36 37.93
CA PRO B 140 0.56 57.78 37.19
C PRO B 140 0.30 59.27 37.25
N ASP B 141 0.72 59.94 38.33
CA ASP B 141 0.60 61.39 38.38
C ASP B 141 1.44 62.06 37.31
N GLY B 142 2.65 61.55 37.07
CA GLY B 142 3.52 62.11 36.05
C GLY B 142 4.92 62.40 36.56
N THR B 143 5.13 62.22 37.86
CA THR B 143 6.43 62.49 38.45
C THR B 143 7.46 61.47 37.98
N VAL B 144 8.70 61.92 37.85
CA VAL B 144 9.81 61.09 37.39
C VAL B 144 10.71 60.78 38.58
N PHE B 145 10.92 59.49 38.84
CA PHE B 145 11.70 59.04 39.98
C PHE B 145 13.09 58.66 39.53
N SER B 146 14.09 58.96 40.36
CA SER B 146 15.48 58.66 40.08
C SER B 146 15.96 57.61 41.08
N ALA B 147 16.28 56.42 40.57
CA ALA B 147 16.82 55.34 41.38
C ALA B 147 18.24 55.03 40.93
N TYR B 148 19.11 54.71 41.88
CA TYR B 148 20.51 54.49 41.59
C TYR B 148 21.00 53.25 42.33
N HIS B 149 22.06 52.64 41.79
CA HIS B 149 22.70 51.50 42.44
C HIS B 149 23.52 51.98 43.63
N GLU B 150 23.22 51.45 44.81
CA GLU B 150 23.85 51.85 46.07
C GLU B 150 23.66 53.33 46.38
N ASP B 151 22.64 53.95 45.78
CA ASP B 151 22.33 55.37 45.99
C ASP B 151 23.53 56.26 45.70
N ASN B 152 24.35 55.87 44.73
CA ASN B 152 25.50 56.69 44.35
C ASN B 152 25.10 57.98 43.65
N ASN B 153 23.87 58.04 43.13
CA ASN B 153 23.37 59.23 42.44
C ASN B 153 24.26 59.63 41.27
N LYS B 154 24.74 58.63 40.54
CA LYS B 154 25.58 58.85 39.37
C LYS B 154 24.97 58.12 38.17
N ASN B 155 24.86 58.83 37.05
CA ASN B 155 24.36 58.24 35.81
C ASN B 155 25.51 57.70 34.96
N GLU B 156 26.35 56.86 35.57
CA GLU B 156 27.52 56.31 34.90
C GLU B 156 27.13 55.00 34.19
N THR B 157 28.13 54.27 33.70
CA THR B 157 27.91 53.06 32.92
C THR B 157 28.55 51.86 33.60
N LEU B 158 27.97 50.69 33.35
CA LEU B 158 28.48 49.43 33.88
C LEU B 158 28.56 48.41 32.75
N GLU B 159 29.50 47.49 32.89
CA GLU B 159 29.73 46.47 31.87
C GLU B 159 28.81 45.27 32.08
N LEU B 160 28.78 44.38 31.09
CA LEU B 160 27.94 43.20 31.10
C LEU B 160 28.80 41.95 31.16
N PHE B 161 28.33 40.94 31.89
CA PHE B 161 29.06 39.70 32.04
C PHE B 161 28.23 38.51 31.55
N PRO B 162 28.87 37.54 30.90
CA PRO B 162 28.12 36.38 30.40
C PRO B 162 27.78 35.38 31.50
N LEU B 163 26.67 35.61 32.20
CA LEU B 163 26.27 34.73 33.29
C LEU B 163 26.01 33.32 32.78
N ASN B 164 26.35 32.33 33.62
CA ASN B 164 26.16 30.91 33.32
C ASN B 164 26.93 30.49 32.08
N PHE B 165 28.05 31.16 31.79
CA PHE B 165 28.90 30.86 30.65
C PHE B 165 28.14 30.91 29.34
N LYS B 166 27.12 31.76 29.27
CA LYS B 166 26.26 32.01 28.11
C LYS B 166 25.38 30.83 27.74
N SER B 167 25.48 29.70 28.45
CA SER B 167 24.69 28.51 28.19
C SER B 167 24.71 28.13 26.71
N VAL B 168 23.58 27.68 26.17
CA VAL B 168 23.46 27.33 24.77
C VAL B 168 22.18 27.97 24.22
N THR B 169 22.31 28.71 23.13
CA THR B 169 21.22 29.38 22.41
C THR B 169 20.46 30.37 23.28
N ASN B 170 20.95 30.66 24.49
CA ASN B 170 20.31 31.64 25.37
C ASN B 170 21.38 32.49 26.05
N LYS B 171 22.37 32.93 25.28
CA LYS B 171 23.45 33.75 25.83
C LYS B 171 22.91 35.06 26.38
N ARG B 172 22.97 35.24 27.70
CA ARG B 172 22.48 36.43 28.36
C ARG B 172 23.61 37.10 29.11
N PHE B 173 23.67 38.43 29.02
CA PHE B 173 24.68 39.23 29.70
C PHE B 173 24.03 40.02 30.83
N ILE B 174 24.73 40.10 31.97
CA ILE B 174 24.21 40.76 33.15
C ILE B 174 25.27 41.72 33.68
N THR B 175 24.82 42.71 34.46
CA THR B 175 25.70 43.66 35.09
C THR B 175 25.79 43.53 36.60
N THR B 176 24.88 42.77 37.22
CA THR B 176 24.85 42.60 38.66
C THR B 176 24.88 41.11 38.99
N LYS B 177 25.77 40.71 39.89
CA LYS B 177 25.89 39.33 40.32
C LYS B 177 24.92 38.96 41.43
N GLU B 178 23.90 39.79 41.64
CA GLU B 178 22.91 39.58 42.70
C GLU B 178 23.53 39.38 44.09
N PRO B 179 24.28 40.38 44.59
CA PRO B 179 24.83 40.25 45.94
C PRO B 179 23.88 40.78 47.00
N TYR B 180 24.30 40.76 48.26
CA TYR B 180 23.48 41.35 49.31
C TYR B 180 23.42 42.86 49.15
N PHE B 181 22.23 43.42 49.33
CA PHE B 181 21.99 44.85 49.16
C PHE B 181 21.63 45.48 50.49
N ALA B 182 21.58 46.81 50.50
CA ALA B 182 21.25 47.54 51.71
C ALA B 182 19.79 47.31 52.09
N ARG B 183 19.56 47.05 53.38
CA ARG B 183 18.21 46.82 53.88
C ARG B 183 18.21 47.00 55.38
N GLY B 184 17.02 47.18 55.94
CA GLY B 184 16.84 47.25 57.37
C GLY B 184 15.38 47.13 57.75
N PRO B 185 15.08 46.23 58.68
CA PRO B 185 13.68 46.01 59.07
C PRO B 185 13.21 46.94 60.18
N LEU B 186 12.23 47.79 59.86
CA LEU B 186 11.52 48.55 60.89
C LEU B 186 10.26 47.80 61.32
N ALA B 187 10.45 46.53 61.70
CA ALA B 187 9.38 45.58 61.97
C ALA B 187 8.56 45.31 60.71
N THR B 188 8.98 45.86 59.58
CA THR B 188 8.31 45.71 58.31
C THR B 188 9.38 45.49 57.23
N HIS B 189 8.96 45.61 55.97
CA HIS B 189 9.86 45.44 54.83
C HIS B 189 9.89 46.75 54.03
N SER B 190 11.08 47.32 53.87
CA SER B 190 11.22 48.56 53.10
C SER B 190 12.68 48.65 52.62
N THR B 191 12.90 48.29 51.36
CA THR B 191 14.23 48.38 50.75
C THR B 191 14.12 48.14 49.25
N SER B 192 14.81 48.96 48.47
CA SER B 192 14.98 48.69 47.03
C SER B 192 16.25 49.41 46.58
N THR B 193 17.36 48.68 46.52
CA THR B 193 18.64 49.27 46.11
C THR B 193 19.45 48.30 45.26
N SER B 194 18.79 47.63 44.31
CA SER B 194 19.50 46.66 43.46
C SER B 194 19.07 46.89 42.02
N LEU B 195 19.92 47.58 41.26
CA LEU B 195 19.73 47.79 39.83
C LEU B 195 20.43 46.67 39.07
N ASN B 196 19.67 45.96 38.24
CA ASN B 196 20.22 44.91 37.40
C ASN B 196 19.69 45.08 35.98
N CYS B 197 20.56 44.90 35.00
CA CYS B 197 20.21 45.02 33.59
C CYS B 197 20.33 43.66 32.94
N ILE B 198 19.25 43.21 32.30
CA ILE B 198 19.19 41.90 31.67
C ILE B 198 19.20 42.12 30.16
N VAL B 199 20.22 41.57 29.50
CA VAL B 199 20.30 41.57 28.04
C VAL B 199 20.45 40.14 27.59
N THR B 200 19.50 39.66 26.79
CA THR B 200 19.42 38.26 26.40
C THR B 200 19.34 38.13 24.89
N GLU B 201 20.06 37.15 24.35
CA GLU B 201 19.98 36.79 22.95
C GLU B 201 19.11 35.55 22.81
N ALA B 202 18.02 35.66 22.06
CA ALA B 202 17.09 34.55 21.90
C ALA B 202 16.72 34.41 20.44
N THR B 203 16.05 33.31 20.12
CA THR B 203 15.62 33.00 18.76
C THR B 203 14.10 32.84 18.74
N ALA B 204 13.48 33.38 17.69
CA ALA B 204 12.04 33.33 17.53
C ALA B 204 11.68 32.50 16.32
N LYS B 205 10.43 32.04 16.29
CA LYS B 205 9.93 31.20 15.20
C LYS B 205 8.54 31.68 14.79
N ALA B 206 8.17 31.36 13.55
CA ALA B 206 6.88 31.75 13.02
C ALA B 206 6.40 30.72 12.02
N LYS B 207 5.08 30.50 11.98
CA LYS B 207 4.50 29.55 11.01
C LYS B 207 4.45 30.21 9.63
N TYR B 208 3.69 29.65 8.70
CA TYR B 208 3.65 30.19 7.34
C TYR B 208 2.97 31.55 7.24
N PRO B 209 1.77 31.78 7.80
CA PRO B 209 1.14 33.09 7.62
C PRO B 209 1.94 34.23 8.23
N PHE B 210 2.86 33.94 9.15
CA PHE B 210 3.70 34.95 9.80
C PHE B 210 2.87 36.03 10.48
N SER B 211 1.72 35.65 11.04
CA SER B 211 0.90 36.60 11.76
C SER B 211 1.50 36.94 13.13
N TYR B 212 2.36 36.08 13.65
CA TYR B 212 2.97 36.29 14.96
C TYR B 212 4.25 35.47 15.03
N PHE B 213 5.10 35.83 15.98
CA PHE B 213 6.29 35.05 16.26
C PHE B 213 6.48 34.94 17.76
N ALA B 214 6.99 33.80 18.21
CA ALA B 214 7.16 33.53 19.62
C ALA B 214 8.60 33.14 19.91
N LEU B 215 9.14 33.67 21.00
CA LEU B 215 10.49 33.30 21.42
C LEU B 215 10.50 31.86 21.93
N THR B 216 11.69 31.26 21.92
CA THR B 216 11.84 29.90 22.38
C THR B 216 11.49 29.76 23.87
N THR B 217 11.75 30.81 24.66
CA THR B 217 11.40 30.77 26.06
C THR B 217 9.89 30.70 26.27
N GLY B 218 9.13 31.44 25.46
CA GLY B 218 7.68 31.41 25.58
C GLY B 218 6.99 32.74 25.31
N GLU B 219 7.75 33.83 25.29
CA GLU B 219 7.15 35.13 25.00
C GLU B 219 6.60 35.16 23.58
N ILE B 220 5.49 35.86 23.41
CA ILE B 220 4.77 35.93 22.14
C ILE B 220 4.61 37.39 21.75
N VAL B 221 4.91 37.70 20.49
CA VAL B 221 4.67 39.02 19.92
C VAL B 221 3.63 38.86 18.82
N GLU B 222 2.49 39.53 18.99
CA GLU B 222 1.37 39.38 18.07
C GLU B 222 1.53 40.34 16.89
N GLY B 223 2.50 40.01 16.04
CA GLY B 223 2.76 40.81 14.87
C GLY B 223 3.68 40.09 13.91
N SER B 224 3.64 40.51 12.65
CA SER B 224 4.45 39.89 11.64
C SER B 224 5.91 40.29 11.82
N PRO B 225 6.85 39.34 11.82
CA PRO B 225 8.28 39.72 11.91
C PRO B 225 8.75 40.55 10.73
N PHE B 226 8.04 40.53 9.61
CA PHE B 226 8.39 41.33 8.45
C PHE B 226 7.63 42.64 8.38
N PHE B 227 6.92 43.01 9.45
CA PHE B 227 6.16 44.24 9.45
C PHE B 227 7.09 45.44 9.32
N ASP B 228 6.58 46.50 8.69
CA ASP B 228 7.33 47.72 8.46
C ASP B 228 6.41 48.91 8.68
N GLY B 229 6.85 50.08 8.24
CA GLY B 229 6.03 51.27 8.41
C GLY B 229 4.72 51.19 7.65
N SER B 230 4.77 50.74 6.39
CA SER B 230 3.59 50.71 5.55
C SER B 230 3.52 49.44 4.70
N ASN B 231 4.11 48.34 5.18
CA ASN B 231 4.06 47.09 4.43
C ASN B 231 2.66 46.50 4.40
N GLY B 232 1.78 46.91 5.30
CA GLY B 232 0.45 46.33 5.37
C GLY B 232 0.38 44.97 6.02
N LYS B 233 1.48 44.49 6.59
CA LYS B 233 1.50 43.19 7.22
C LYS B 233 0.70 43.22 8.52
N HIS B 234 0.30 42.04 8.98
CA HIS B 234 -0.47 41.94 10.22
C HIS B 234 0.37 42.39 11.40
N PHE B 235 -0.25 43.15 12.29
CA PHE B 235 0.41 43.63 13.50
C PHE B 235 -0.65 44.04 14.51
N ALA B 236 -0.69 43.37 15.66
CA ALA B 236 -1.70 43.63 16.66
C ALA B 236 -1.18 44.44 17.85
N GLU B 237 0.13 44.53 18.02
CA GLU B 237 0.68 45.29 19.13
C GLU B 237 0.44 46.79 18.92
N PRO B 238 0.36 47.57 20.00
CA PRO B 238 0.16 49.01 19.85
C PRO B 238 1.28 49.65 19.05
N LEU B 239 0.91 50.60 18.18
CA LEU B 239 1.89 51.22 17.30
C LEU B 239 2.84 52.14 18.06
N GLU B 240 2.36 52.78 19.13
CA GLU B 240 3.21 53.71 19.87
C GLU B 240 4.39 53.00 20.54
N LYS B 241 4.23 51.72 20.86
CA LYS B 241 5.33 50.97 21.45
C LYS B 241 6.39 50.63 20.41
N LEU B 242 5.99 50.52 19.14
CA LEU B 242 6.92 50.15 18.08
C LEU B 242 7.86 51.32 17.76
N THR B 243 9.07 50.98 17.33
CA THR B 243 10.04 51.98 16.92
C THR B 243 10.95 51.35 15.86
N ILE B 244 11.03 51.99 14.70
CA ILE B 244 11.77 51.46 13.56
C ILE B 244 12.92 52.41 13.24
N LEU B 245 14.13 51.87 13.16
CA LEU B 245 15.32 52.65 12.84
C LEU B 245 15.99 52.08 11.60
N GLU B 246 16.72 52.94 10.90
CA GLU B 246 17.39 52.56 9.67
C GLU B 246 18.90 52.78 9.81
N ASN B 247 19.67 51.95 9.11
CA ASN B 247 21.13 52.00 9.12
C ASN B 247 21.68 51.91 10.54
N TYR B 248 21.04 51.08 11.36
CA TYR B 248 21.47 50.87 12.74
C TYR B 248 22.73 50.01 12.77
N THR B 249 23.60 50.29 13.75
CA THR B 249 24.82 49.52 13.97
C THR B 249 24.77 48.88 15.35
N MET B 250 25.19 47.63 15.43
CA MET B 250 25.06 46.88 16.67
C MET B 250 26.11 45.77 16.69
N ILE B 251 26.49 45.35 17.90
CA ILE B 251 27.49 44.31 18.07
C ILE B 251 26.88 42.95 17.78
N GLU B 252 27.64 42.09 17.11
CA GLU B 252 27.13 40.77 16.76
C GLU B 252 26.90 39.91 18.00
N ASP B 253 27.90 39.82 18.87
CA ASP B 253 27.81 39.01 20.07
C ASP B 253 28.34 39.80 21.26
N LEU B 254 27.70 39.59 22.42
CA LEU B 254 28.12 40.28 23.63
C LEU B 254 29.27 39.58 24.35
N MET B 255 29.63 38.37 23.94
CA MET B 255 30.77 37.69 24.54
C MET B 255 32.07 38.46 24.26
N ASN B 256 32.18 39.05 23.07
CA ASN B 256 33.38 39.80 22.71
C ASN B 256 33.48 41.14 23.41
N GLY B 257 32.42 41.58 24.11
CA GLY B 257 32.50 42.85 24.80
C GLY B 257 32.39 44.04 23.86
N MET B 258 32.91 45.17 24.34
CA MET B 258 32.85 46.43 23.59
C MET B 258 33.68 46.39 22.32
N ASN B 259 34.59 45.44 22.18
CA ASN B 259 35.44 45.34 21.00
C ASN B 259 34.88 44.40 19.94
N GLY B 260 33.66 43.88 20.13
CA GLY B 260 33.09 42.98 19.16
C GLY B 260 32.76 43.68 17.85
N ALA B 261 32.76 42.89 16.79
CA ALA B 261 32.48 43.43 15.46
C ALA B 261 31.03 43.90 15.37
N THR B 262 30.81 44.98 14.61
CA THR B 262 29.49 45.56 14.43
C THR B 262 29.08 45.46 12.98
N THR B 263 27.82 45.11 12.75
CA THR B 263 27.26 44.96 11.41
C THR B 263 26.12 45.94 11.24
N LEU B 264 26.16 46.72 10.15
CA LEU B 264 25.07 47.63 9.84
C LEU B 264 23.81 46.86 9.47
N VAL B 265 22.68 47.35 9.95
CA VAL B 265 21.37 46.76 9.65
C VAL B 265 20.53 47.84 8.96
N ARG B 266 20.02 47.52 7.77
CA ARG B 266 19.27 48.52 7.00
C ARG B 266 17.98 48.91 7.69
N LYS B 267 17.41 48.01 8.50
CA LYS B 267 16.17 48.32 9.20
C LYS B 267 16.05 47.41 10.41
N ILE B 268 15.82 48.02 11.58
CA ILE B 268 15.68 47.28 12.83
C ILE B 268 14.41 47.78 13.52
N ALA B 269 13.83 46.92 14.34
CA ALA B 269 12.58 47.21 15.04
C ALA B 269 12.79 47.08 16.54
N PHE B 270 12.33 48.08 17.29
CA PHE B 270 12.36 48.07 18.75
C PHE B 270 10.92 48.06 19.24
N LEU B 271 10.59 47.05 20.05
CA LEU B 271 9.24 46.92 20.60
C LEU B 271 9.34 46.81 22.11
N GLU B 272 8.53 47.61 22.80
CA GLU B 272 8.44 47.59 24.26
C GLU B 272 7.13 46.89 24.64
N LYS B 273 7.23 45.66 25.13
CA LYS B 273 6.07 44.87 25.51
C LYS B 273 6.23 44.45 26.96
N GLY B 274 5.24 44.78 27.78
CA GLY B 274 5.32 44.45 29.19
C GLY B 274 6.50 45.15 29.85
N ASP B 275 7.34 44.36 30.51
CA ASP B 275 8.52 44.88 31.20
C ASP B 275 9.81 44.64 30.43
N THR B 276 9.72 44.28 29.15
CA THR B 276 10.89 43.94 28.36
C THR B 276 10.84 44.67 27.03
N LEU B 277 12.02 44.95 26.48
CA LEU B 277 12.16 45.58 25.18
C LEU B 277 12.74 44.57 24.20
N PHE B 278 12.04 44.36 23.09
CA PHE B 278 12.44 43.37 22.08
C PHE B 278 12.98 44.08 20.85
N SER B 279 14.07 43.56 20.31
CA SER B 279 14.70 44.10 19.12
C SER B 279 14.98 42.98 18.14
N TRP B 280 14.61 43.19 16.87
CA TRP B 280 14.87 42.23 15.82
C TRP B 280 15.06 42.96 14.52
N GLU B 281 15.76 42.31 13.59
CA GLU B 281 16.04 42.89 12.28
C GLU B 281 14.87 42.63 11.34
N ILE B 282 14.44 43.67 10.64
CA ILE B 282 13.33 43.56 9.69
C ILE B 282 13.93 43.23 8.33
N LYS B 283 13.73 42.00 7.88
CA LYS B 283 14.18 41.57 6.57
C LYS B 283 13.02 41.68 5.58
N GLU B 284 13.23 41.16 4.37
CA GLU B 284 12.21 41.17 3.33
C GLU B 284 11.61 39.78 3.22
N GLU B 285 10.27 39.71 3.26
CA GLU B 285 9.60 38.41 3.26
C GLU B 285 9.87 37.63 1.98
N ASN B 286 9.87 38.31 0.83
CA ASN B 286 10.04 37.61 -0.43
C ASN B 286 11.44 37.04 -0.58
N GLU B 287 12.45 37.71 -0.03
CA GLU B 287 13.84 37.31 -0.21
C GLU B 287 14.39 36.53 0.97
N SER B 288 13.54 36.15 1.93
CA SER B 288 14.00 35.43 3.12
C SER B 288 13.23 34.16 3.41
N VAL B 289 12.07 33.95 2.80
CA VAL B 289 11.25 32.77 3.05
C VAL B 289 10.94 32.11 1.72
N CYS B 290 11.29 30.83 1.60
CA CYS B 290 10.97 30.03 0.43
C CYS B 290 10.04 28.92 0.88
N MET B 291 8.87 28.82 0.24
CA MET B 291 7.84 27.87 0.65
C MET B 291 7.96 26.53 -0.05
N LEU B 292 8.97 26.34 -0.90
CA LEU B 292 9.19 25.07 -1.58
C LEU B 292 10.61 24.60 -1.30
N LYS B 293 10.75 23.33 -0.92
CA LYS B 293 12.04 22.76 -0.60
C LYS B 293 12.31 21.56 -1.50
N HIS B 294 13.54 21.47 -2.00
CA HIS B 294 13.92 20.36 -2.85
C HIS B 294 13.91 19.06 -2.05
N TRP B 295 13.29 18.02 -2.61
CA TRP B 295 13.21 16.72 -1.95
C TRP B 295 14.15 15.70 -2.59
N THR B 296 14.03 15.46 -3.89
CA THR B 296 14.85 14.46 -4.55
C THR B 296 14.91 14.76 -6.03
N THR B 297 15.90 14.17 -6.69
CA THR B 297 16.08 14.28 -8.13
C THR B 297 16.13 12.88 -8.73
N VAL B 298 15.31 12.64 -9.74
CA VAL B 298 15.26 11.35 -10.42
C VAL B 298 15.97 11.52 -11.75
N THR B 299 17.13 10.88 -11.90
CA THR B 299 17.92 11.05 -13.11
C THR B 299 17.35 10.26 -14.29
N HIS B 300 16.76 9.10 -14.03
CA HIS B 300 16.16 8.27 -15.08
C HIS B 300 14.68 8.12 -14.76
N GLY B 301 13.82 8.83 -15.50
CA GLY B 301 12.40 8.76 -15.28
C GLY B 301 11.65 8.53 -16.57
N LEU B 302 10.40 8.10 -16.43
CA LEU B 302 9.52 7.87 -17.56
C LEU B 302 8.17 8.51 -17.29
N ARG B 303 7.55 9.05 -18.33
CA ARG B 303 6.24 9.68 -18.23
C ARG B 303 5.25 8.86 -19.04
N ALA B 304 4.30 8.22 -18.34
CA ALA B 304 3.25 7.45 -18.98
C ALA B 304 2.00 8.31 -19.06
N GLU B 305 1.53 8.57 -20.26
CA GLU B 305 0.38 9.44 -20.48
C GLU B 305 -0.89 8.59 -20.56
N THR B 306 -1.80 8.79 -19.62
CA THR B 306 -3.10 8.15 -19.67
C THR B 306 -4.09 9.08 -20.39
N ASP B 307 -5.37 8.74 -20.36
CA ASP B 307 -6.37 9.55 -21.04
C ASP B 307 -6.69 10.84 -20.30
N GLU B 308 -6.34 10.93 -19.02
CA GLU B 308 -6.65 12.11 -18.23
C GLU B 308 -5.49 12.65 -17.40
N THR B 309 -4.47 11.84 -17.12
CA THR B 309 -3.39 12.26 -16.24
C THR B 309 -2.07 11.70 -16.74
N TYR B 310 -0.98 12.31 -16.28
CA TYR B 310 0.36 11.80 -16.52
C TYR B 310 0.80 10.93 -15.34
N HIS B 311 1.63 9.94 -15.63
CA HIS B 311 2.23 9.08 -14.62
C HIS B 311 3.74 9.17 -14.74
N PHE B 312 4.39 9.74 -13.74
CA PHE B 312 5.84 9.87 -13.71
C PHE B 312 6.39 8.73 -12.86
N ILE B 313 7.09 7.81 -13.51
CA ILE B 313 7.52 6.56 -12.89
C ILE B 313 9.03 6.62 -12.69
N SER B 314 9.47 6.33 -11.47
CA SER B 314 10.89 6.27 -11.13
C SER B 314 11.20 4.88 -10.60
N LYS B 315 11.95 4.10 -11.38
CA LYS B 315 12.30 2.75 -10.95
C LYS B 315 13.23 2.76 -9.75
N GLU B 316 14.11 3.76 -9.66
CA GLU B 316 15.04 3.82 -8.54
C GLU B 316 14.29 3.99 -7.22
N LEU B 317 13.29 4.86 -7.19
CA LEU B 317 12.50 5.10 -5.99
C LEU B 317 11.32 4.15 -5.86
N THR B 318 11.03 3.36 -6.90
CA THR B 318 9.83 2.52 -6.94
C THR B 318 8.59 3.35 -6.63
N ALA B 319 8.47 4.49 -7.28
CA ALA B 319 7.39 5.43 -7.03
C ALA B 319 6.80 5.90 -8.35
N ALA B 320 5.49 6.15 -8.34
CA ALA B 320 4.78 6.69 -9.48
C ALA B 320 3.95 7.88 -9.03
N PHE B 321 4.15 9.02 -9.67
CA PHE B 321 3.46 10.25 -9.32
C PHE B 321 2.41 10.57 -10.38
N VAL B 322 1.21 10.89 -9.94
CA VAL B 322 0.08 11.15 -10.83
C VAL B 322 -0.21 12.65 -10.79
N ALA B 323 -0.22 13.28 -11.96
CA ALA B 323 -0.49 14.71 -12.07
C ALA B 323 -1.41 14.95 -13.25
N SER B 324 -2.18 16.02 -13.17
CA SER B 324 -3.07 16.39 -14.27
C SER B 324 -2.26 16.86 -15.46
N LYS B 325 -2.89 16.80 -16.64
CA LYS B 325 -2.18 17.07 -17.89
C LYS B 325 -1.86 18.55 -18.09
N GLU B 326 -2.40 19.44 -17.27
CA GLU B 326 -2.19 20.87 -17.44
C GLU B 326 -0.95 21.31 -16.66
N SER B 327 0.05 21.81 -17.37
CA SER B 327 1.27 22.28 -16.74
C SER B 327 1.02 23.59 -15.99
N LEU B 328 1.73 23.76 -14.88
CA LEU B 328 1.58 24.95 -14.04
C LEU B 328 2.40 26.10 -14.61
N ASN B 329 2.43 27.20 -13.86
CA ASN B 329 3.24 28.37 -14.21
C ASN B 329 3.58 29.08 -12.90
N LEU B 330 4.80 28.87 -12.40
CA LEU B 330 5.19 29.42 -11.12
C LEU B 330 5.31 30.94 -11.22
N THR B 331 4.48 31.65 -10.45
CA THR B 331 4.45 33.11 -10.47
C THR B 331 4.50 33.74 -9.10
N ASP B 332 4.17 33.04 -8.03
CA ASP B 332 4.21 33.62 -6.71
C ASP B 332 5.66 33.94 -6.32
N PRO B 333 5.91 35.13 -5.76
CA PRO B 333 7.29 35.46 -5.36
C PRO B 333 7.87 34.51 -4.33
N LYS B 334 7.03 33.93 -3.48
CA LYS B 334 7.51 32.97 -2.47
C LYS B 334 7.66 31.57 -3.03
N GLN B 335 7.32 31.35 -4.30
CA GLN B 335 7.51 30.05 -4.93
C GLN B 335 8.51 30.09 -6.08
N THR B 336 8.90 31.27 -6.55
CA THR B 336 9.89 31.41 -7.60
C THR B 336 11.32 31.41 -7.05
N CYS B 337 11.49 31.28 -5.75
CA CYS B 337 12.81 31.23 -5.14
C CYS B 337 13.57 29.97 -5.49
N ILE B 338 12.91 28.97 -6.09
CA ILE B 338 13.56 27.73 -6.47
C ILE B 338 13.91 27.68 -7.95
N LYS B 339 13.60 28.74 -8.70
CA LYS B 339 13.75 28.71 -10.15
C LYS B 339 15.21 28.52 -10.55
N ASN B 340 16.10 29.36 -10.02
CA ASN B 340 17.51 29.24 -10.36
C ASN B 340 18.08 27.91 -9.91
N GLU B 341 17.70 27.46 -8.71
CA GLU B 341 18.21 26.20 -8.19
C GLU B 341 17.84 25.03 -9.08
N PHE B 342 16.56 24.92 -9.45
CA PHE B 342 16.17 23.76 -10.25
C PHE B 342 16.63 23.88 -11.69
N GLU B 343 16.79 25.11 -12.22
CA GLU B 343 17.39 25.25 -13.53
C GLU B 343 18.84 24.79 -13.54
N LYS B 344 19.59 25.14 -12.50
CA LYS B 344 20.97 24.66 -12.39
C LYS B 344 21.00 23.15 -12.23
N ILE B 345 20.06 22.59 -11.46
CA ILE B 345 19.99 21.14 -11.32
C ILE B 345 19.73 20.48 -12.66
N ILE B 346 18.80 21.04 -13.45
CA ILE B 346 18.52 20.49 -14.77
C ILE B 346 19.77 20.52 -15.64
N THR B 347 20.47 21.66 -15.64
CA THR B 347 21.68 21.78 -16.46
C THR B 347 22.73 20.76 -16.03
N ASP B 348 22.96 20.63 -14.72
CA ASP B 348 23.97 19.71 -14.24
C ASP B 348 23.61 18.26 -14.57
N VAL B 349 22.35 17.88 -14.38
CA VAL B 349 21.93 16.51 -14.63
C VAL B 349 22.08 16.20 -16.12
N TYR B 350 21.67 17.13 -16.99
CA TYR B 350 21.81 16.89 -18.42
C TYR B 350 23.28 16.80 -18.81
N MET B 351 24.13 17.67 -18.24
CA MET B 351 25.54 17.66 -18.59
C MET B 351 26.25 16.42 -18.08
N SER B 352 25.73 15.81 -17.01
CA SER B 352 26.40 14.67 -16.41
C SER B 352 26.12 13.37 -17.14
N ASP B 353 24.85 12.96 -17.21
CA ASP B 353 24.51 11.66 -17.77
C ASP B 353 24.17 11.73 -19.26
N TYR B 354 23.13 12.48 -19.62
CA TYR B 354 22.64 12.51 -20.99
C TYR B 354 23.34 13.58 -21.82
N ASN B 355 24.67 13.56 -21.84
CA ASN B 355 25.41 14.61 -22.55
C ASN B 355 25.33 14.43 -24.06
N ASP B 356 25.45 13.20 -24.55
CA ASP B 356 25.62 12.95 -25.97
C ASP B 356 24.46 12.18 -26.59
N ALA B 357 24.03 11.08 -25.96
CA ALA B 357 23.01 10.24 -26.55
C ALA B 357 21.65 10.93 -26.66
N TYR B 358 21.43 11.98 -25.87
CA TYR B 358 20.13 12.66 -25.84
C TYR B 358 20.34 14.16 -25.96
N SER B 359 19.27 14.85 -26.39
CA SER B 359 19.25 16.29 -26.46
C SER B 359 17.97 16.81 -25.83
N MET B 360 18.05 17.99 -25.22
CA MET B 360 16.92 18.57 -24.51
C MET B 360 15.82 18.94 -25.50
N ASN B 361 14.73 18.17 -25.50
CA ASN B 361 13.63 18.38 -26.42
C ASN B 361 12.67 19.38 -25.82
N GLY B 362 12.95 20.67 -26.04
CA GLY B 362 12.08 21.73 -25.57
C GLY B 362 12.31 22.06 -24.11
N SER B 363 11.58 23.08 -23.66
CA SER B 363 11.70 23.55 -22.29
C SER B 363 11.04 22.59 -21.32
N TYR B 364 11.36 22.76 -20.04
CA TYR B 364 10.78 21.93 -19.00
C TYR B 364 9.32 22.29 -18.78
N GLN B 365 8.61 21.40 -18.08
CA GLN B 365 7.23 21.64 -17.68
C GLN B 365 7.10 21.38 -16.18
N ILE B 366 6.20 22.14 -15.55
CA ILE B 366 5.99 22.06 -14.11
C ILE B 366 4.59 21.53 -13.87
N PHE B 367 4.49 20.43 -13.13
CA PHE B 367 3.21 19.80 -12.82
C PHE B 367 3.01 19.75 -11.31
N LYS B 368 1.76 19.83 -10.89
CA LYS B 368 1.38 19.66 -9.49
C LYS B 368 0.70 18.31 -9.35
N THR B 369 1.40 17.36 -8.74
CA THR B 369 0.85 16.03 -8.57
C THR B 369 -0.23 16.03 -7.50
N THR B 370 -1.07 15.00 -7.53
CA THR B 370 -1.99 14.77 -6.43
C THR B 370 -1.20 14.54 -5.15
N GLY B 371 -1.61 15.22 -4.08
CA GLY B 371 -0.81 15.28 -2.87
C GLY B 371 0.04 16.53 -2.76
N ASP B 372 -0.07 17.45 -3.71
CA ASP B 372 0.60 18.76 -3.66
C ASP B 372 2.12 18.61 -3.61
N LEU B 373 2.67 18.01 -4.65
CA LEU B 373 4.10 17.96 -4.88
C LEU B 373 4.41 18.63 -6.22
N ILE B 374 5.33 19.58 -6.21
CA ILE B 374 5.70 20.29 -7.43
C ILE B 374 6.73 19.44 -8.18
N LEU B 375 6.35 18.98 -9.37
CA LEU B 375 7.19 18.11 -10.18
C LEU B 375 7.62 18.87 -11.43
N ILE B 376 8.93 18.92 -11.66
CA ILE B 376 9.50 19.65 -12.80
C ILE B 376 10.00 18.60 -13.78
N TRP B 377 9.25 18.39 -14.86
CA TRP B 377 9.56 17.36 -15.84
C TRP B 377 10.36 17.97 -16.99
N GLN B 378 11.46 17.32 -17.35
CA GLN B 378 12.27 17.75 -18.49
C GLN B 378 12.29 16.64 -19.54
N PRO B 379 11.76 16.88 -20.73
CA PRO B 379 11.75 15.83 -21.75
C PRO B 379 13.13 15.63 -22.37
N LEU B 380 13.36 14.42 -22.86
CA LEU B 380 14.58 14.09 -23.57
C LEU B 380 14.23 13.33 -24.84
N VAL B 381 15.03 13.53 -25.89
CA VAL B 381 14.77 12.96 -27.20
C VAL B 381 15.99 12.15 -27.62
N GLN B 382 15.83 11.40 -28.72
CA GLN B 382 16.87 10.55 -29.28
C GLN B 382 17.22 9.42 -28.32
N LYS B 383 18.23 8.63 -28.64
CA LYS B 383 18.64 7.53 -27.80
C LYS B 383 20.10 7.17 -28.08
N GLY B 391 22.81 8.35 -30.94
CA GLY B 391 23.72 7.55 -30.14
C GLY B 391 23.20 6.15 -29.86
N SER B 392 24.03 5.34 -29.20
CA SER B 392 23.68 3.97 -28.86
C SER B 392 23.66 3.71 -27.37
N VAL B 393 24.70 4.14 -26.65
CA VAL B 393 24.83 3.85 -25.23
C VAL B 393 25.09 5.16 -24.48
N ASN B 394 24.85 5.13 -23.18
CA ASN B 394 25.01 6.30 -22.32
C ASN B 394 25.70 5.89 -21.02
N LEU B 395 26.28 6.88 -20.35
CA LEU B 395 26.97 6.63 -19.09
C LEU B 395 26.00 6.17 -18.02
N ARG B 396 26.46 5.27 -17.14
CA ARG B 396 25.67 4.70 -16.08
C ARG B 396 26.29 5.05 -14.73
N ARG B 397 25.46 5.52 -13.81
CA ARG B 397 25.90 5.91 -12.48
C ARG B 397 24.97 5.33 -11.43
N ARG B 398 25.53 4.95 -10.29
CA ARG B 398 24.79 4.34 -9.19
C ARG B 398 24.98 5.13 -7.91
N ARG B 399 23.97 5.10 -7.05
CA ARG B 399 24.01 5.82 -5.79
C ARG B 399 23.20 5.05 -4.74
N ASP B 400 23.44 5.37 -3.48
CA ASP B 400 22.74 4.75 -2.37
C ASP B 400 22.65 5.73 -1.22
N LEU B 401 21.69 5.48 -0.33
CA LEU B 401 21.46 6.32 0.84
C LEU B 401 21.32 5.45 2.08
N VAL B 402 21.71 6.01 3.23
CA VAL B 402 21.64 5.23 4.50
C VAL B 402 20.72 5.97 5.48
N ASP B 403 19.73 6.70 4.96
CA ASP B 403 18.82 7.46 5.81
C ASP B 403 18.10 6.53 6.78
N VAL B 404 17.85 7.05 7.98
CA VAL B 404 17.20 6.27 9.05
C VAL B 404 15.70 6.46 8.95
N LYS B 405 14.97 5.35 8.95
CA LYS B 405 13.52 5.41 8.85
C LYS B 405 12.90 5.98 10.13
N SER B 406 11.91 6.85 9.96
CA SER B 406 11.12 7.35 11.07
C SER B 406 9.62 7.30 10.84
N ARG B 407 9.16 7.30 9.59
CA ARG B 407 7.73 7.27 9.27
C ARG B 407 7.60 6.91 7.79
N HIS B 408 6.36 6.87 7.32
CA HIS B 408 6.07 6.59 5.91
C HIS B 408 4.84 7.40 5.53
N ASP B 409 5.05 8.57 4.92
CA ASP B 409 3.96 9.47 4.57
C ASP B 409 3.54 9.37 3.11
N ILE B 410 4.37 8.78 2.25
CA ILE B 410 4.12 8.80 0.81
C ILE B 410 4.02 7.38 0.26
N LEU B 411 3.51 6.45 1.06
CA LEU B 411 3.36 5.08 0.57
C LEU B 411 2.40 4.98 -0.61
N TYR B 412 1.56 6.00 -0.82
CA TYR B 412 0.60 5.93 -1.92
C TYR B 412 1.29 5.94 -3.29
N VAL B 413 2.41 6.66 -3.42
CA VAL B 413 3.14 6.62 -4.68
C VAL B 413 3.71 5.23 -4.93
N GLN B 414 4.14 4.55 -3.86
CA GLN B 414 4.62 3.18 -4.02
C GLN B 414 3.49 2.23 -4.41
N LEU B 415 2.30 2.44 -3.84
CA LEU B 415 1.14 1.66 -4.24
C LEU B 415 0.82 1.86 -5.71
N GLN B 416 0.84 3.12 -6.17
CA GLN B 416 0.59 3.41 -7.58
C GLN B 416 1.65 2.79 -8.47
N TYR B 417 2.91 2.84 -8.06
CA TYR B 417 3.98 2.22 -8.83
C TYR B 417 3.79 0.71 -8.92
N LEU B 418 3.39 0.08 -7.81
CA LEU B 418 3.15 -1.35 -7.82
C LEU B 418 2.04 -1.71 -8.81
N TYR B 419 0.93 -0.96 -8.76
CA TYR B 419 -0.16 -1.23 -9.69
C TYR B 419 0.30 -1.05 -11.14
N ASP B 420 1.03 0.03 -11.41
CA ASP B 420 1.46 0.31 -12.78
C ASP B 420 2.40 -0.78 -13.29
N THR B 421 3.35 -1.20 -12.46
CA THR B 421 4.31 -2.23 -12.87
C THR B 421 3.59 -3.54 -13.15
N LEU B 422 2.71 -3.96 -12.25
CA LEU B 422 2.02 -5.24 -12.46
C LEU B 422 1.12 -5.17 -13.68
N LYS B 423 0.41 -4.05 -13.87
CA LYS B 423 -0.43 -3.92 -15.05
C LYS B 423 0.38 -3.97 -16.34
N ASP B 424 1.54 -3.29 -16.36
CA ASP B 424 2.37 -3.30 -17.56
C ASP B 424 2.86 -4.71 -17.86
N TYR B 425 3.34 -5.43 -16.85
CA TYR B 425 3.82 -6.78 -17.09
C TYR B 425 2.71 -7.69 -17.58
N ILE B 426 1.53 -7.62 -16.94
CA ILE B 426 0.43 -8.48 -17.34
C ILE B 426 0.00 -8.18 -18.77
N ASN B 427 -0.09 -6.89 -19.12
CA ASN B 427 -0.48 -6.51 -20.47
C ASN B 427 0.53 -7.03 -21.49
N ASP B 428 1.83 -6.87 -21.21
CA ASP B 428 2.84 -7.35 -22.15
C ASP B 428 2.75 -8.86 -22.34
N ALA B 429 2.66 -9.60 -21.23
CA ALA B 429 2.62 -11.05 -21.31
C ALA B 429 1.39 -11.52 -22.08
N LEU B 430 0.22 -10.94 -21.78
CA LEU B 430 -0.99 -11.39 -22.45
C LEU B 430 -1.03 -10.96 -23.91
N GLY B 431 -0.42 -9.82 -24.26
CA GLY B 431 -0.32 -9.45 -25.66
C GLY B 431 0.56 -10.40 -26.44
N ASN B 432 1.70 -10.79 -25.87
CA ASN B 432 2.56 -11.77 -26.54
C ASN B 432 1.84 -13.10 -26.68
N LEU B 433 1.11 -13.51 -25.64
CA LEU B 433 0.33 -14.73 -25.71
C LEU B 433 -0.73 -14.66 -26.81
N ALA B 434 -1.38 -13.50 -26.94
CA ALA B 434 -2.39 -13.34 -27.98
C ALA B 434 -1.78 -13.43 -29.38
N GLU B 435 -0.61 -12.82 -29.57
CA GLU B 435 0.06 -12.92 -30.87
C GLU B 435 0.42 -14.36 -31.19
N SER B 436 0.99 -15.08 -30.23
CA SER B 436 1.34 -16.49 -30.45
C SER B 436 0.09 -17.31 -30.73
N TRP B 437 -1.00 -17.02 -30.03
CA TRP B 437 -2.26 -17.72 -30.27
C TRP B 437 -2.77 -17.46 -31.68
N CYS B 438 -2.66 -16.22 -32.14
CA CYS B 438 -3.05 -15.91 -33.52
C CYS B 438 -2.25 -16.74 -34.51
N LEU B 439 -0.93 -16.79 -34.32
CA LEU B 439 -0.10 -17.56 -35.24
C LEU B 439 -0.46 -19.04 -35.23
N ASP B 440 -0.65 -19.60 -34.03
CA ASP B 440 -0.99 -21.01 -33.92
C ASP B 440 -2.34 -21.29 -34.56
N GLN B 441 -3.31 -20.42 -34.36
CA GLN B 441 -4.62 -20.61 -34.95
C GLN B 441 -4.57 -20.54 -36.47
N LYS B 442 -3.76 -19.62 -37.02
CA LYS B 442 -3.62 -19.54 -38.46
C LYS B 442 -3.02 -20.83 -39.02
N ARG B 443 -1.97 -21.34 -38.38
CA ARG B 443 -1.37 -22.58 -38.84
C ARG B 443 -2.36 -23.74 -38.72
N THR B 444 -3.13 -23.78 -37.62
CA THR B 444 -4.11 -24.84 -37.45
C THR B 444 -5.20 -24.76 -38.51
N ILE B 445 -5.58 -23.55 -38.91
CA ILE B 445 -6.58 -23.39 -39.97
C ILE B 445 -6.04 -23.92 -41.28
N THR B 446 -4.79 -23.61 -41.60
CA THR B 446 -4.18 -24.16 -42.81
C THR B 446 -4.14 -25.68 -42.76
N MET B 447 -3.78 -26.24 -41.61
CA MET B 447 -3.72 -27.69 -41.45
C MET B 447 -5.10 -28.32 -41.60
N LEU B 448 -6.12 -27.68 -41.04
CA LEU B 448 -7.48 -28.17 -41.19
C LEU B 448 -7.92 -28.16 -42.65
N HIS B 449 -7.58 -27.09 -43.37
CA HIS B 449 -7.92 -27.04 -44.79
C HIS B 449 -7.24 -28.17 -45.56
N GLU B 450 -5.99 -28.45 -45.24
CA GLU B 450 -5.30 -29.55 -45.91
C GLU B 450 -5.90 -30.89 -45.54
N LEU B 451 -6.32 -31.06 -44.28
CA LEU B 451 -6.89 -32.34 -43.85
C LEU B 451 -8.27 -32.58 -44.44
N SER B 452 -9.05 -31.51 -44.66
CA SER B 452 -10.40 -31.67 -45.15
C SER B 452 -10.46 -32.32 -46.53
N LYS B 453 -9.38 -32.23 -47.31
CA LYS B 453 -9.37 -32.86 -48.62
C LYS B 453 -9.32 -34.38 -48.55
N ILE B 454 -9.07 -34.95 -47.37
CA ILE B 454 -8.98 -36.40 -47.20
C ILE B 454 -10.25 -36.94 -46.54
N SER B 455 -10.64 -36.38 -45.41
CA SER B 455 -11.84 -36.79 -44.67
C SER B 455 -12.69 -35.56 -44.39
N PRO B 456 -13.37 -35.04 -45.41
CA PRO B 456 -14.11 -33.78 -45.23
C PRO B 456 -15.20 -33.85 -44.18
N SER B 457 -15.89 -34.98 -44.06
CA SER B 457 -17.06 -35.04 -43.20
C SER B 457 -16.72 -34.75 -41.75
N SER B 458 -15.73 -35.47 -41.20
CA SER B 458 -15.40 -35.30 -39.79
C SER B 458 -14.86 -33.91 -39.50
N ILE B 459 -13.98 -33.40 -40.36
CA ILE B 459 -13.37 -32.09 -40.12
C ILE B 459 -14.43 -31.00 -40.17
N VAL B 460 -15.28 -31.03 -41.20
CA VAL B 460 -16.29 -29.99 -41.33
C VAL B 460 -17.32 -30.10 -40.21
N SER B 461 -17.65 -31.32 -39.78
CA SER B 461 -18.57 -31.48 -38.66
C SER B 461 -17.96 -30.91 -37.37
N GLU B 462 -16.67 -31.17 -37.13
CA GLU B 462 -16.03 -30.65 -35.94
C GLU B 462 -15.98 -29.12 -35.95
N VAL B 463 -15.64 -28.53 -37.10
CA VAL B 463 -15.59 -27.07 -37.18
C VAL B 463 -16.98 -26.48 -37.02
N TYR B 464 -17.98 -27.07 -37.69
CA TYR B 464 -19.35 -26.58 -37.62
C TYR B 464 -19.96 -26.77 -36.24
N GLY B 465 -19.57 -27.83 -35.54
CA GLY B 465 -20.14 -28.16 -34.25
C GLY B 465 -21.38 -29.03 -34.31
N ARG B 466 -21.87 -29.37 -35.49
CA ARG B 466 -23.05 -30.19 -35.66
C ARG B 466 -22.78 -31.27 -36.70
N PRO B 467 -23.23 -32.50 -36.45
CA PRO B 467 -22.95 -33.59 -37.40
C PRO B 467 -23.62 -33.36 -38.74
N ILE B 468 -22.79 -33.19 -39.78
CA ILE B 468 -23.26 -33.00 -41.14
C ILE B 468 -22.42 -33.88 -42.07
N SER B 469 -22.69 -33.77 -43.37
CA SER B 469 -21.93 -34.49 -44.38
C SER B 469 -21.40 -33.49 -45.40
N ALA B 470 -20.15 -33.70 -45.82
CA ALA B 470 -19.51 -32.83 -46.80
C ALA B 470 -18.78 -33.68 -47.82
N GLN B 471 -18.58 -33.10 -49.00
CA GLN B 471 -17.89 -33.78 -50.09
C GLN B 471 -17.11 -32.76 -50.89
N LEU B 472 -15.90 -33.14 -51.30
CA LEU B 472 -15.01 -32.23 -52.01
C LEU B 472 -15.45 -32.11 -53.46
N HIS B 473 -16.04 -30.97 -53.82
CA HIS B 473 -16.48 -30.71 -55.19
C HIS B 473 -15.40 -29.91 -55.92
N GLY B 474 -14.30 -30.58 -56.21
CA GLY B 474 -13.17 -29.94 -56.86
C GLY B 474 -12.20 -29.32 -55.88
N ASP B 475 -12.32 -28.01 -55.65
CA ASP B 475 -11.46 -27.32 -54.70
C ASP B 475 -12.22 -26.72 -53.53
N VAL B 476 -13.55 -26.88 -53.47
CA VAL B 476 -14.35 -26.38 -52.38
C VAL B 476 -15.23 -27.52 -51.86
N LEU B 477 -15.69 -27.36 -50.62
CA LEU B 477 -16.51 -28.36 -49.96
C LEU B 477 -17.97 -28.01 -50.14
N ALA B 478 -18.76 -28.99 -50.58
CA ALA B 478 -20.20 -28.82 -50.78
C ALA B 478 -20.90 -29.66 -49.71
N ILE B 479 -21.21 -29.02 -48.59
CA ILE B 479 -21.85 -29.73 -47.50
C ILE B 479 -23.32 -30.00 -47.84
N SER B 480 -23.91 -30.95 -47.11
CA SER B 480 -25.30 -31.32 -47.33
C SER B 480 -25.96 -31.55 -45.98
N LYS B 481 -26.78 -30.60 -45.54
CA LYS B 481 -27.59 -30.81 -44.35
C LYS B 481 -28.50 -32.00 -44.56
N CYS B 482 -28.59 -32.86 -43.55
CA CYS B 482 -29.33 -34.09 -43.69
C CYS B 482 -30.06 -34.42 -42.39
N ILE B 483 -31.12 -35.21 -42.51
CA ILE B 483 -32.08 -35.40 -41.44
C ILE B 483 -31.80 -36.71 -40.72
N GLU B 484 -32.44 -36.88 -39.57
CA GLU B 484 -32.30 -38.07 -38.74
C GLU B 484 -33.28 -39.16 -39.19
N VAL B 485 -33.13 -40.34 -38.57
CA VAL B 485 -34.08 -41.43 -38.75
C VAL B 485 -34.36 -42.03 -37.38
N ASN B 486 -35.44 -42.80 -37.31
CA ASN B 486 -35.86 -43.38 -36.04
C ASN B 486 -34.80 -44.35 -35.51
N GLN B 487 -34.70 -44.42 -34.19
CA GLN B 487 -33.66 -45.21 -33.53
C GLN B 487 -34.05 -46.67 -33.37
N SER B 488 -35.25 -47.07 -33.81
CA SER B 488 -35.66 -48.46 -33.77
C SER B 488 -35.36 -49.15 -35.10
N SER B 489 -35.38 -50.48 -35.07
CA SER B 489 -35.15 -51.31 -36.25
C SER B 489 -33.81 -50.98 -36.91
N VAL B 490 -32.78 -50.74 -36.09
CA VAL B 490 -31.43 -50.52 -36.58
C VAL B 490 -30.71 -51.85 -36.42
N GLN B 491 -30.73 -52.67 -37.47
CA GLN B 491 -30.19 -54.01 -37.44
C GLN B 491 -28.97 -54.11 -38.36
N LEU B 492 -27.96 -54.84 -37.90
CA LEU B 492 -26.74 -55.05 -38.65
C LEU B 492 -26.61 -56.53 -39.01
N TYR B 493 -26.46 -56.81 -40.30
CA TYR B 493 -26.25 -58.19 -40.73
C TYR B 493 -24.92 -58.71 -40.21
N LYS B 494 -24.94 -59.92 -39.67
CA LYS B 494 -23.76 -60.52 -39.06
C LYS B 494 -22.82 -61.17 -40.09
N SER B 495 -22.98 -60.87 -41.37
CA SER B 495 -22.11 -61.41 -42.41
C SER B 495 -21.72 -60.29 -43.36
N MET B 496 -20.41 -60.08 -43.50
CA MET B 496 -19.89 -59.08 -44.42
C MET B 496 -19.60 -59.66 -45.81
N ARG B 497 -19.79 -60.97 -45.99
CA ARG B 497 -19.56 -61.59 -47.28
C ARG B 497 -20.60 -61.15 -48.29
N VAL B 498 -20.17 -61.02 -49.54
CA VAL B 498 -21.07 -60.70 -50.65
C VAL B 498 -21.67 -61.99 -51.16
N VAL B 499 -23.00 -62.08 -51.10
CA VAL B 499 -23.73 -63.29 -51.49
C VAL B 499 -24.44 -63.02 -52.80
N ASP B 500 -24.25 -63.92 -53.78
CA ASP B 500 -24.86 -63.76 -55.08
C ASP B 500 -26.37 -63.90 -54.99
N ALA B 501 -27.04 -63.50 -56.08
CA ALA B 501 -28.50 -63.58 -56.13
C ALA B 501 -29.01 -65.02 -55.98
N LYS B 502 -28.18 -66.00 -56.30
CA LYS B 502 -28.53 -67.41 -56.15
C LYS B 502 -28.10 -67.96 -54.79
N GLY B 503 -27.91 -67.09 -53.80
CA GLY B 503 -27.47 -67.53 -52.48
C GLY B 503 -26.08 -68.13 -52.47
N VAL B 504 -25.15 -67.56 -53.25
CA VAL B 504 -23.79 -68.05 -53.34
C VAL B 504 -22.86 -66.96 -52.83
N ARG B 505 -22.06 -67.28 -51.82
CA ARG B 505 -21.10 -66.32 -51.28
C ARG B 505 -19.95 -66.14 -52.26
N SER B 506 -19.58 -64.89 -52.51
CA SER B 506 -18.48 -64.56 -53.41
C SER B 506 -17.20 -64.49 -52.58
N GLU B 507 -16.28 -65.43 -52.81
CA GLU B 507 -15.04 -65.48 -52.06
C GLU B 507 -14.07 -64.38 -52.45
N THR B 508 -14.32 -63.67 -53.55
CA THR B 508 -13.44 -62.60 -54.01
C THR B 508 -13.98 -61.20 -53.71
N MET B 509 -15.24 -61.09 -53.28
CA MET B 509 -15.85 -59.80 -52.97
C MET B 509 -16.39 -59.85 -51.54
N CYS B 510 -15.96 -58.89 -50.72
CA CYS B 510 -16.42 -58.78 -49.34
C CYS B 510 -16.66 -57.31 -49.03
N TYR B 511 -17.74 -57.03 -48.30
CA TYR B 511 -18.08 -55.67 -47.95
C TYR B 511 -17.07 -55.12 -46.94
N ASN B 512 -16.56 -53.91 -47.21
CA ASN B 512 -15.64 -53.28 -46.27
C ASN B 512 -16.34 -52.82 -45.01
N ARG B 513 -17.64 -52.56 -45.07
CA ARG B 513 -18.40 -52.11 -43.93
C ARG B 513 -19.64 -52.99 -43.75
N PRO B 514 -20.10 -53.18 -42.52
CA PRO B 514 -21.29 -54.02 -42.30
C PRO B 514 -22.53 -53.41 -42.93
N LEU B 515 -23.41 -54.29 -43.40
CA LEU B 515 -24.68 -53.86 -43.96
C LEU B 515 -25.69 -53.66 -42.84
N VAL B 516 -26.34 -52.50 -42.83
CA VAL B 516 -27.25 -52.10 -41.77
C VAL B 516 -28.63 -51.84 -42.36
N THR B 517 -29.66 -52.26 -41.66
CA THR B 517 -31.04 -52.03 -42.06
C THR B 517 -31.70 -51.08 -41.07
N PHE B 518 -32.43 -50.10 -41.60
CA PHE B 518 -33.11 -49.11 -40.79
C PHE B 518 -34.53 -48.91 -41.32
N SER B 519 -35.40 -48.40 -40.45
CA SER B 519 -36.80 -48.21 -40.76
C SER B 519 -37.16 -46.74 -41.01
N PHE B 520 -36.17 -45.93 -41.37
CA PHE B 520 -36.37 -44.50 -41.67
C PHE B 520 -36.95 -43.86 -40.41
N VAL B 521 -38.06 -43.12 -40.50
CA VAL B 521 -38.69 -42.55 -39.31
C VAL B 521 -39.70 -43.54 -38.78
N ASN B 522 -40.08 -43.38 -37.50
CA ASN B 522 -41.03 -44.28 -36.88
C ASN B 522 -42.43 -44.16 -37.48
N SER B 523 -42.76 -43.00 -38.07
CA SER B 523 -44.04 -42.86 -38.75
C SER B 523 -44.13 -43.74 -40.00
N THR B 524 -43.00 -44.21 -40.51
CA THR B 524 -42.97 -45.10 -41.67
C THR B 524 -42.41 -46.45 -41.24
N PRO B 525 -43.25 -47.47 -41.06
CA PRO B 525 -42.74 -48.78 -40.61
C PRO B 525 -41.96 -49.54 -41.66
N GLU B 526 -41.86 -49.02 -42.89
CA GLU B 526 -41.11 -49.70 -43.94
C GLU B 526 -39.64 -49.79 -43.57
N VAL B 527 -39.00 -50.90 -43.95
CA VAL B 527 -37.60 -51.15 -43.64
C VAL B 527 -36.83 -51.30 -44.94
N VAL B 528 -35.68 -50.61 -45.03
CA VAL B 528 -34.84 -50.64 -46.21
C VAL B 528 -33.39 -50.79 -45.76
N LEU B 529 -32.64 -51.61 -46.49
CA LEU B 529 -31.28 -51.99 -46.14
C LEU B 529 -30.29 -50.97 -46.66
N GLY B 530 -29.29 -50.64 -45.85
CA GLY B 530 -28.22 -49.75 -46.25
C GLY B 530 -26.86 -50.25 -45.81
N GLN B 531 -25.84 -49.40 -45.86
CA GLN B 531 -24.49 -49.74 -45.43
C GLN B 531 -24.02 -48.76 -44.36
N LEU B 532 -23.38 -49.29 -43.33
CA LEU B 532 -22.87 -48.47 -42.24
C LEU B 532 -21.68 -47.64 -42.70
N GLY B 533 -21.64 -46.39 -42.26
CA GLY B 533 -20.53 -45.51 -42.58
C GLY B 533 -19.67 -45.18 -41.38
N LEU B 534 -19.48 -43.90 -41.11
CA LEU B 534 -18.64 -43.43 -40.00
C LEU B 534 -19.46 -42.57 -39.05
N ASP B 535 -19.23 -42.76 -37.75
CA ASP B 535 -19.90 -42.01 -36.70
C ASP B 535 -21.42 -42.13 -36.83
N ASN B 536 -21.90 -43.36 -36.97
CA ASN B 536 -23.32 -43.68 -37.09
C ASN B 536 -23.94 -42.93 -38.27
N GLU B 537 -23.39 -43.20 -39.45
CA GLU B 537 -23.90 -42.65 -40.70
C GLU B 537 -24.22 -43.78 -41.65
N ILE B 538 -25.34 -43.65 -42.35
CA ILE B 538 -25.79 -44.66 -43.30
C ILE B 538 -25.77 -44.05 -44.69
N LEU B 539 -25.65 -44.91 -45.70
CA LEU B 539 -25.67 -44.48 -47.09
C LEU B 539 -26.17 -45.61 -47.96
N LEU B 540 -27.06 -45.29 -48.90
CA LEU B 540 -27.60 -46.26 -49.84
C LEU B 540 -26.73 -46.29 -51.09
N GLY B 541 -27.23 -46.95 -52.13
CA GLY B 541 -26.50 -47.08 -53.38
C GLY B 541 -25.70 -48.37 -53.44
N ASP B 542 -24.75 -48.38 -54.38
CA ASP B 542 -23.88 -49.53 -54.56
C ASP B 542 -22.99 -49.69 -53.34
N HIS B 543 -23.23 -50.73 -52.56
CA HIS B 543 -22.44 -50.97 -51.35
C HIS B 543 -20.98 -51.22 -51.70
N ARG B 544 -20.08 -50.55 -50.98
CA ARG B 544 -18.66 -50.70 -51.23
C ARG B 544 -18.18 -52.09 -50.84
N THR B 545 -17.20 -52.59 -51.58
CA THR B 545 -16.67 -53.93 -51.34
C THR B 545 -15.24 -53.99 -51.86
N GLU B 546 -14.52 -55.04 -51.43
CA GLU B 546 -13.15 -55.25 -51.83
C GLU B 546 -12.83 -56.74 -51.73
N GLU B 547 -11.60 -57.09 -52.09
CA GLU B 547 -11.17 -58.48 -52.04
C GLU B 547 -11.17 -58.99 -50.60
N CYS B 548 -11.66 -60.21 -50.42
CA CYS B 548 -11.69 -60.82 -49.10
C CYS B 548 -10.28 -61.23 -48.66
N GLU B 549 -10.07 -61.20 -47.35
CA GLU B 549 -8.81 -61.64 -46.75
C GLU B 549 -9.13 -62.69 -45.69
N ILE B 550 -8.41 -63.81 -45.73
CA ILE B 550 -8.65 -64.88 -44.75
C ILE B 550 -8.39 -64.41 -43.32
N PRO B 551 -7.25 -63.77 -42.99
CA PRO B 551 -7.12 -63.21 -41.65
C PRO B 551 -7.68 -61.79 -41.56
N SER B 552 -8.72 -61.60 -40.74
CA SER B 552 -9.34 -60.31 -40.61
C SER B 552 -9.99 -60.21 -39.23
N THR B 553 -9.72 -59.11 -38.53
CA THR B 553 -10.26 -58.87 -37.20
C THR B 553 -10.77 -57.42 -37.12
N LYS B 554 -11.53 -57.01 -38.13
CA LYS B 554 -12.02 -55.64 -38.18
C LYS B 554 -13.00 -55.37 -37.04
N ILE B 555 -12.93 -54.15 -36.50
CA ILE B 555 -13.83 -53.70 -35.44
C ILE B 555 -14.51 -52.43 -35.92
N PHE B 556 -15.83 -52.36 -35.78
CA PHE B 556 -16.62 -51.24 -36.26
C PHE B 556 -17.32 -50.59 -35.07
N LEU B 557 -17.28 -49.26 -35.02
CA LEU B 557 -17.92 -48.51 -33.95
C LEU B 557 -19.30 -48.04 -34.42
N SER B 558 -20.32 -48.32 -33.60
CA SER B 558 -21.69 -47.94 -33.93
C SER B 558 -22.43 -47.64 -32.64
N GLY B 559 -22.94 -46.42 -32.52
CA GLY B 559 -23.64 -46.03 -31.31
C GLY B 559 -22.70 -46.08 -30.12
N ASN B 560 -23.07 -46.89 -29.13
CA ASN B 560 -22.26 -47.10 -27.94
C ASN B 560 -21.96 -48.58 -27.75
N HIS B 561 -21.59 -49.25 -28.85
CA HIS B 561 -21.30 -50.69 -28.80
C HIS B 561 -20.37 -51.03 -29.94
N ALA B 562 -19.14 -51.42 -29.62
CA ALA B 562 -18.21 -51.89 -30.63
C ALA B 562 -18.59 -53.29 -31.10
N HIS B 563 -18.46 -53.53 -32.40
CA HIS B 563 -18.77 -54.82 -33.00
C HIS B 563 -17.52 -55.40 -33.64
N VAL B 564 -17.24 -56.66 -33.34
CA VAL B 564 -16.05 -57.35 -33.83
C VAL B 564 -16.45 -58.24 -34.99
N TYR B 565 -15.70 -58.16 -36.08
CA TYR B 565 -15.97 -58.94 -37.29
C TYR B 565 -14.71 -59.73 -37.64
N THR B 566 -14.74 -61.04 -37.41
CA THR B 566 -13.65 -61.94 -37.79
C THR B 566 -14.10 -62.78 -38.98
N ASP B 567 -13.24 -62.88 -39.99
CA ASP B 567 -13.56 -63.58 -41.23
C ASP B 567 -14.85 -63.04 -41.86
N TYR B 568 -15.01 -61.72 -41.79
CA TYR B 568 -16.16 -61.03 -42.39
C TYR B 568 -17.49 -61.51 -41.82
N THR B 569 -17.49 -61.92 -40.55
CA THR B 569 -18.73 -62.26 -39.86
C THR B 569 -18.64 -61.79 -38.42
N HIS B 570 -19.80 -61.48 -37.84
CA HIS B 570 -19.85 -60.97 -36.48
C HIS B 570 -19.51 -62.08 -35.48
N THR B 571 -18.77 -61.71 -34.44
CA THR B 571 -18.39 -62.65 -33.39
C THR B 571 -18.73 -62.15 -31.99
N ASN B 572 -18.60 -60.84 -31.75
CA ASN B 572 -18.83 -60.30 -30.42
C ASN B 572 -19.28 -58.84 -30.54
N SER B 573 -19.92 -58.36 -29.47
CA SER B 573 -20.38 -56.99 -29.40
C SER B 573 -20.22 -56.50 -27.97
N THR B 574 -19.36 -55.51 -27.77
CA THR B 574 -19.02 -55.03 -26.44
C THR B 574 -19.18 -53.51 -26.37
N PRO B 575 -19.44 -52.98 -25.19
CA PRO B 575 -19.53 -51.52 -25.05
C PRO B 575 -18.20 -50.85 -25.35
N ILE B 576 -18.29 -49.61 -25.83
CA ILE B 576 -17.09 -48.86 -26.22
C ILE B 576 -16.20 -48.58 -25.02
N GLU B 577 -16.78 -48.51 -23.81
CA GLU B 577 -16.00 -48.17 -22.63
C GLU B 577 -14.97 -49.26 -22.28
N ASP B 578 -15.08 -50.45 -22.86
CA ASP B 578 -14.14 -51.52 -22.52
C ASP B 578 -12.74 -51.21 -23.03
N ILE B 579 -12.62 -50.69 -24.25
CA ILE B 579 -11.31 -50.38 -24.80
C ILE B 579 -10.83 -49.06 -24.23
N GLU B 580 -9.58 -49.03 -23.78
CA GLU B 580 -9.04 -47.86 -23.10
C GLU B 580 -8.91 -46.68 -24.07
N VAL B 581 -8.63 -45.52 -23.50
CA VAL B 581 -8.64 -44.26 -24.22
C VAL B 581 -7.25 -43.63 -24.14
N LEU B 582 -6.72 -43.24 -25.30
CA LEU B 582 -5.46 -42.51 -25.32
C LEU B 582 -5.66 -41.13 -24.73
N ASP B 583 -4.75 -40.73 -23.83
CA ASP B 583 -4.83 -39.43 -23.17
C ASP B 583 -4.20 -38.36 -24.05
N ALA B 584 -4.93 -38.02 -25.12
CA ALA B 584 -4.45 -37.00 -26.05
C ALA B 584 -4.64 -35.59 -25.53
N PHE B 585 -5.49 -35.39 -24.52
CA PHE B 585 -5.69 -34.06 -23.95
C PHE B 585 -4.44 -33.60 -23.21
N ILE B 586 -4.10 -32.33 -23.38
CA ILE B 586 -2.98 -31.71 -22.68
C ILE B 586 -3.54 -30.73 -21.67
N ARG B 587 -3.33 -31.01 -20.39
CA ARG B 587 -3.92 -30.20 -19.33
C ARG B 587 -3.17 -28.88 -19.18
N LEU B 588 -3.87 -27.91 -18.60
CA LEU B 588 -3.31 -26.60 -18.27
C LEU B 588 -3.36 -26.46 -16.75
N LYS B 589 -2.24 -26.77 -16.08
CA LYS B 589 -2.19 -26.79 -14.62
C LYS B 589 -2.16 -25.36 -14.11
N ILE B 590 -3.34 -24.75 -14.09
CA ILE B 590 -3.52 -23.39 -13.59
C ILE B 590 -4.68 -23.39 -12.61
N ASP B 591 -4.45 -22.83 -11.42
CA ASP B 591 -5.50 -22.74 -10.42
C ASP B 591 -5.83 -21.28 -10.13
N PRO B 592 -7.10 -20.97 -9.89
CA PRO B 592 -7.48 -19.58 -9.66
C PRO B 592 -6.86 -19.02 -8.39
N LEU B 593 -6.61 -17.72 -8.40
CA LEU B 593 -6.10 -17.04 -7.21
C LEU B 593 -7.16 -16.99 -6.13
N GLU B 594 -6.72 -17.08 -4.88
CA GLU B 594 -7.61 -17.14 -3.74
C GLU B 594 -7.79 -15.75 -3.13
N ASN B 595 -8.92 -15.57 -2.47
CA ASN B 595 -9.18 -14.31 -1.75
C ASN B 595 -8.24 -14.19 -0.57
N ALA B 596 -7.81 -12.97 -0.29
CA ALA B 596 -6.94 -12.68 0.84
C ALA B 596 -7.46 -11.48 1.59
N ASP B 597 -7.44 -11.57 2.92
CA ASP B 597 -7.85 -10.48 3.80
C ASP B 597 -6.61 -9.95 4.50
N PHE B 598 -6.11 -8.82 4.03
CA PHE B 598 -4.95 -8.19 4.66
C PHE B 598 -5.33 -7.71 6.05
N LYS B 599 -4.85 -8.40 7.07
CA LYS B 599 -5.19 -8.03 8.43
C LYS B 599 -4.41 -6.78 8.86
N LEU B 600 -5.05 -5.97 9.68
CA LEU B 600 -4.45 -4.71 10.12
C LEU B 600 -3.35 -4.99 11.14
N LEU B 601 -2.21 -4.34 10.96
CA LEU B 601 -1.04 -4.54 11.82
C LEU B 601 -0.74 -3.24 12.56
N ASP B 602 -0.47 -3.37 13.86
CA ASP B 602 -0.15 -2.23 14.73
C ASP B 602 1.22 -2.49 15.34
N LEU B 603 2.22 -1.71 14.92
CA LEU B 603 3.55 -1.86 15.48
C LEU B 603 3.59 -1.43 16.94
N TYR B 604 3.02 -0.27 17.25
CA TYR B 604 3.01 0.28 18.59
C TYR B 604 1.57 0.48 19.06
N SER B 605 1.24 -0.09 20.20
CA SER B 605 -0.07 0.13 20.79
C SER B 605 -0.22 1.58 21.22
N PRO B 606 -1.44 2.13 21.16
CA PRO B 606 -1.63 3.53 21.55
C PRO B 606 -1.17 3.83 22.98
N ASP B 607 -1.24 2.85 23.87
CA ASP B 607 -0.67 3.01 25.20
C ASP B 607 0.83 3.28 25.11
N GLU B 608 1.53 2.57 24.22
CA GLU B 608 2.96 2.80 24.05
C GLU B 608 3.24 4.20 23.52
N LEU B 609 2.41 4.69 22.59
CA LEU B 609 2.56 6.08 22.14
C LEU B 609 2.32 7.05 23.28
N SER B 610 1.36 6.75 24.16
CA SER B 610 1.12 7.60 25.32
C SER B 610 2.33 7.63 26.24
N ARG B 611 2.97 6.47 26.46
CA ARG B 611 4.09 6.38 27.37
C ARG B 611 5.41 6.82 26.76
N ALA B 612 5.43 7.19 25.49
CA ALA B 612 6.69 7.53 24.82
C ALA B 612 7.11 8.97 25.03
N ASN B 613 6.32 9.78 25.73
CA ASN B 613 6.60 11.19 25.91
C ASN B 613 6.93 11.47 27.38
N VAL B 614 8.04 12.17 27.60
CA VAL B 614 8.40 12.56 28.96
C VAL B 614 7.40 13.57 29.51
N PHE B 615 7.01 14.54 28.70
CA PHE B 615 6.11 15.60 29.12
C PHE B 615 4.73 15.40 28.49
N ASP B 616 3.70 15.38 29.33
CA ASP B 616 2.32 15.30 28.88
C ASP B 616 1.60 16.57 29.32
N LEU B 617 1.07 17.31 28.35
CA LEU B 617 0.44 18.59 28.66
C LEU B 617 -0.79 18.39 29.54
N GLU B 618 -1.63 17.41 29.22
CA GLU B 618 -2.85 17.20 29.99
C GLU B 618 -2.52 16.82 31.44
N ASN B 619 -1.60 15.89 31.62
CA ASN B 619 -1.25 15.46 32.98
C ASN B 619 -0.65 16.60 33.77
N ILE B 620 0.25 17.38 33.16
CA ILE B 620 0.89 18.50 33.84
C ILE B 620 -0.16 19.51 34.27
N LEU B 621 -1.06 19.88 33.35
CA LEU B 621 -2.07 20.87 33.67
C LEU B 621 -3.04 20.38 34.74
N ARG B 622 -3.45 19.10 34.65
CA ARG B 622 -4.36 18.56 35.65
C ARG B 622 -3.73 18.55 37.03
N GLU B 623 -2.48 18.09 37.12
CA GLU B 623 -1.80 18.04 38.40
C GLU B 623 -1.61 19.44 38.97
N TYR B 624 -1.19 20.39 38.13
CA TYR B 624 -0.98 21.76 38.60
C TYR B 624 -2.29 22.38 39.07
N ASN B 625 -3.38 22.17 38.33
CA ASN B 625 -4.66 22.73 38.73
C ASN B 625 -5.17 22.10 40.02
N SER B 626 -4.99 20.79 40.18
CA SER B 626 -5.41 20.14 41.42
C SER B 626 -4.62 20.66 42.60
N TYR B 627 -3.29 20.81 42.43
CA TYR B 627 -2.47 21.35 43.51
C TYR B 627 -2.87 22.78 43.85
N LYS B 628 -3.13 23.61 42.83
CA LYS B 628 -3.53 24.99 43.09
C LYS B 628 -4.89 25.04 43.80
N SER B 629 -5.82 24.18 43.40
CA SER B 629 -7.11 24.13 44.08
C SER B 629 -6.95 23.69 45.53
N ALA B 630 -6.08 22.72 45.79
CA ALA B 630 -5.79 22.32 47.15
C ALA B 630 -4.96 23.35 47.90
N LEU B 631 -4.43 24.35 47.20
CA LEU B 631 -3.64 25.42 47.81
C LEU B 631 -4.50 26.57 48.31
N TYR B 632 -5.77 26.28 48.63
CA TYR B 632 -6.70 27.32 49.13
C TYR B 632 -6.48 27.54 50.63
N THR B 633 -5.23 27.72 51.05
CA THR B 633 -4.92 27.91 52.46
C THR B 633 -4.22 29.25 52.70
N ASP C 25 32.42 -54.67 -50.20
CA ASP C 25 31.20 -55.06 -49.51
C ASP C 25 30.01 -54.30 -50.06
N ASP C 26 28.86 -54.97 -50.14
CA ASP C 26 27.62 -54.37 -50.63
C ASP C 26 26.70 -53.95 -49.50
N TYR C 27 27.26 -53.51 -48.38
CA TYR C 27 26.46 -53.13 -47.22
C TYR C 27 27.13 -51.97 -46.51
N ILE C 28 26.31 -51.18 -45.80
CA ILE C 28 26.77 -50.01 -45.07
C ILE C 28 26.25 -50.10 -43.64
N ARG C 29 27.14 -49.90 -42.67
CA ARG C 29 26.73 -49.91 -41.28
C ARG C 29 25.83 -48.72 -40.99
N ALA C 30 24.74 -48.97 -40.27
CA ALA C 30 23.77 -47.93 -39.96
C ALA C 30 24.24 -47.10 -38.77
N GLY C 31 23.55 -45.98 -38.56
CA GLY C 31 23.79 -45.12 -37.43
C GLY C 31 23.05 -45.57 -36.18
N TYR C 32 22.78 -44.61 -35.30
CA TYR C 32 22.09 -44.91 -34.06
C TYR C 32 21.42 -43.65 -33.54
N ASN C 33 20.20 -43.82 -33.02
CA ASN C 33 19.49 -42.77 -32.31
C ASN C 33 19.05 -43.32 -30.97
N HIS C 34 19.21 -42.51 -29.92
CA HIS C 34 18.94 -42.98 -28.56
C HIS C 34 17.45 -43.09 -28.25
N LYS C 35 16.58 -42.44 -29.03
CA LYS C 35 15.16 -42.47 -28.78
C LYS C 35 14.35 -43.05 -29.93
N TYR C 36 14.97 -43.36 -31.06
CA TYR C 36 14.32 -44.06 -32.17
C TYR C 36 15.21 -45.22 -32.58
N PRO C 37 15.36 -46.22 -31.71
CA PRO C 37 16.27 -47.33 -32.00
C PRO C 37 15.64 -48.34 -32.94
N PHE C 38 16.52 -49.07 -33.64
CA PHE C 38 16.09 -50.07 -34.61
C PHE C 38 15.35 -51.18 -33.89
N ARG C 39 14.04 -51.30 -34.16
CA ARG C 39 13.22 -52.31 -33.50
C ARG C 39 12.41 -53.08 -34.55
N ILE C 40 12.14 -54.33 -34.23
CA ILE C 40 11.27 -55.17 -35.05
C ILE C 40 9.89 -55.21 -34.38
N CYS C 41 8.86 -54.83 -35.12
CA CYS C 41 7.54 -54.66 -34.55
C CYS C 41 6.52 -55.58 -35.19
N SER C 42 6.86 -56.86 -35.30
CA SER C 42 5.90 -57.85 -35.78
C SER C 42 4.68 -57.89 -34.88
N ILE C 43 3.60 -58.50 -35.39
CA ILE C 43 2.33 -58.49 -34.68
C ILE C 43 2.44 -59.25 -33.37
N ALA C 44 3.22 -60.33 -33.35
CA ALA C 44 3.43 -61.13 -32.15
C ALA C 44 2.10 -61.56 -31.53
N LYS C 45 1.65 -60.83 -30.51
CA LYS C 45 0.35 -61.09 -29.89
C LYS C 45 -0.73 -60.11 -30.32
N GLY C 46 -0.35 -58.93 -30.81
CA GLY C 46 -1.34 -57.96 -31.26
C GLY C 46 -2.21 -57.48 -30.12
N THR C 47 -3.52 -57.47 -30.35
CA THR C 47 -4.54 -57.05 -29.38
C THR C 47 -4.24 -55.61 -28.96
N ASP C 48 -4.59 -55.25 -27.73
CA ASP C 48 -4.37 -53.91 -27.18
C ASP C 48 -5.05 -52.85 -28.06
N LEU C 49 -6.36 -52.95 -28.14
CA LEU C 49 -7.15 -51.97 -28.89
C LEU C 49 -7.08 -50.61 -28.22
N MET C 50 -7.09 -49.55 -29.05
CA MET C 50 -7.07 -48.19 -28.55
C MET C 50 -8.05 -47.34 -29.35
N ARG C 51 -8.40 -46.19 -28.77
CA ARG C 51 -9.33 -45.26 -29.41
C ARG C 51 -9.08 -43.87 -28.87
N PHE C 52 -9.60 -42.88 -29.60
CA PHE C 52 -9.48 -41.48 -29.21
C PHE C 52 -10.80 -40.99 -28.63
N ASP C 53 -10.71 -40.27 -27.51
CA ASP C 53 -11.90 -39.76 -26.83
C ASP C 53 -12.31 -38.45 -27.48
N ARG C 54 -13.24 -38.55 -28.43
CA ARG C 54 -13.78 -37.37 -29.09
C ARG C 54 -14.96 -36.77 -28.32
N ASP C 55 -15.37 -37.39 -27.23
CA ASP C 55 -16.52 -36.91 -26.44
C ASP C 55 -15.97 -36.10 -25.27
N ILE C 56 -15.67 -34.84 -25.53
CA ILE C 56 -15.11 -33.93 -24.53
C ILE C 56 -16.02 -32.72 -24.44
N SER C 57 -16.42 -32.38 -23.22
CA SER C 57 -17.23 -31.21 -22.94
C SER C 57 -16.33 -30.07 -22.46
N CYS C 58 -16.47 -28.89 -23.08
CA CYS C 58 -15.70 -27.72 -22.61
C CYS C 58 -16.64 -26.83 -21.80
N SER C 59 -16.10 -25.95 -20.94
CA SER C 59 -16.99 -25.15 -20.06
C SER C 59 -16.82 -23.65 -20.35
N PRO C 60 -17.91 -22.90 -20.59
CA PRO C 60 -17.81 -21.45 -20.77
C PRO C 60 -17.28 -20.88 -19.45
N TYR C 61 -16.27 -20.01 -19.51
CA TYR C 61 -15.65 -19.51 -18.25
C TYR C 61 -16.67 -18.74 -17.41
N LYS C 62 -17.32 -19.40 -16.44
CA LYS C 62 -18.20 -18.70 -15.53
C LYS C 62 -17.43 -18.33 -14.28
N SER C 63 -17.48 -17.05 -13.90
CA SER C 63 -16.77 -16.59 -12.72
C SER C 63 -17.37 -17.21 -11.47
N ASN C 64 -16.51 -17.63 -10.54
CA ASN C 64 -16.95 -18.23 -9.30
C ASN C 64 -17.23 -17.21 -8.21
N ALA C 65 -16.89 -15.94 -8.44
CA ALA C 65 -17.14 -14.91 -7.44
C ALA C 65 -18.63 -14.60 -7.36
N LYS C 66 -19.12 -14.42 -6.13
CA LYS C 66 -20.50 -14.05 -5.89
C LYS C 66 -20.54 -12.56 -5.56
N MET C 67 -21.18 -11.77 -6.42
CA MET C 67 -21.25 -10.33 -6.27
C MET C 67 -22.71 -9.90 -6.19
N SER C 68 -22.96 -8.87 -5.38
CA SER C 68 -24.28 -8.28 -5.25
C SER C 68 -24.18 -6.79 -5.47
N GLU C 69 -25.25 -6.21 -6.01
CA GLU C 69 -25.28 -4.80 -6.36
C GLU C 69 -26.01 -4.00 -5.30
N GLY C 70 -25.57 -2.77 -5.08
CA GLY C 70 -26.19 -1.91 -4.10
C GLY C 70 -25.31 -0.72 -3.82
N PHE C 71 -25.65 0.00 -2.75
CA PHE C 71 -24.88 1.14 -2.30
C PHE C 71 -24.75 1.09 -0.79
N PHE C 72 -23.70 1.70 -0.27
CA PHE C 72 -23.44 1.67 1.17
C PHE C 72 -22.95 3.03 1.64
N ILE C 73 -23.14 3.28 2.93
CA ILE C 73 -22.73 4.52 3.59
C ILE C 73 -21.77 4.16 4.71
N ILE C 74 -20.69 4.92 4.83
CA ILE C 74 -19.64 4.64 5.79
C ILE C 74 -19.64 5.72 6.87
N TYR C 75 -19.66 5.29 8.13
CA TYR C 75 -19.61 6.17 9.28
C TYR C 75 -18.34 5.91 10.08
N LYS C 76 -17.74 6.98 10.58
CA LYS C 76 -16.51 6.90 11.35
C LYS C 76 -16.74 7.43 12.76
N THR C 77 -15.89 6.99 13.68
CA THR C 77 -16.00 7.45 15.06
C THR C 77 -15.70 8.94 15.15
N ASN C 78 -16.52 9.65 15.92
CA ASN C 78 -16.36 11.09 16.08
C ASN C 78 -15.26 11.38 17.07
N ILE C 79 -14.20 12.06 16.61
CA ILE C 79 -13.09 12.44 17.47
C ILE C 79 -13.17 13.89 17.92
N GLU C 80 -14.12 14.66 17.42
CA GLU C 80 -14.27 16.05 17.83
C GLU C 80 -14.69 16.13 19.29
N THR C 81 -14.10 17.07 20.02
CA THR C 81 -14.48 17.28 21.40
C THR C 81 -15.83 17.98 21.48
N TYR C 82 -16.44 17.89 22.66
CA TYR C 82 -17.73 18.53 22.91
C TYR C 82 -17.49 19.92 23.48
N THR C 83 -17.88 20.95 22.74
CA THR C 83 -17.65 22.34 23.11
C THR C 83 -18.95 23.00 23.51
N PHE C 84 -18.95 23.69 24.64
CA PHE C 84 -20.12 24.40 25.15
C PHE C 84 -19.65 25.68 25.81
N PRO C 85 -20.51 26.71 25.82
CA PRO C 85 -20.10 27.97 26.44
C PRO C 85 -20.15 27.91 27.96
N VAL C 86 -19.17 28.55 28.60
CA VAL C 86 -19.06 28.62 30.04
C VAL C 86 -18.84 30.07 30.44
N ARG C 87 -19.62 30.54 31.41
CA ARG C 87 -19.51 31.91 31.91
C ARG C 87 -18.86 31.89 33.29
N THR C 88 -17.86 32.75 33.47
CA THR C 88 -17.11 32.85 34.73
C THR C 88 -17.31 34.22 35.35
N TYR C 89 -17.49 34.25 36.67
CA TYR C 89 -17.66 35.48 37.42
C TYR C 89 -16.60 35.55 38.51
N LYS C 90 -15.91 36.70 38.60
CA LYS C 90 -14.83 36.86 39.56
C LYS C 90 -14.86 38.27 40.14
N ASN C 91 -14.64 38.36 41.45
CA ASN C 91 -14.55 39.63 42.15
C ASN C 91 -13.23 39.67 42.91
N GLU C 92 -12.48 40.76 42.75
CA GLU C 92 -11.14 40.84 43.32
C GLU C 92 -10.86 42.23 43.86
N LEU C 93 -9.93 42.29 44.82
CA LEU C 93 -9.39 43.54 45.35
C LEU C 93 -7.91 43.63 44.99
N THR C 94 -7.48 44.80 44.55
CA THR C 94 -6.09 45.02 44.17
C THR C 94 -5.68 46.43 44.57
N PHE C 95 -4.62 46.53 45.36
CA PHE C 95 -4.04 47.83 45.67
C PHE C 95 -3.38 48.41 44.42
N PRO C 96 -3.20 49.73 44.37
CA PRO C 96 -2.50 50.33 43.21
C PRO C 96 -1.16 49.67 42.95
N THR C 97 -1.06 48.96 41.83
CA THR C 97 0.11 48.13 41.57
C THR C 97 1.33 48.99 41.22
N SER C 98 2.51 48.44 41.52
CA SER C 98 3.79 49.09 41.24
C SER C 98 3.87 50.48 41.86
N TYR C 99 3.38 50.59 43.09
CA TYR C 99 3.49 51.84 43.82
C TYR C 99 4.95 52.14 44.15
N ARG C 100 5.34 53.41 44.02
CA ARG C 100 6.70 53.84 44.31
C ARG C 100 6.71 55.19 45.01
N ASP C 101 5.69 55.49 45.82
CA ASP C 101 5.56 56.81 46.43
C ASP C 101 6.74 57.13 47.35
N HIS C 102 6.90 56.33 48.41
CA HIS C 102 7.93 56.61 49.41
C HIS C 102 9.31 56.29 48.85
N ARG C 103 10.32 56.52 49.70
CA ARG C 103 11.71 56.30 49.28
C ARG C 103 11.96 54.83 48.95
N THR C 104 11.45 53.92 49.77
CA THR C 104 11.62 52.49 49.54
C THR C 104 10.51 51.93 48.65
N THR C 105 10.28 52.59 47.51
CA THR C 105 9.23 52.20 46.57
C THR C 105 7.87 52.09 47.26
N TYR C 106 7.69 52.85 48.34
CA TYR C 106 6.47 52.81 49.16
C TYR C 106 6.12 51.39 49.60
N PHE C 107 7.12 50.50 49.64
CA PHE C 107 6.91 49.07 49.87
C PHE C 107 5.90 48.50 48.87
N LEU C 108 5.83 49.10 47.69
CA LEU C 108 4.85 48.75 46.66
C LEU C 108 3.43 48.83 47.21
N ASP C 109 2.47 48.26 46.47
CA ASP C 109 1.09 48.17 46.95
C ASP C 109 0.38 47.12 46.10
N ARG C 110 -0.13 46.07 46.75
CA ARG C 110 -0.79 45.02 46.01
C ARG C 110 -1.69 44.17 46.90
N THR C 111 -3.00 44.25 46.69
CA THR C 111 -3.93 43.33 47.32
C THR C 111 -4.14 42.10 46.43
N VAL C 112 -4.38 42.32 45.15
CA VAL C 112 -4.29 41.30 44.09
C VAL C 112 -5.33 40.21 44.25
N MET C 113 -5.44 39.64 45.45
CA MET C 113 -6.24 38.43 45.62
C MET C 113 -7.72 38.71 45.36
N GLY C 114 -8.44 37.63 45.03
CA GLY C 114 -9.84 37.74 44.68
C GLY C 114 -10.64 36.58 45.24
N LEU C 115 -11.95 36.66 45.03
CA LEU C 115 -12.87 35.65 45.55
C LEU C 115 -13.98 35.41 44.54
N ALA C 116 -14.59 34.24 44.63
CA ALA C 116 -15.68 33.88 43.73
C ALA C 116 -16.89 34.77 43.97
N MET C 117 -17.52 35.18 42.88
CA MET C 117 -18.72 36.01 42.98
C MET C 117 -19.85 35.22 43.64
N PRO C 118 -20.58 35.83 44.57
CA PRO C 118 -21.70 35.13 45.21
C PRO C 118 -22.82 34.86 44.23
N VAL C 119 -23.65 33.88 44.58
CA VAL C 119 -24.69 33.40 43.68
C VAL C 119 -25.70 34.50 43.37
N TYR C 120 -26.11 35.27 44.39
CA TYR C 120 -27.08 36.32 44.15
C TYR C 120 -26.52 37.41 43.24
N GLU C 121 -25.24 37.75 43.42
CA GLU C 121 -24.61 38.71 42.50
C GLU C 121 -24.54 38.14 41.09
N ALA C 122 -24.32 36.83 40.97
CA ALA C 122 -24.36 36.19 39.65
C ALA C 122 -25.75 36.31 39.04
N ASN C 123 -26.80 36.15 39.84
CA ASN C 123 -28.16 36.32 39.34
C ASN C 123 -28.38 37.75 38.87
N LEU C 124 -27.88 38.72 39.64
CA LEU C 124 -28.01 40.12 39.24
C LEU C 124 -27.29 40.39 37.93
N VAL C 125 -26.10 39.82 37.76
CA VAL C 125 -25.36 39.99 36.51
C VAL C 125 -26.11 39.36 35.36
N ASN C 126 -26.62 38.15 35.55
CA ASN C 126 -27.31 37.44 34.48
C ASN C 126 -28.66 38.03 34.15
N SER C 127 -29.24 38.83 35.05
CA SER C 127 -30.55 39.43 34.82
C SER C 127 -30.46 40.87 34.31
N ARG C 128 -29.81 41.75 35.06
CA ARG C 128 -29.78 43.17 34.74
C ARG C 128 -28.43 43.65 34.24
N ALA C 129 -27.49 42.75 34.00
CA ALA C 129 -26.16 43.10 33.47
C ALA C 129 -25.47 44.14 34.35
N GLN C 130 -25.57 43.97 35.67
CA GLN C 130 -24.90 44.85 36.60
C GLN C 130 -24.53 44.06 37.85
N CYS C 131 -23.58 44.60 38.62
CA CYS C 131 -23.02 43.92 39.77
C CYS C 131 -23.01 44.85 40.97
N TYR C 132 -23.10 44.25 42.16
CA TYR C 132 -23.15 45.01 43.39
C TYR C 132 -21.82 45.70 43.67
N SER C 133 -21.88 46.78 44.46
CA SER C 133 -20.71 47.57 44.80
C SER C 133 -20.03 47.12 46.09
N ALA C 134 -20.59 46.14 46.79
CA ALA C 134 -20.04 45.70 48.07
C ALA C 134 -19.84 44.20 48.05
N VAL C 135 -18.82 43.74 48.78
CA VAL C 135 -18.51 42.32 48.91
C VAL C 135 -18.34 41.99 50.39
N ALA C 136 -18.45 40.70 50.70
CA ALA C 136 -18.31 40.20 52.06
C ALA C 136 -17.08 39.30 52.13
N ILE C 137 -16.27 39.50 53.17
CA ILE C 137 -15.08 38.70 53.40
C ILE C 137 -15.23 37.98 54.73
N LYS C 138 -15.06 36.66 54.71
CA LYS C 138 -15.26 35.82 55.89
C LYS C 138 -13.89 35.38 56.40
N ARG C 139 -13.52 35.88 57.57
CA ARG C 139 -12.29 35.46 58.22
C ARG C 139 -12.47 34.06 58.81
N PRO C 140 -11.36 33.35 59.08
CA PRO C 140 -11.49 32.03 59.70
C PRO C 140 -12.23 32.05 61.04
N ASP C 141 -12.16 33.16 61.78
CA ASP C 141 -12.93 33.27 63.00
C ASP C 141 -14.43 33.23 62.73
N GLY C 142 -14.87 33.89 61.65
CA GLY C 142 -16.27 33.89 61.29
C GLY C 142 -16.83 35.29 61.05
N THR C 143 -16.01 36.31 61.31
CA THR C 143 -16.43 37.68 61.13
C THR C 143 -16.62 38.00 59.65
N VAL C 144 -17.59 38.87 59.36
CA VAL C 144 -17.93 39.27 58.00
C VAL C 144 -17.43 40.69 57.78
N PHE C 145 -16.60 40.87 56.77
CA PHE C 145 -15.99 42.16 56.46
C PHE C 145 -16.74 42.83 55.32
N SER C 146 -16.88 44.15 55.41
CA SER C 146 -17.58 44.94 54.39
C SER C 146 -16.55 45.85 53.72
N ALA C 147 -16.32 45.61 52.43
CA ALA C 147 -15.43 46.43 51.63
C ALA C 147 -16.23 47.12 50.53
N TYR C 148 -15.85 48.36 50.22
CA TYR C 148 -16.60 49.17 49.27
C TYR C 148 -15.64 49.89 48.34
N HIS C 149 -16.13 50.22 47.16
CA HIS C 149 -15.36 50.99 46.19
C HIS C 149 -15.30 52.44 46.64
N GLU C 150 -14.09 52.96 46.81
CA GLU C 150 -13.85 54.33 47.29
C GLU C 150 -14.44 54.56 48.68
N ASP C 151 -14.70 53.48 49.43
CA ASP C 151 -15.25 53.56 50.78
C ASP C 151 -16.56 54.34 50.82
N ASN C 152 -17.35 54.23 49.74
CA ASN C 152 -18.64 54.91 49.69
C ASN C 152 -19.66 54.28 50.64
N ASN C 153 -19.43 53.05 51.09
CA ASN C 153 -20.32 52.34 52.00
C ASN C 153 -21.74 52.25 51.44
N LYS C 154 -21.84 51.99 50.13
CA LYS C 154 -23.12 51.83 49.47
C LYS C 154 -23.14 50.51 48.73
N ASN C 155 -24.21 49.74 48.91
CA ASN C 155 -24.39 48.47 48.20
C ASN C 155 -25.17 48.67 46.91
N GLU C 156 -24.70 49.60 46.07
CA GLU C 156 -25.37 49.92 44.83
C GLU C 156 -24.84 49.03 43.72
N THR C 157 -25.20 49.34 42.47
CA THR C 157 -24.86 48.52 41.33
C THR C 157 -24.02 49.30 40.32
N LEU C 158 -23.20 48.59 39.57
CA LEU C 158 -22.36 49.17 38.53
C LEU C 158 -22.50 48.37 37.25
N GLU C 159 -22.31 49.03 36.12
CA GLU C 159 -22.46 48.40 34.82
C GLU C 159 -21.16 47.73 34.39
N LEU C 160 -21.24 46.95 33.33
CA LEU C 160 -20.11 46.21 32.79
C LEU C 160 -19.74 46.73 31.41
N PHE C 161 -18.44 46.77 31.12
CA PHE C 161 -17.97 47.27 29.84
C PHE C 161 -17.15 46.21 29.11
N PRO C 162 -17.30 46.11 27.79
CA PRO C 162 -16.55 45.10 27.04
C PRO C 162 -15.08 45.49 26.82
N LEU C 163 -14.24 45.18 27.80
CA LEU C 163 -12.82 45.52 27.70
C LEU C 163 -12.17 44.84 26.51
N ASN C 164 -11.22 45.54 25.89
CA ASN C 164 -10.46 45.04 24.75
C ASN C 164 -11.37 44.72 23.57
N PHE C 165 -12.50 45.41 23.48
CA PHE C 165 -13.47 45.24 22.39
C PHE C 165 -13.94 43.78 22.29
N LYS C 166 -14.00 43.09 23.43
CA LYS C 166 -14.46 41.72 23.58
C LYS C 166 -13.54 40.69 22.93
N SER C 167 -12.47 41.12 22.25
CA SER C 167 -11.52 40.23 21.59
C SER C 167 -12.24 39.21 20.70
N VAL C 168 -11.75 37.97 20.69
CA VAL C 168 -12.37 36.88 19.94
C VAL C 168 -12.46 35.67 20.84
N THR C 169 -13.66 35.10 20.94
CA THR C 169 -13.96 33.89 21.72
C THR C 169 -13.63 34.04 23.21
N ASN C 170 -13.29 35.24 23.67
CA ASN C 170 -13.02 35.50 25.08
C ASN C 170 -13.62 36.82 25.50
N LYS C 171 -14.86 37.08 25.10
CA LYS C 171 -15.54 38.32 25.43
C LYS C 171 -15.71 38.44 26.94
N ARG C 172 -15.03 39.40 27.55
CA ARG C 172 -15.08 39.62 28.98
C ARG C 172 -15.57 41.04 29.26
N PHE C 173 -16.45 41.16 30.26
CA PHE C 173 -17.00 42.44 30.67
C PHE C 173 -16.44 42.82 32.04
N ILE C 174 -16.12 44.11 32.20
CA ILE C 174 -15.51 44.61 33.42
C ILE C 174 -16.28 45.85 33.88
N THR C 175 -16.15 46.15 35.17
CA THR C 175 -16.78 47.33 35.74
C THR C 175 -15.78 48.40 36.17
N THR C 176 -14.49 48.08 36.25
CA THR C 176 -13.46 49.01 36.67
C THR C 176 -12.37 49.08 35.60
N LYS C 177 -12.01 50.30 35.21
CA LYS C 177 -10.97 50.52 34.21
C LYS C 177 -9.57 50.53 34.82
N GLU C 178 -9.42 50.02 36.04
CA GLU C 178 -8.14 49.98 36.75
C GLU C 178 -7.47 51.36 36.82
N PRO C 179 -8.11 52.35 37.44
CA PRO C 179 -7.46 53.66 37.60
C PRO C 179 -6.64 53.73 38.88
N TYR C 180 -6.04 54.89 39.14
CA TYR C 180 -5.33 55.08 40.40
C TYR C 180 -6.30 55.09 41.56
N PHE C 181 -5.94 54.41 42.64
CA PHE C 181 -6.79 54.28 43.82
C PHE C 181 -6.14 54.98 45.00
N ALA C 182 -6.91 55.11 46.07
CA ALA C 182 -6.42 55.77 47.28
C ALA C 182 -5.32 54.94 47.93
N ARG C 183 -4.24 55.61 48.33
CA ARG C 183 -3.13 54.94 48.99
C ARG C 183 -2.28 55.98 49.69
N GLY C 184 -1.46 55.50 50.62
CA GLY C 184 -0.51 56.35 51.31
C GLY C 184 0.53 55.53 52.05
N PRO C 185 1.81 55.84 51.83
CA PRO C 185 2.86 55.06 52.47
C PRO C 185 3.23 55.57 53.86
N LEU C 186 3.02 54.75 54.87
CA LEU C 186 3.55 55.00 56.21
C LEU C 186 4.90 54.30 56.39
N ALA C 187 5.81 54.55 55.43
CA ALA C 187 7.08 53.85 55.29
C ALA C 187 6.85 52.37 54.98
N THR C 188 5.59 51.98 54.79
CA THR C 188 5.21 50.60 54.50
C THR C 188 4.14 50.62 53.41
N HIS C 189 3.48 49.49 53.21
CA HIS C 189 2.41 49.34 52.23
C HIS C 189 1.12 48.97 52.94
N SER C 190 0.09 49.81 52.78
CA SER C 190 -1.21 49.52 53.39
C SER C 190 -2.29 50.27 52.59
N THR C 191 -2.97 49.54 51.70
CA THR C 191 -4.06 50.10 50.93
C THR C 191 -4.80 48.98 50.21
N SER C 192 -6.14 49.04 50.24
CA SER C 192 -6.96 48.18 49.39
C SER C 192 -8.31 48.87 49.18
N THR C 193 -8.47 49.56 48.05
CA THR C 193 -9.71 50.27 47.75
C THR C 193 -10.06 50.17 46.27
N SER C 194 -9.92 48.99 45.69
CA SER C 194 -10.23 48.82 44.27
C SER C 194 -11.06 47.55 44.10
N LEU C 195 -12.37 47.73 43.96
CA LEU C 195 -13.30 46.65 43.66
C LEU C 195 -13.46 46.52 42.15
N ASN C 196 -13.18 45.33 41.63
CA ASN C 196 -13.35 45.04 40.22
C ASN C 196 -14.09 43.71 40.07
N CYS C 197 -15.03 43.67 39.15
CA CYS C 197 -15.82 42.48 38.86
C CYS C 197 -15.47 41.96 37.48
N ILE C 198 -15.06 40.70 37.40
CA ILE C 198 -14.65 40.08 36.15
C ILE C 198 -15.72 39.09 35.73
N VAL C 199 -16.32 39.32 34.56
CA VAL C 199 -17.28 38.39 33.98
C VAL C 199 -16.78 38.04 32.59
N THR C 200 -16.54 36.75 32.36
CA THR C 200 -15.91 36.28 31.14
C THR C 200 -16.74 35.18 30.50
N GLU C 201 -16.84 35.24 29.18
CA GLU C 201 -17.47 34.18 28.39
C GLU C 201 -16.37 33.33 27.77
N ALA C 202 -16.38 32.03 28.09
CA ALA C 202 -15.36 31.12 27.60
C ALA C 202 -16.02 29.84 27.10
N THR C 203 -15.23 29.02 26.43
CA THR C 203 -15.69 27.76 25.87
C THR C 203 -14.86 26.62 26.46
N ALA C 204 -15.52 25.52 26.78
CA ALA C 204 -14.88 24.36 27.37
C ALA C 204 -14.97 23.18 26.42
N LYS C 205 -14.09 22.19 26.63
CA LYS C 205 -14.03 21.01 25.80
C LYS C 205 -13.89 19.77 26.67
N ALA C 206 -14.30 18.63 26.13
CA ALA C 206 -14.23 17.38 26.86
C ALA C 206 -14.02 16.22 25.88
N LYS C 207 -13.25 15.21 26.33
CA LYS C 207 -13.01 14.03 25.47
C LYS C 207 -14.25 13.14 25.49
N TYR C 208 -14.12 11.88 25.06
CA TYR C 208 -15.29 11.01 24.99
C TYR C 208 -15.83 10.59 26.35
N PRO C 209 -15.02 10.12 27.31
CA PRO C 209 -15.60 9.69 28.59
C PRO C 209 -16.30 10.82 29.35
N PHE C 210 -16.01 12.08 29.03
CA PHE C 210 -16.62 13.23 29.67
C PHE C 210 -16.42 13.20 31.19
N SER C 211 -15.27 12.70 31.64
CA SER C 211 -14.98 12.71 33.07
C SER C 211 -14.62 14.10 33.56
N TYR C 212 -14.20 14.99 32.67
CA TYR C 212 -13.80 16.34 33.04
C TYR C 212 -13.90 17.22 31.82
N PHE C 213 -13.94 18.53 32.06
CA PHE C 213 -13.88 19.50 30.98
C PHE C 213 -12.96 20.64 31.38
N ALA C 214 -12.25 21.19 30.41
CA ALA C 214 -11.28 22.24 30.65
C ALA C 214 -11.58 23.44 29.75
N LEU C 215 -11.47 24.63 30.34
CA LEU C 215 -11.66 25.84 29.57
C LEU C 215 -10.48 26.05 28.62
N THR C 216 -10.71 26.84 27.57
CA THR C 216 -9.67 27.10 26.60
C THR C 216 -8.48 27.83 27.22
N THR C 217 -8.74 28.68 28.22
CA THR C 217 -7.66 29.38 28.90
C THR C 217 -6.75 28.41 29.65
N GLY C 218 -7.32 27.39 30.28
CA GLY C 218 -6.52 26.41 31.00
C GLY C 218 -7.14 25.88 32.26
N GLU C 219 -8.19 26.53 32.76
CA GLU C 219 -8.85 26.05 33.96
C GLU C 219 -9.50 24.69 33.72
N ILE C 220 -9.47 23.84 34.74
CA ILE C 220 -9.96 22.47 34.65
C ILE C 220 -11.00 22.25 35.73
N VAL C 221 -12.13 21.66 35.36
CA VAL C 221 -13.16 21.24 36.30
C VAL C 221 -13.24 19.72 36.25
N GLU C 222 -12.97 19.07 37.38
CA GLU C 222 -12.91 17.62 37.44
C GLU C 222 -14.32 17.05 37.68
N GLY C 223 -15.13 17.15 36.63
CA GLY C 223 -16.47 16.64 36.69
C GLY C 223 -17.10 16.58 35.32
N SER C 224 -18.12 15.74 35.20
CA SER C 224 -18.80 15.58 33.92
C SER C 224 -19.64 16.81 33.62
N PRO C 225 -19.54 17.38 32.42
CA PRO C 225 -20.40 18.52 32.08
C PRO C 225 -21.88 18.16 32.06
N PHE C 226 -22.23 16.88 31.95
CA PHE C 226 -23.62 16.44 31.98
C PHE C 226 -24.06 15.99 33.36
N PHE C 227 -23.25 16.25 34.39
CA PHE C 227 -23.62 15.83 35.73
C PHE C 227 -24.88 16.55 36.20
N ASP C 228 -25.66 15.87 37.03
CA ASP C 228 -26.92 16.40 37.55
C ASP C 228 -27.02 16.01 39.01
N GLY C 229 -28.23 16.17 39.57
CA GLY C 229 -28.43 15.81 40.97
C GLY C 229 -28.21 14.34 41.24
N SER C 230 -28.77 13.48 40.37
CA SER C 230 -28.69 12.04 40.59
C SER C 230 -28.43 11.28 39.29
N ASN C 231 -27.76 11.91 38.33
CA ASN C 231 -27.45 11.22 37.07
C ASN C 231 -26.43 10.11 37.26
N GLY C 232 -25.67 10.12 38.35
CA GLY C 232 -24.63 9.14 38.55
C GLY C 232 -23.36 9.39 37.75
N LYS C 233 -23.27 10.51 37.06
CA LYS C 233 -22.09 10.81 36.26
C LYS C 233 -20.90 11.11 37.17
N HIS C 234 -19.71 10.99 36.60
CA HIS C 234 -18.49 11.26 37.35
C HIS C 234 -18.42 12.72 37.76
N PHE C 235 -18.01 12.95 39.01
CA PHE C 235 -17.87 14.32 39.53
C PHE C 235 -16.95 14.26 40.74
N ALA C 236 -15.81 14.94 40.66
CA ALA C 236 -14.82 14.92 41.73
C ALA C 236 -14.82 16.19 42.58
N GLU C 237 -15.42 17.27 42.10
CA GLU C 237 -15.45 18.51 42.86
C GLU C 237 -16.37 18.35 44.08
N PRO C 238 -16.11 19.11 45.14
CA PRO C 238 -16.97 19.02 46.34
C PRO C 238 -18.41 19.38 45.99
N LEU C 239 -19.34 18.62 46.59
CA LEU C 239 -20.76 18.80 46.29
C LEU C 239 -21.30 20.12 46.86
N GLU C 240 -20.77 20.56 47.99
CA GLU C 240 -21.28 21.78 48.61
C GLU C 240 -21.01 23.01 47.75
N LYS C 241 -19.97 22.98 46.93
CA LYS C 241 -19.69 24.09 46.03
C LYS C 241 -20.67 24.11 44.86
N LEU C 242 -21.19 22.95 44.47
CA LEU C 242 -22.11 22.88 43.34
C LEU C 242 -23.46 23.47 43.70
N THR C 243 -24.13 24.03 42.70
CA THR C 243 -25.47 24.57 42.86
C THR C 243 -26.20 24.44 41.53
N ILE C 244 -27.36 23.79 41.55
CA ILE C 244 -28.13 23.50 40.35
C ILE C 244 -29.46 24.22 40.43
N LEU C 245 -29.79 24.99 39.40
CA LEU C 245 -31.05 25.73 39.33
C LEU C 245 -31.81 25.30 38.08
N GLU C 246 -33.14 25.46 38.14
CA GLU C 246 -34.02 25.08 37.05
C GLU C 246 -34.81 26.29 36.56
N ASN C 247 -35.12 26.29 35.27
CA ASN C 247 -35.87 27.37 34.62
C ASN C 247 -35.19 28.72 34.83
N TYR C 248 -33.86 28.71 34.79
CA TYR C 248 -33.08 29.94 34.94
C TYR C 248 -33.16 30.78 33.68
N THR C 249 -33.14 32.10 33.86
CA THR C 249 -33.14 33.04 32.75
C THR C 249 -31.88 33.88 32.81
N MET C 250 -31.27 34.11 31.64
CA MET C 250 -29.98 34.76 31.56
C MET C 250 -29.82 35.42 30.20
N ILE C 251 -29.00 36.45 30.15
CA ILE C 251 -28.77 37.19 28.91
C ILE C 251 -27.82 36.40 28.03
N GLU C 252 -28.11 36.41 26.72
CA GLU C 252 -27.28 35.64 25.78
C GLU C 252 -25.87 36.22 25.69
N ASP C 253 -25.77 37.53 25.48
CA ASP C 253 -24.47 38.18 25.33
C ASP C 253 -24.46 39.46 26.16
N LEU C 254 -23.30 39.76 26.73
CA LEU C 254 -23.14 40.96 27.54
C LEU C 254 -22.85 42.20 26.73
N MET C 255 -22.55 42.05 25.42
CA MET C 255 -22.34 43.22 24.57
C MET C 255 -23.61 44.05 24.46
N ASN C 256 -24.77 43.40 24.43
CA ASN C 256 -26.04 44.11 24.31
C ASN C 256 -26.45 44.81 25.60
N GLY C 257 -25.76 44.56 26.70
CA GLY C 257 -26.11 45.22 27.94
C GLY C 257 -27.37 44.65 28.57
N MET C 258 -27.99 45.47 29.42
CA MET C 258 -29.18 45.06 30.15
C MET C 258 -30.38 44.81 29.24
N ASN C 259 -30.35 45.27 28.00
CA ASN C 259 -31.44 45.08 27.06
C ASN C 259 -31.28 43.84 26.19
N GLY C 260 -30.24 43.04 26.43
CA GLY C 260 -30.03 41.86 25.62
C GLY C 260 -31.12 40.82 25.82
N ALA C 261 -31.32 40.00 24.79
CA ALA C 261 -32.33 38.95 24.85
C ALA C 261 -31.96 37.89 25.88
N THR C 262 -32.97 37.34 26.54
CA THR C 262 -32.79 36.33 27.57
C THR C 262 -33.44 35.02 27.13
N THR C 263 -32.75 33.92 27.36
CA THR C 263 -33.24 32.59 27.01
C THR C 263 -33.37 31.74 28.26
N LEU C 264 -34.53 31.13 28.44
CA LEU C 264 -34.74 30.23 29.56
C LEU C 264 -33.89 28.98 29.41
N VAL C 265 -33.32 28.53 30.52
CA VAL C 265 -32.52 27.31 30.56
C VAL C 265 -33.17 26.36 31.55
N ARG C 266 -33.49 25.15 31.09
CA ARG C 266 -34.20 24.19 31.93
C ARG C 266 -33.36 23.76 33.13
N LYS C 267 -32.03 23.79 33.00
CA LYS C 267 -31.16 23.40 34.10
C LYS C 267 -29.79 24.02 33.91
N ILE C 268 -29.31 24.73 34.94
CA ILE C 268 -28.01 25.37 34.90
C ILE C 268 -27.25 24.98 36.15
N ALA C 269 -25.92 25.02 36.07
CA ALA C 269 -25.05 24.62 37.16
C ALA C 269 -24.13 25.77 37.53
N PHE C 270 -24.03 26.05 38.83
CA PHE C 270 -23.12 27.05 39.36
C PHE C 270 -22.09 26.35 40.22
N LEU C 271 -20.81 26.53 39.89
CA LEU C 271 -19.72 25.91 40.63
C LEU C 271 -18.75 26.99 41.08
N GLU C 272 -18.40 26.96 42.36
CA GLU C 272 -17.42 27.87 42.94
C GLU C 272 -16.13 27.10 43.16
N LYS C 273 -15.13 27.38 42.33
CA LYS C 273 -13.84 26.70 42.39
C LYS C 273 -12.75 27.74 42.53
N GLY C 274 -11.95 27.62 43.59
CA GLY C 274 -10.90 28.60 43.83
C GLY C 274 -11.48 29.97 44.06
N ASP C 275 -11.01 30.95 43.30
CA ASP C 275 -11.47 32.33 43.41
C ASP C 275 -12.44 32.72 42.31
N THR C 276 -12.98 31.75 41.58
CA THR C 276 -13.86 32.03 40.45
C THR C 276 -15.12 31.17 40.54
N LEU C 277 -16.21 31.70 40.00
CA LEU C 277 -17.48 30.99 39.93
C LEU C 277 -17.77 30.63 38.48
N PHE C 278 -18.00 29.35 38.22
CA PHE C 278 -18.25 28.85 36.88
C PHE C 278 -19.71 28.48 36.71
N SER C 279 -20.27 28.86 35.56
CA SER C 279 -21.66 28.58 35.24
C SER C 279 -21.74 27.98 33.84
N TRP C 280 -22.49 26.88 33.71
CA TRP C 280 -22.70 26.25 32.41
C TRP C 280 -24.06 25.59 32.40
N GLU C 281 -24.60 25.39 31.20
CA GLU C 281 -25.90 24.78 31.03
C GLU C 281 -25.76 23.27 31.02
N ILE C 282 -26.61 22.59 31.79
CA ILE C 282 -26.60 21.14 31.86
C ILE C 282 -27.55 20.60 30.81
N LYS C 283 -27.01 20.02 29.75
CA LYS C 283 -27.79 19.41 28.70
C LYS C 283 -27.90 17.91 28.96
N GLU C 284 -28.47 17.19 27.99
CA GLU C 284 -28.62 15.74 28.08
C GLU C 284 -27.55 15.07 27.22
N GLU C 285 -26.83 14.12 27.81
CA GLU C 285 -25.72 13.49 27.12
C GLU C 285 -26.19 12.75 25.87
N ASN C 286 -27.31 12.03 25.98
CA ASN C 286 -27.78 11.22 24.86
C ASN C 286 -28.23 12.08 23.68
N GLU C 287 -28.78 13.26 23.94
CA GLU C 287 -29.34 14.10 22.89
C GLU C 287 -28.40 15.22 22.46
N SER C 288 -27.15 15.21 22.94
CA SER C 288 -26.20 16.26 22.60
C SER C 288 -24.87 15.76 22.06
N VAL C 289 -24.56 14.48 22.23
CA VAL C 289 -23.29 13.92 21.78
C VAL C 289 -23.57 12.72 20.89
N CYS C 290 -23.06 12.75 19.66
CA CYS C 290 -23.15 11.64 18.73
C CYS C 290 -21.74 11.13 18.47
N MET C 291 -21.51 9.85 18.71
CA MET C 291 -20.18 9.27 18.60
C MET C 291 -19.87 8.73 17.21
N LEU C 292 -20.78 8.86 16.26
CA LEU C 292 -20.56 8.42 14.89
C LEU C 292 -20.81 9.59 13.95
N LYS C 293 -19.89 9.82 13.02
CA LYS C 293 -19.96 10.90 12.07
C LYS C 293 -19.95 10.36 10.66
N HIS C 294 -20.82 10.90 9.80
CA HIS C 294 -20.87 10.48 8.42
C HIS C 294 -19.58 10.86 7.70
N TRP C 295 -19.01 9.93 6.96
CA TRP C 295 -17.78 10.17 6.22
C TRP C 295 -18.03 10.31 4.73
N THR C 296 -18.65 9.31 4.10
CA THR C 296 -18.86 9.35 2.65
C THR C 296 -20.01 8.43 2.30
N THR C 297 -20.56 8.63 1.10
CA THR C 297 -21.62 7.80 0.57
C THR C 297 -21.19 7.28 -0.79
N VAL C 298 -21.26 5.97 -0.98
CA VAL C 298 -20.90 5.34 -2.24
C VAL C 298 -22.19 4.97 -2.96
N THR C 299 -22.47 5.64 -4.07
CA THR C 299 -23.73 5.41 -4.78
C THR C 299 -23.71 4.12 -5.57
N HIS C 300 -22.57 3.72 -6.12
CA HIS C 300 -22.43 2.48 -6.88
C HIS C 300 -21.40 1.61 -6.18
N GLY C 301 -21.87 0.57 -5.50
CA GLY C 301 -20.99 -0.32 -4.78
C GLY C 301 -21.31 -1.77 -5.11
N LEU C 302 -20.34 -2.64 -4.80
CA LEU C 302 -20.48 -4.07 -4.99
C LEU C 302 -20.02 -4.79 -3.74
N ARG C 303 -20.70 -5.89 -3.41
CA ARG C 303 -20.37 -6.70 -2.25
C ARG C 303 -19.89 -8.06 -2.73
N ALA C 304 -18.61 -8.35 -2.53
CA ALA C 304 -18.03 -9.64 -2.88
C ALA C 304 -17.98 -10.50 -1.63
N GLU C 305 -18.66 -11.64 -1.67
CA GLU C 305 -18.74 -12.52 -0.51
C GLU C 305 -17.68 -13.60 -0.61
N THR C 306 -16.75 -13.60 0.34
CA THR C 306 -15.75 -14.65 0.44
C THR C 306 -16.28 -15.75 1.37
N ASP C 307 -15.41 -16.71 1.71
CA ASP C 307 -15.84 -17.80 2.57
C ASP C 307 -16.00 -17.38 4.02
N GLU C 308 -15.41 -16.25 4.43
CA GLU C 308 -15.47 -15.82 5.82
C GLU C 308 -15.84 -14.36 6.00
N THR C 309 -15.68 -13.51 4.99
CA THR C 309 -15.91 -12.08 5.14
C THR C 309 -16.55 -11.52 3.87
N TYR C 310 -17.16 -10.35 4.02
CA TYR C 310 -17.66 -9.59 2.88
C TYR C 310 -16.62 -8.57 2.44
N HIS C 311 -16.61 -8.27 1.14
CA HIS C 311 -15.75 -7.25 0.57
C HIS C 311 -16.63 -6.23 -0.13
N PHE C 312 -16.66 -5.01 0.40
CA PHE C 312 -17.44 -3.92 -0.18
C PHE C 312 -16.49 -3.09 -1.02
N ILE C 313 -16.69 -3.11 -2.34
CA ILE C 313 -15.77 -2.51 -3.29
C ILE C 313 -16.42 -1.26 -3.89
N SER C 314 -15.70 -0.16 -3.87
CA SER C 314 -16.15 1.11 -4.45
C SER C 314 -15.13 1.53 -5.51
N LYS C 315 -15.52 1.46 -6.77
CA LYS C 315 -14.62 1.85 -7.86
C LYS C 315 -14.33 3.34 -7.83
N GLU C 316 -15.30 4.16 -7.43
CA GLU C 316 -15.09 5.60 -7.38
C GLU C 316 -13.99 5.97 -6.39
N LEU C 317 -14.00 5.36 -5.21
CA LEU C 317 -12.99 5.62 -4.20
C LEU C 317 -11.76 4.74 -4.34
N THR C 318 -11.80 3.74 -5.21
CA THR C 318 -10.73 2.75 -5.33
C THR C 318 -10.41 2.15 -3.96
N ALA C 319 -11.46 1.75 -3.25
CA ALA C 319 -11.34 1.23 -1.90
C ALA C 319 -12.16 -0.03 -1.74
N ALA C 320 -11.66 -0.95 -0.92
CA ALA C 320 -12.34 -2.18 -0.59
C ALA C 320 -12.37 -2.35 0.93
N PHE C 321 -13.55 -2.51 1.49
CA PHE C 321 -13.73 -2.64 2.93
C PHE C 321 -14.07 -4.08 3.26
N VAL C 322 -13.39 -4.63 4.27
CA VAL C 322 -13.55 -6.02 4.67
C VAL C 322 -14.28 -6.04 6.00
N ALA C 323 -15.39 -6.77 6.07
CA ALA C 323 -16.18 -6.87 7.29
C ALA C 323 -16.62 -8.32 7.47
N SER C 324 -16.84 -8.70 8.72
CA SER C 324 -17.30 -10.05 9.01
C SER C 324 -18.74 -10.22 8.53
N LYS C 325 -19.14 -11.47 8.35
CA LYS C 325 -20.43 -11.78 7.75
C LYS C 325 -21.61 -11.52 8.69
N GLU C 326 -21.35 -11.26 9.96
CA GLU C 326 -22.42 -11.05 10.93
C GLU C 326 -22.80 -9.58 10.98
N SER C 327 -24.05 -9.28 10.64
CA SER C 327 -24.53 -7.91 10.68
C SER C 327 -24.72 -7.44 12.11
N LEU C 328 -24.49 -6.15 12.32
CA LEU C 328 -24.59 -5.56 13.65
C LEU C 328 -26.04 -5.21 13.97
N ASN C 329 -26.24 -4.56 15.12
CA ASN C 329 -27.56 -4.08 15.53
C ASN C 329 -27.32 -2.86 16.42
N LEU C 330 -27.49 -1.67 15.86
CA LEU C 330 -27.21 -0.45 16.61
C LEU C 330 -28.23 -0.26 17.71
N THR C 331 -27.77 -0.27 18.96
CA THR C 331 -28.64 -0.15 20.12
C THR C 331 -28.20 0.90 21.13
N ASP C 332 -26.93 1.29 21.13
CA ASP C 332 -26.47 2.29 22.09
C ASP C 332 -27.13 3.64 21.79
N PRO C 333 -27.62 4.34 22.83
CA PRO C 333 -28.24 5.64 22.59
C PRO C 333 -27.31 6.66 21.96
N LYS C 334 -26.01 6.56 22.21
CA LYS C 334 -25.04 7.48 21.62
C LYS C 334 -24.63 7.06 20.21
N GLN C 335 -25.11 5.94 19.71
CA GLN C 335 -24.84 5.49 18.35
C GLN C 335 -26.07 5.44 17.47
N THR C 336 -27.27 5.54 18.05
CA THR C 336 -28.51 5.58 17.28
C THR C 336 -28.87 6.97 16.81
N CYS C 337 -28.04 7.98 17.13
CA CYS C 337 -28.29 9.34 16.70
C CYS C 337 -28.13 9.51 15.18
N ILE C 338 -27.58 8.52 14.49
CA ILE C 338 -27.40 8.59 13.04
C ILE C 338 -28.48 7.83 12.28
N LYS C 339 -29.43 7.23 12.99
CA LYS C 339 -30.40 6.36 12.32
C LYS C 339 -31.25 7.12 11.33
N ASN C 340 -31.86 8.22 11.77
CA ASN C 340 -32.71 9.01 10.89
C ASN C 340 -31.90 9.58 9.73
N GLU C 341 -30.70 10.06 10.01
CA GLU C 341 -29.86 10.65 8.98
C GLU C 341 -29.53 9.64 7.88
N PHE C 342 -29.07 8.45 8.26
CA PHE C 342 -28.68 7.50 7.23
C PHE C 342 -29.89 6.87 6.55
N GLU C 343 -31.04 6.77 7.25
CA GLU C 343 -32.24 6.32 6.57
C GLU C 343 -32.68 7.32 5.51
N LYS C 344 -32.62 8.62 5.83
CA LYS C 344 -32.94 9.64 4.84
C LYS C 344 -31.95 9.61 3.68
N ILE C 345 -30.67 9.37 3.98
CA ILE C 345 -29.66 9.27 2.92
C ILE C 345 -29.98 8.08 2.00
N ILE C 346 -30.36 6.95 2.59
CA ILE C 346 -30.73 5.78 1.79
C ILE C 346 -31.91 6.11 0.88
N THR C 347 -32.95 6.74 1.45
CA THR C 347 -34.12 7.08 0.66
C THR C 347 -33.77 8.02 -0.48
N ASP C 348 -32.98 9.05 -0.20
CA ASP C 348 -32.62 10.03 -1.22
C ASP C 348 -31.78 9.38 -2.32
N VAL C 349 -30.81 8.54 -1.95
CA VAL C 349 -29.95 7.91 -2.94
C VAL C 349 -30.77 6.97 -3.83
N TYR C 350 -31.67 6.20 -3.23
CA TYR C 350 -32.50 5.30 -4.03
C TYR C 350 -33.42 6.10 -4.95
N MET C 351 -33.99 7.19 -4.44
CA MET C 351 -34.91 7.99 -5.25
C MET C 351 -34.18 8.71 -6.38
N SER C 352 -32.89 8.98 -6.21
CA SER C 352 -32.17 9.76 -7.20
C SER C 352 -31.71 8.91 -8.38
N ASP C 353 -30.88 7.90 -8.12
CA ASP C 353 -30.29 7.12 -9.20
C ASP C 353 -31.10 5.88 -9.55
N TYR C 354 -31.25 4.96 -8.60
CA TYR C 354 -31.90 3.68 -8.86
C TYR C 354 -33.42 3.75 -8.66
N ASN C 355 -34.07 4.70 -9.33
CA ASN C 355 -35.50 4.87 -9.12
C ASN C 355 -36.31 3.78 -9.80
N ASP C 356 -35.94 3.41 -11.02
CA ASP C 356 -36.77 2.53 -11.85
C ASP C 356 -36.12 1.18 -12.14
N ALA C 357 -34.86 1.17 -12.56
CA ALA C 357 -34.22 -0.07 -12.97
C ALA C 357 -34.03 -1.05 -11.81
N TYR C 358 -34.06 -0.57 -10.57
CA TYR C 358 -33.81 -1.41 -9.41
C TYR C 358 -34.89 -1.18 -8.36
N SER C 359 -35.04 -2.16 -7.48
CA SER C 359 -35.94 -2.07 -6.34
C SER C 359 -35.22 -2.52 -5.08
N MET C 360 -35.59 -1.91 -3.96
CA MET C 360 -34.93 -2.19 -2.69
C MET C 360 -35.24 -3.62 -2.25
N ASN C 361 -34.23 -4.49 -2.34
CA ASN C 361 -34.39 -5.91 -2.00
C ASN C 361 -34.14 -6.08 -0.51
N GLY C 362 -35.19 -5.89 0.28
CA GLY C 362 -35.09 -6.08 1.71
C GLY C 362 -34.50 -4.88 2.42
N SER C 363 -34.47 -5.00 3.76
CA SER C 363 -33.95 -3.93 4.59
C SER C 363 -32.43 -3.86 4.51
N TYR C 364 -31.88 -2.75 4.98
CA TYR C 364 -30.44 -2.55 5.00
C TYR C 364 -29.80 -3.43 6.07
N GLN C 365 -28.47 -3.57 5.97
CA GLN C 365 -27.68 -4.28 6.96
C GLN C 365 -26.52 -3.40 7.39
N ILE C 366 -26.14 -3.53 8.66
CA ILE C 366 -25.07 -2.72 9.25
C ILE C 366 -23.92 -3.65 9.59
N PHE C 367 -22.74 -3.33 9.05
CA PHE C 367 -21.54 -4.11 9.27
C PHE C 367 -20.46 -3.25 9.90
N LYS C 368 -19.62 -3.87 10.72
CA LYS C 368 -18.46 -3.21 11.31
C LYS C 368 -17.23 -3.76 10.61
N THR C 369 -16.61 -2.95 9.76
CA THR C 369 -15.44 -3.38 9.03
C THR C 369 -14.22 -3.44 9.96
N THR C 370 -13.22 -4.19 9.53
CA THR C 370 -11.93 -4.14 10.21
C THR C 370 -11.38 -2.73 10.13
N GLY C 371 -10.90 -2.22 11.27
CA GLY C 371 -10.58 -0.82 11.40
C GLY C 371 -11.67 0.01 12.03
N ASP C 372 -12.77 -0.61 12.45
CA ASP C 372 -13.85 0.06 13.19
C ASP C 372 -14.49 1.19 12.37
N LEU C 373 -15.05 0.81 11.22
CA LEU C 373 -15.87 1.69 10.42
C LEU C 373 -17.26 1.08 10.30
N ILE C 374 -18.28 1.88 10.61
CA ILE C 374 -19.66 1.40 10.52
C ILE C 374 -20.12 1.54 9.09
N LEU C 375 -20.42 0.42 8.44
CA LEU C 375 -20.82 0.38 7.05
C LEU C 375 -22.28 -0.07 6.96
N ILE C 376 -23.10 0.72 6.30
CA ILE C 376 -24.53 0.45 6.17
C ILE C 376 -24.77 0.04 4.73
N TRP C 377 -24.95 -1.25 4.50
CA TRP C 377 -25.11 -1.81 3.17
C TRP C 377 -26.59 -1.94 2.83
N GLN C 378 -26.98 -1.47 1.65
CA GLN C 378 -28.35 -1.59 1.17
C GLN C 378 -28.36 -2.40 -0.11
N PRO C 379 -28.99 -3.58 -0.13
CA PRO C 379 -28.99 -4.39 -1.35
C PRO C 379 -29.95 -3.83 -2.39
N LEU C 380 -29.65 -4.13 -3.65
CA LEU C 380 -30.49 -3.76 -4.77
C LEU C 380 -30.67 -4.96 -5.68
N VAL C 381 -31.85 -5.05 -6.30
CA VAL C 381 -32.20 -6.19 -7.13
C VAL C 381 -32.58 -5.69 -8.52
N GLN C 382 -32.74 -6.63 -9.45
CA GLN C 382 -33.09 -6.35 -10.84
C GLN C 382 -31.98 -5.56 -11.53
N LYS C 383 -32.21 -5.15 -12.76
CA LYS C 383 -31.23 -4.39 -13.52
C LYS C 383 -31.91 -3.56 -14.60
N GLY C 391 -35.75 -3.39 -16.05
CA GLY C 391 -35.22 -2.28 -16.80
C GLY C 391 -33.96 -2.62 -17.56
N SER C 392 -33.46 -1.66 -18.34
CA SER C 392 -32.25 -1.85 -19.13
C SER C 392 -31.14 -0.88 -18.76
N VAL C 393 -31.46 0.41 -18.64
CA VAL C 393 -30.46 1.45 -18.38
C VAL C 393 -30.90 2.29 -17.19
N ASN C 394 -29.94 2.99 -16.61
CA ASN C 394 -30.18 3.81 -15.43
C ASN C 394 -29.46 5.14 -15.59
N LEU C 395 -29.91 6.13 -14.82
CA LEU C 395 -29.31 7.46 -14.87
C LEU C 395 -27.88 7.42 -14.37
N ARG C 396 -27.02 8.25 -14.96
CA ARG C 396 -25.61 8.33 -14.62
C ARG C 396 -25.28 9.73 -14.13
N ARG C 397 -24.56 9.81 -13.00
CA ARG C 397 -24.19 11.08 -12.40
C ARG C 397 -22.71 11.03 -12.02
N ARG C 398 -22.04 12.18 -12.15
CA ARG C 398 -20.63 12.32 -11.87
C ARG C 398 -20.39 13.41 -10.84
N ARG C 399 -19.33 13.24 -10.06
CA ARG C 399 -18.98 14.22 -9.02
C ARG C 399 -17.47 14.25 -8.85
N ASP C 400 -16.99 15.32 -8.23
CA ASP C 400 -15.57 15.48 -7.98
C ASP C 400 -15.38 16.31 -6.71
N LEU C 401 -14.20 16.18 -6.11
CA LEU C 401 -13.85 16.90 -4.89
C LEU C 401 -12.48 17.54 -5.03
N VAL C 402 -12.28 18.66 -4.34
CA VAL C 402 -10.98 19.39 -4.43
C VAL C 402 -10.35 19.46 -3.04
N ASP C 403 -10.64 18.47 -2.19
CA ASP C 403 -10.10 18.46 -0.83
C ASP C 403 -8.57 18.50 -0.85
N VAL C 404 -8.01 19.18 0.13
CA VAL C 404 -6.56 19.35 0.23
C VAL C 404 -5.98 18.21 1.06
N LYS C 405 -4.95 17.55 0.53
CA LYS C 405 -4.34 16.43 1.22
C LYS C 405 -3.57 16.91 2.45
N SER C 406 -3.71 16.17 3.55
CA SER C 406 -2.92 16.41 4.75
C SER C 406 -2.30 15.15 5.35
N ARG C 407 -2.85 13.97 5.08
CA ARG C 407 -2.34 12.72 5.62
C ARG C 407 -2.99 11.58 4.84
N HIS C 408 -2.65 10.34 5.21
CA HIS C 408 -3.23 9.15 4.58
C HIS C 408 -3.34 8.08 5.67
N ASP C 409 -4.53 7.97 6.26
CA ASP C 409 -4.75 7.03 7.36
C ASP C 409 -5.41 5.73 6.93
N ILE C 410 -6.00 5.68 5.73
CA ILE C 410 -6.79 4.53 5.33
C ILE C 410 -6.24 3.93 4.04
N LEU C 411 -4.93 3.98 3.85
CA LEU C 411 -4.34 3.40 2.65
C LEU C 411 -4.55 1.89 2.58
N TYR C 412 -4.88 1.25 3.69
CA TYR C 412 -5.07 -0.19 3.69
C TYR C 412 -6.27 -0.62 2.85
N VAL C 413 -7.33 0.19 2.83
CA VAL C 413 -8.47 -0.13 1.97
C VAL C 413 -8.07 -0.04 0.51
N GLN C 414 -7.20 0.91 0.16
CA GLN C 414 -6.72 1.01 -1.21
C GLN C 414 -5.84 -0.19 -1.56
N LEU C 415 -5.02 -0.64 -0.61
CA LEU C 415 -4.23 -1.85 -0.84
C LEU C 415 -5.13 -3.06 -1.09
N GLN C 416 -6.18 -3.21 -0.28
CA GLN C 416 -7.11 -4.32 -0.46
C GLN C 416 -7.82 -4.22 -1.81
N TYR C 417 -8.22 -3.01 -2.20
CA TYR C 417 -8.86 -2.82 -3.50
C TYR C 417 -7.91 -3.20 -4.64
N LEU C 418 -6.65 -2.81 -4.52
CA LEU C 418 -5.67 -3.15 -5.55
C LEU C 418 -5.53 -4.66 -5.68
N TYR C 419 -5.40 -5.35 -4.55
CA TYR C 419 -5.29 -6.81 -4.60
C TYR C 419 -6.54 -7.42 -5.22
N ASP C 420 -7.72 -6.97 -4.80
CA ASP C 420 -8.95 -7.55 -5.32
C ASP C 420 -9.09 -7.33 -6.82
N THR C 421 -8.79 -6.12 -7.29
CA THR C 421 -8.90 -5.83 -8.71
C THR C 421 -7.93 -6.68 -9.54
N LEU C 422 -6.68 -6.76 -9.10
CA LEU C 422 -5.70 -7.54 -9.85
C LEU C 422 -6.07 -9.01 -9.84
N LYS C 423 -6.52 -9.53 -8.70
CA LYS C 423 -6.92 -10.94 -8.63
C LYS C 423 -8.10 -11.22 -9.55
N ASP C 424 -9.09 -10.32 -9.58
CA ASP C 424 -10.26 -10.51 -10.43
C ASP C 424 -9.84 -10.53 -11.90
N TYR C 425 -9.01 -9.58 -12.30
CA TYR C 425 -8.59 -9.53 -13.70
C TYR C 425 -7.80 -10.77 -14.08
N ILE C 426 -6.86 -11.19 -13.23
CA ILE C 426 -6.05 -12.37 -13.53
C ILE C 426 -6.92 -13.61 -13.64
N ASN C 427 -7.87 -13.76 -12.71
CA ASN C 427 -8.76 -14.93 -12.74
C ASN C 427 -9.59 -14.94 -14.01
N ASP C 428 -10.14 -13.79 -14.41
CA ASP C 428 -10.95 -13.74 -15.62
C ASP C 428 -10.11 -14.10 -16.85
N ALA C 429 -8.93 -13.50 -16.96
CA ALA C 429 -8.08 -13.74 -18.12
C ALA C 429 -7.68 -15.21 -18.20
N LEU C 430 -7.27 -15.80 -17.08
CA LEU C 430 -6.82 -17.18 -17.11
C LEU C 430 -7.98 -18.15 -17.31
N GLY C 431 -9.18 -17.81 -16.83
CA GLY C 431 -10.34 -18.65 -17.12
C GLY C 431 -10.69 -18.64 -18.60
N ASN C 432 -10.68 -17.47 -19.22
CA ASN C 432 -10.92 -17.40 -20.65
C ASN C 432 -9.86 -18.17 -21.43
N LEU C 433 -8.60 -18.04 -21.00
CA LEU C 433 -7.52 -18.80 -21.64
C LEU C 433 -7.75 -20.30 -21.49
N ALA C 434 -8.19 -20.74 -20.32
CA ALA C 434 -8.45 -22.16 -20.10
C ALA C 434 -9.57 -22.66 -20.99
N GLU C 435 -10.63 -21.87 -21.15
CA GLU C 435 -11.73 -22.29 -22.03
C GLU C 435 -11.25 -22.40 -23.48
N SER C 436 -10.48 -21.41 -23.94
CA SER C 436 -9.95 -21.47 -25.30
C SER C 436 -9.02 -22.66 -25.48
N TRP C 437 -8.21 -22.95 -24.45
CA TRP C 437 -7.32 -24.10 -24.51
C TRP C 437 -8.11 -25.41 -24.59
N CYS C 438 -9.22 -25.50 -23.84
CA CYS C 438 -10.06 -26.68 -23.93
C CYS C 438 -10.59 -26.86 -25.34
N LEU C 439 -11.09 -25.78 -25.95
CA LEU C 439 -11.63 -25.88 -27.30
C LEU C 439 -10.54 -26.29 -28.29
N ASP C 440 -9.37 -25.68 -28.20
CA ASP C 440 -8.28 -26.01 -29.12
C ASP C 440 -7.84 -27.46 -28.94
N GLN C 441 -7.77 -27.93 -27.69
CA GLN C 441 -7.38 -29.32 -27.45
C GLN C 441 -8.41 -30.29 -28.01
N LYS C 442 -9.69 -29.97 -27.88
CA LYS C 442 -10.73 -30.84 -28.43
C LYS C 442 -10.60 -30.93 -29.95
N ARG C 443 -10.41 -29.77 -30.60
CA ARG C 443 -10.25 -29.80 -32.06
C ARG C 443 -8.98 -30.56 -32.46
N THR C 444 -7.90 -30.39 -31.70
CA THR C 444 -6.66 -31.10 -32.00
C THR C 444 -6.85 -32.61 -31.82
N ILE C 445 -7.63 -33.02 -30.83
CA ILE C 445 -7.90 -34.44 -30.64
C ILE C 445 -8.68 -35.00 -31.82
N THR C 446 -9.68 -34.26 -32.29
CA THR C 446 -10.42 -34.70 -33.47
C THR C 446 -9.49 -34.82 -34.68
N MET C 447 -8.61 -33.83 -34.85
CA MET C 447 -7.68 -33.84 -35.98
C MET C 447 -6.71 -35.02 -35.88
N LEU C 448 -6.23 -35.32 -34.67
CA LEU C 448 -5.36 -36.46 -34.45
C LEU C 448 -6.06 -37.76 -34.80
N HIS C 449 -7.34 -37.89 -34.39
CA HIS C 449 -8.09 -39.09 -34.73
C HIS C 449 -8.23 -39.24 -36.24
N GLU C 450 -8.48 -38.13 -36.94
CA GLU C 450 -8.59 -38.21 -38.39
C GLU C 450 -7.25 -38.57 -39.03
N LEU C 451 -6.14 -38.03 -38.49
CA LEU C 451 -4.83 -38.28 -39.06
C LEU C 451 -4.38 -39.72 -38.82
N SER C 452 -4.77 -40.32 -37.69
CA SER C 452 -4.31 -41.66 -37.35
C SER C 452 -4.77 -42.70 -38.37
N LYS C 453 -5.85 -42.44 -39.11
CA LYS C 453 -6.30 -43.38 -40.12
C LYS C 453 -5.37 -43.46 -41.32
N ILE C 454 -4.41 -42.55 -41.44
CA ILE C 454 -3.47 -42.54 -42.55
C ILE C 454 -2.10 -43.07 -42.14
N SER C 455 -1.53 -42.53 -41.07
CA SER C 455 -0.23 -42.95 -40.55
C SER C 455 -0.37 -43.24 -39.07
N PRO C 456 -0.99 -44.37 -38.71
CA PRO C 456 -1.27 -44.63 -37.29
C PRO C 456 -0.03 -44.72 -36.43
N SER C 457 1.07 -45.27 -36.95
CA SER C 457 2.23 -45.56 -36.12
C SER C 457 2.79 -44.29 -35.49
N SER C 458 3.08 -43.28 -36.32
CA SER C 458 3.70 -42.06 -35.81
C SER C 458 2.78 -41.32 -34.85
N ILE C 459 1.50 -41.20 -35.20
CA ILE C 459 0.57 -40.46 -34.36
C ILE C 459 0.40 -41.14 -33.01
N VAL C 460 0.20 -42.45 -33.01
CA VAL C 460 0.00 -43.17 -31.76
C VAL C 460 1.27 -43.18 -30.93
N SER C 461 2.43 -43.26 -31.58
CA SER C 461 3.69 -43.18 -30.84
C SER C 461 3.86 -41.81 -30.19
N GLU C 462 3.53 -40.74 -30.91
CA GLU C 462 3.65 -39.40 -30.35
C GLU C 462 2.70 -39.21 -29.17
N VAL C 463 1.46 -39.66 -29.30
CA VAL C 463 0.50 -39.52 -28.21
C VAL C 463 0.94 -40.36 -27.01
N TYR C 464 1.37 -41.60 -27.26
CA TYR C 464 1.78 -42.50 -26.18
C TYR C 464 3.07 -42.02 -25.52
N GLY C 465 3.96 -41.40 -26.29
CA GLY C 465 5.25 -40.98 -25.78
C GLY C 465 6.35 -42.02 -25.89
N ARG C 466 6.05 -43.20 -26.39
CA ARG C 466 7.02 -44.27 -26.54
C ARG C 466 6.88 -44.90 -27.92
N PRO C 467 7.99 -45.20 -28.59
CA PRO C 467 7.91 -45.75 -29.96
C PRO C 467 7.26 -47.13 -29.96
N ILE C 468 6.10 -47.21 -30.61
CA ILE C 468 5.35 -48.44 -30.76
C ILE C 468 4.88 -48.56 -32.21
N SER C 469 4.13 -49.62 -32.48
CA SER C 469 3.54 -49.84 -33.81
C SER C 469 2.05 -50.03 -33.66
N ALA C 470 1.29 -49.43 -34.58
CA ALA C 470 -0.16 -49.53 -34.57
C ALA C 470 -0.67 -49.79 -35.98
N GLN C 471 -1.85 -50.37 -36.06
CA GLN C 471 -2.47 -50.69 -37.35
C GLN C 471 -3.97 -50.53 -37.22
N LEU C 472 -4.59 -49.98 -38.25
CA LEU C 472 -6.03 -49.71 -38.22
C LEU C 472 -6.80 -51.00 -38.47
N HIS C 473 -7.42 -51.54 -37.42
CA HIS C 473 -8.22 -52.76 -37.53
C HIS C 473 -9.69 -52.38 -37.68
N GLY C 474 -10.02 -51.85 -38.86
CA GLY C 474 -11.37 -51.40 -39.12
C GLY C 474 -11.59 -49.95 -38.73
N ASP C 475 -12.18 -49.74 -37.55
CA ASP C 475 -12.42 -48.40 -37.05
C ASP C 475 -11.66 -48.09 -35.77
N VAL C 476 -10.88 -49.04 -35.25
CA VAL C 476 -10.09 -48.82 -34.04
C VAL C 476 -8.65 -49.24 -34.32
N LEU C 477 -7.74 -48.71 -33.51
CA LEU C 477 -6.31 -48.98 -33.66
C LEU C 477 -5.91 -50.13 -32.75
N ALA C 478 -5.22 -51.11 -33.33
CA ALA C 478 -4.73 -52.28 -32.59
C ALA C 478 -3.22 -52.15 -32.50
N ILE C 479 -2.73 -51.54 -31.42
CA ILE C 479 -1.31 -51.36 -31.26
C ILE C 479 -0.63 -52.68 -30.91
N SER C 480 0.68 -52.73 -31.09
CA SER C 480 1.46 -53.93 -30.82
C SER C 480 2.77 -53.53 -30.17
N LYS C 481 2.88 -53.72 -28.86
CA LYS C 481 4.15 -53.52 -28.18
C LYS C 481 5.19 -54.47 -28.78
N CYS C 482 6.38 -53.94 -29.02
CA CYS C 482 7.40 -54.71 -29.71
C CYS C 482 8.78 -54.40 -29.12
N ILE C 483 9.69 -55.34 -29.29
CA ILE C 483 10.95 -55.34 -28.58
C ILE C 483 12.06 -54.79 -29.47
N GLU C 484 13.20 -54.50 -28.87
CA GLU C 484 14.36 -53.97 -29.56
C GLU C 484 15.22 -55.11 -30.12
N VAL C 485 16.24 -54.73 -30.90
CA VAL C 485 17.25 -55.65 -31.38
C VAL C 485 18.62 -55.00 -31.19
N ASN C 486 19.66 -55.81 -31.27
CA ASN C 486 21.01 -55.33 -31.04
C ASN C 486 21.41 -54.31 -32.11
N GLN C 487 22.22 -53.34 -31.71
CA GLN C 487 22.61 -52.23 -32.57
C GLN C 487 23.78 -52.57 -33.49
N SER C 488 24.32 -53.78 -33.40
CA SER C 488 25.39 -54.21 -34.29
C SER C 488 24.81 -54.97 -35.49
N SER C 489 25.64 -55.11 -36.52
CA SER C 489 25.28 -55.83 -37.74
C SER C 489 24.00 -55.27 -38.37
N VAL C 490 23.87 -53.95 -38.35
CA VAL C 490 22.76 -53.26 -39.01
C VAL C 490 23.31 -52.77 -40.35
N GLN C 491 23.14 -53.60 -41.38
CA GLN C 491 23.71 -53.35 -42.70
C GLN C 491 22.59 -53.08 -43.70
N LEU C 492 22.82 -52.11 -44.59
CA LEU C 492 21.86 -51.75 -45.63
C LEU C 492 22.47 -52.08 -46.99
N TYR C 493 21.74 -52.86 -47.79
CA TYR C 493 22.19 -53.16 -49.14
C TYR C 493 22.17 -51.89 -49.99
N LYS C 494 23.25 -51.68 -50.74
CA LYS C 494 23.41 -50.47 -51.54
C LYS C 494 22.69 -50.56 -52.88
N SER C 495 21.78 -51.52 -53.06
CA SER C 495 21.03 -51.65 -54.31
C SER C 495 19.57 -51.88 -53.96
N MET C 496 18.70 -50.99 -54.46
CA MET C 496 17.26 -51.14 -54.29
C MET C 496 16.60 -51.92 -55.41
N ARG C 497 17.36 -52.32 -56.42
CA ARG C 497 16.80 -53.11 -57.52
C ARG C 497 16.42 -54.50 -57.06
N VAL C 498 15.34 -55.02 -57.64
CA VAL C 498 14.90 -56.38 -57.37
C VAL C 498 15.64 -57.32 -58.31
N VAL C 499 16.40 -58.25 -57.73
CA VAL C 499 17.24 -59.17 -58.48
C VAL C 499 16.59 -60.56 -58.43
N ASP C 500 16.43 -61.17 -59.60
CA ASP C 500 15.80 -62.48 -59.69
C ASP C 500 16.69 -63.53 -59.04
N ALA C 501 16.10 -64.72 -58.82
CA ALA C 501 16.85 -65.81 -58.21
C ALA C 501 18.04 -66.25 -59.05
N LYS C 502 18.02 -65.98 -60.35
CA LYS C 502 19.14 -66.28 -61.23
C LYS C 502 20.12 -65.11 -61.35
N GLY C 503 20.12 -64.20 -60.39
CA GLY C 503 20.99 -63.05 -60.45
C GLY C 503 20.67 -62.10 -61.58
N VAL C 504 19.39 -61.87 -61.86
CA VAL C 504 18.95 -61.00 -62.93
C VAL C 504 18.15 -59.86 -62.32
N ARG C 505 18.59 -58.62 -62.57
CA ARG C 505 17.88 -57.46 -62.06
C ARG C 505 16.58 -57.26 -62.84
N SER C 506 15.50 -57.02 -62.11
CA SER C 506 14.19 -56.79 -62.72
C SER C 506 14.04 -55.30 -62.96
N GLU C 507 14.01 -54.89 -64.23
CA GLU C 507 13.90 -53.48 -64.56
C GLU C 507 12.51 -52.92 -64.31
N THR C 508 11.52 -53.77 -64.04
CA THR C 508 10.16 -53.31 -63.79
C THR C 508 9.77 -53.34 -62.32
N MET C 509 10.60 -53.96 -61.46
CA MET C 509 10.33 -54.04 -60.04
C MET C 509 11.51 -53.48 -59.27
N CYS C 510 11.25 -52.49 -58.41
CA CYS C 510 12.26 -51.90 -57.57
C CYS C 510 11.70 -51.70 -56.17
N TYR C 511 12.54 -51.96 -55.17
CA TYR C 511 12.09 -51.81 -53.78
C TYR C 511 11.91 -50.35 -53.43
N ASN C 512 10.77 -50.02 -52.84
CA ASN C 512 10.53 -48.64 -52.43
C ASN C 512 11.38 -48.24 -51.23
N ARG C 513 11.84 -49.20 -50.44
CA ARG C 513 12.67 -48.94 -49.27
C ARG C 513 13.90 -49.81 -49.32
N PRO C 514 15.02 -49.34 -48.78
CA PRO C 514 16.24 -50.15 -48.79
C PRO C 514 16.10 -51.41 -47.97
N LEU C 515 16.77 -52.46 -48.41
CA LEU C 515 16.80 -53.72 -47.69
C LEU C 515 17.87 -53.68 -46.61
N VAL C 516 17.50 -54.01 -45.39
CA VAL C 516 18.39 -53.91 -44.23
C VAL C 516 18.52 -55.28 -43.60
N THR C 517 19.74 -55.61 -43.17
CA THR C 517 20.03 -56.86 -42.48
C THR C 517 20.41 -56.57 -41.04
N PHE C 518 19.84 -57.34 -40.12
CA PHE C 518 20.10 -57.18 -38.70
C PHE C 518 20.33 -58.55 -38.06
N SER C 519 21.01 -58.54 -36.92
CA SER C 519 21.39 -59.75 -36.21
C SER C 519 20.54 -60.01 -34.98
N PHE C 520 19.32 -59.45 -34.94
CA PHE C 520 18.39 -59.63 -33.83
C PHE C 520 19.09 -59.13 -32.56
N VAL C 521 19.13 -59.91 -31.49
CA VAL C 521 19.84 -59.51 -30.28
C VAL C 521 21.28 -59.99 -30.38
N ASN C 522 22.16 -59.38 -29.58
CA ASN C 522 23.57 -59.76 -29.61
C ASN C 522 23.80 -61.18 -29.08
N SER C 523 22.91 -61.68 -28.23
CA SER C 523 23.03 -63.06 -27.77
C SER C 523 22.81 -64.07 -28.89
N THR C 524 22.22 -63.65 -30.00
CA THR C 524 22.01 -64.51 -31.17
C THR C 524 22.80 -63.95 -32.34
N PRO C 525 23.95 -64.56 -32.68
CA PRO C 525 24.77 -64.04 -33.78
C PRO C 525 24.17 -64.26 -35.16
N GLU C 526 23.04 -64.97 -35.27
CA GLU C 526 22.42 -65.20 -36.56
C GLU C 526 21.97 -63.88 -37.19
N VAL C 527 22.08 -63.80 -38.52
CA VAL C 527 21.75 -62.61 -39.28
C VAL C 527 20.63 -62.93 -40.25
N VAL C 528 19.60 -62.09 -40.28
CA VAL C 528 18.45 -62.27 -41.16
C VAL C 528 18.11 -60.93 -41.79
N LEU C 529 17.77 -60.98 -43.08
CA LEU C 529 17.55 -59.79 -43.89
C LEU C 529 16.12 -59.31 -43.75
N GLY C 530 15.94 -57.99 -43.66
CA GLY C 530 14.62 -57.38 -43.62
C GLY C 530 14.53 -56.15 -44.50
N GLN C 531 13.49 -55.35 -44.32
CA GLN C 531 13.30 -54.11 -45.07
C GLN C 531 13.15 -52.94 -44.12
N LEU C 532 13.81 -51.84 -44.45
CA LEU C 532 13.75 -50.64 -43.62
C LEU C 532 12.37 -49.99 -43.71
N GLY C 533 11.88 -49.52 -42.57
CA GLY C 533 10.60 -48.83 -42.51
C GLY C 533 10.73 -47.36 -42.21
N LEU C 534 10.05 -46.89 -41.18
CA LEU C 534 10.05 -45.48 -40.79
C LEU C 534 10.53 -45.33 -39.36
N ASP C 535 11.36 -44.31 -39.12
CA ASP C 535 11.90 -44.01 -37.80
C ASP C 535 12.64 -45.21 -37.22
N ASN C 536 13.53 -45.79 -38.03
CA ASN C 536 14.33 -46.95 -37.64
C ASN C 536 13.45 -48.11 -37.22
N GLU C 537 12.60 -48.54 -38.13
CA GLU C 537 11.73 -49.69 -37.93
C GLU C 537 11.98 -50.70 -39.04
N ILE C 538 12.01 -51.98 -38.67
CA ILE C 538 12.23 -53.05 -39.61
C ILE C 538 10.99 -53.92 -39.67
N LEU C 539 10.81 -54.60 -40.80
CA LEU C 539 9.68 -55.51 -40.97
C LEU C 539 10.06 -56.59 -41.97
N LEU C 540 9.71 -57.83 -41.64
CA LEU C 540 9.97 -58.96 -42.52
C LEU C 540 8.77 -59.19 -43.43
N GLY C 541 8.75 -60.33 -44.11
CA GLY C 541 7.69 -60.65 -45.04
C GLY C 541 8.02 -60.27 -46.47
N ASP C 542 6.98 -60.21 -47.29
CA ASP C 542 7.13 -59.83 -48.68
C ASP C 542 7.54 -58.37 -48.76
N HIS C 543 8.79 -58.13 -49.18
CA HIS C 543 9.30 -56.77 -49.27
C HIS C 543 8.50 -55.97 -50.30
N ARG C 544 8.11 -54.75 -49.93
CA ARG C 544 7.34 -53.91 -50.83
C ARG C 544 8.19 -53.45 -52.00
N THR C 545 7.54 -53.29 -53.15
CA THR C 545 8.23 -52.88 -54.37
C THR C 545 7.24 -52.20 -55.30
N GLU C 546 7.77 -51.52 -56.30
CA GLU C 546 6.97 -50.81 -57.28
C GLU C 546 7.77 -50.67 -58.56
N GLU C 547 7.14 -50.05 -59.57
CA GLU C 547 7.80 -49.87 -60.86
C GLU C 547 9.01 -48.95 -60.71
N CYS C 548 10.10 -49.32 -61.38
CA CYS C 548 11.32 -48.52 -61.35
C CYS C 548 11.15 -47.24 -62.17
N GLU C 549 11.85 -46.19 -61.76
CA GLU C 549 11.87 -44.93 -62.47
C GLU C 549 13.32 -44.56 -62.75
N ILE C 550 13.62 -44.19 -63.99
CA ILE C 550 14.99 -43.82 -64.36
C ILE C 550 15.48 -42.61 -63.55
N PRO C 551 14.74 -41.48 -63.48
CA PRO C 551 15.19 -40.41 -62.57
C PRO C 551 14.67 -40.61 -61.16
N SER C 552 15.58 -40.79 -60.20
CA SER C 552 15.20 -41.01 -58.81
C SER C 552 16.33 -40.54 -57.91
N THR C 553 15.97 -39.74 -56.90
CA THR C 553 16.93 -39.22 -55.94
C THR C 553 16.37 -39.37 -54.53
N LYS C 554 15.87 -40.55 -54.22
CA LYS C 554 15.26 -40.79 -52.92
C LYS C 554 16.29 -40.70 -51.80
N ILE C 555 15.87 -40.15 -50.66
CA ILE C 555 16.70 -40.05 -49.48
C ILE C 555 15.97 -40.72 -48.32
N PHE C 556 16.67 -41.58 -47.60
CA PHE C 556 16.09 -42.35 -46.50
C PHE C 556 16.80 -41.98 -45.21
N LEU C 557 16.01 -41.76 -44.15
CA LEU C 557 16.55 -41.44 -42.84
C LEU C 557 16.66 -42.70 -42.01
N SER C 558 17.84 -42.92 -41.42
CA SER C 558 18.08 -44.10 -40.60
C SER C 558 19.07 -43.74 -39.52
N GLY C 559 18.67 -43.88 -38.26
CA GLY C 559 19.55 -43.52 -37.15
C GLY C 559 19.87 -42.05 -37.18
N ASN C 560 21.15 -41.74 -37.27
CA ASN C 560 21.64 -40.36 -37.37
C ASN C 560 22.48 -40.18 -38.62
N HIS C 561 22.02 -40.73 -39.74
CA HIS C 561 22.76 -40.65 -41.00
C HIS C 561 21.79 -40.79 -42.15
N ALA C 562 21.63 -39.71 -42.92
CA ALA C 562 20.80 -39.78 -44.13
C ALA C 562 21.54 -40.52 -45.23
N HIS C 563 20.80 -41.32 -45.98
CA HIS C 563 21.35 -42.11 -47.08
C HIS C 563 20.68 -41.69 -48.38
N VAL C 564 21.49 -41.43 -49.40
CA VAL C 564 21.01 -40.97 -50.70
C VAL C 564 21.01 -42.16 -51.66
N TYR C 565 19.90 -42.34 -52.37
CA TYR C 565 19.74 -43.43 -53.33
C TYR C 565 19.37 -42.85 -54.68
N THR C 566 20.32 -42.86 -55.61
CA THR C 566 20.07 -42.42 -56.98
C THR C 566 20.06 -43.64 -57.89
N ASP C 567 19.05 -43.72 -58.76
CA ASP C 567 18.85 -44.87 -59.65
C ASP C 567 18.76 -46.17 -58.84
N TYR C 568 18.09 -46.10 -57.69
CA TYR C 568 17.87 -47.25 -56.82
C TYR C 568 19.18 -47.89 -56.36
N THR C 569 20.23 -47.08 -56.19
CA THR C 569 21.47 -47.55 -55.60
C THR C 569 22.06 -46.46 -54.73
N HIS C 570 22.81 -46.88 -53.71
CA HIS C 570 23.39 -45.94 -52.77
C HIS C 570 24.51 -45.13 -53.42
N THR C 571 24.57 -43.86 -53.09
CA THR C 571 25.62 -42.98 -53.61
C THR C 571 26.36 -42.22 -52.51
N ASN C 572 25.67 -41.81 -51.45
CA ASN C 572 26.29 -41.02 -50.40
C ASN C 572 25.57 -41.27 -49.09
N SER C 573 26.26 -40.96 -48.00
CA SER C 573 25.71 -41.10 -46.65
C SER C 573 26.25 -39.95 -45.81
N THR C 574 25.35 -39.08 -45.35
CA THR C 574 25.72 -37.88 -44.64
C THR C 574 24.94 -37.78 -43.33
N PRO C 575 25.50 -37.11 -42.33
CA PRO C 575 24.76 -36.92 -41.07
C PRO C 575 23.51 -36.07 -41.29
N ILE C 576 22.51 -36.33 -40.44
CA ILE C 576 21.22 -35.64 -40.57
C ILE C 576 21.37 -34.15 -40.32
N GLU C 577 22.37 -33.74 -39.52
CA GLU C 577 22.53 -32.33 -39.18
C GLU C 577 22.89 -31.47 -40.39
N ASP C 578 23.31 -32.07 -41.50
CA ASP C 578 23.69 -31.29 -42.67
C ASP C 578 22.49 -30.57 -43.28
N ILE C 579 21.36 -31.25 -43.40
CA ILE C 579 20.17 -30.64 -44.00
C ILE C 579 19.50 -29.75 -42.96
N GLU C 580 19.15 -28.54 -43.35
CA GLU C 580 18.62 -27.55 -42.42
C GLU C 580 17.24 -27.99 -41.92
N VAL C 581 16.76 -27.26 -40.92
CA VAL C 581 15.55 -27.62 -40.18
C VAL C 581 14.54 -26.49 -40.32
N LEU C 582 13.32 -26.83 -40.70
CA LEU C 582 12.23 -25.87 -40.73
C LEU C 582 11.88 -25.44 -39.31
N ASP C 583 11.76 -24.13 -39.10
CA ASP C 583 11.44 -23.59 -37.77
C ASP C 583 9.92 -23.62 -37.56
N ALA C 584 9.41 -24.82 -37.35
CA ALA C 584 7.98 -25.00 -37.12
C ALA C 584 7.56 -24.62 -35.72
N PHE C 585 8.48 -24.53 -34.78
CA PHE C 585 8.15 -24.15 -33.42
C PHE C 585 7.72 -22.69 -33.36
N ILE C 586 6.69 -22.41 -32.58
CA ILE C 586 6.20 -21.04 -32.36
C ILE C 586 6.53 -20.67 -30.92
N ARG C 587 7.40 -19.68 -30.75
CA ARG C 587 7.87 -19.30 -29.44
C ARG C 587 6.80 -18.51 -28.69
N LEU C 588 6.93 -18.51 -27.35
CA LEU C 588 6.07 -17.73 -26.47
C LEU C 588 6.97 -16.72 -25.75
N LYS C 589 7.03 -15.50 -26.28
CA LYS C 589 7.93 -14.48 -25.77
C LYS C 589 7.38 -13.95 -24.44
N ILE C 590 7.61 -14.73 -23.38
CA ILE C 590 7.20 -14.37 -22.03
C ILE C 590 8.39 -14.55 -21.10
N ASP C 591 8.70 -13.52 -20.32
CA ASP C 591 9.79 -13.58 -19.37
C ASP C 591 9.26 -13.48 -17.95
N PRO C 592 9.84 -14.19 -17.00
CA PRO C 592 9.34 -14.16 -15.63
C PRO C 592 9.52 -12.79 -15.00
N LEU C 593 8.60 -12.47 -14.09
CA LEU C 593 8.68 -11.22 -13.35
C LEU C 593 9.86 -11.25 -12.38
N GLU C 594 10.48 -10.09 -12.19
CA GLU C 594 11.67 -9.98 -11.37
C GLU C 594 11.32 -9.54 -9.96
N ASN C 595 12.19 -9.90 -9.01
CA ASN C 595 12.01 -9.47 -7.64
C ASN C 595 12.23 -7.96 -7.53
N ALA C 596 11.45 -7.33 -6.66
CA ALA C 596 11.55 -5.89 -6.43
C ALA C 596 11.56 -5.63 -4.93
N ASP C 597 12.44 -4.72 -4.50
CA ASP C 597 12.55 -4.31 -3.11
C ASP C 597 12.06 -2.87 -3.01
N PHE C 598 10.84 -2.69 -2.53
CA PHE C 598 10.28 -1.36 -2.36
C PHE C 598 11.06 -0.65 -1.26
N LYS C 599 11.88 0.33 -1.64
CA LYS C 599 12.69 1.04 -0.67
C LYS C 599 11.83 2.03 0.11
N LEU C 600 12.17 2.21 1.38
CA LEU C 600 11.40 3.08 2.25
C LEU C 600 11.66 4.54 1.89
N LEU C 601 10.60 5.33 1.80
CA LEU C 601 10.68 6.73 1.42
C LEU C 601 10.22 7.60 2.57
N ASP C 602 10.99 8.66 2.85
CA ASP C 602 10.69 9.61 3.91
C ASP C 602 10.56 10.99 3.31
N LEU C 603 9.33 11.52 3.29
CA LEU C 603 9.11 12.86 2.74
C LEU C 603 9.77 13.91 3.62
N TYR C 604 9.53 13.83 4.93
CA TYR C 604 10.06 14.81 5.89
C TYR C 604 10.93 14.10 6.90
N SER C 605 12.16 14.56 7.04
CA SER C 605 13.06 14.03 8.06
C SER C 605 12.53 14.37 9.46
N PRO C 606 12.76 13.51 10.45
CA PRO C 606 12.26 13.80 11.80
C PRO C 606 12.75 15.12 12.36
N ASP C 607 13.94 15.56 11.95
CA ASP C 607 14.39 16.90 12.32
C ASP C 607 13.45 17.97 11.79
N GLU C 608 12.96 17.79 10.56
CA GLU C 608 12.00 18.73 9.99
C GLU C 608 10.69 18.74 10.76
N LEU C 609 10.23 17.57 11.19
CA LEU C 609 9.04 17.52 12.04
C LEU C 609 9.29 18.24 13.36
N SER C 610 10.50 18.09 13.91
CA SER C 610 10.84 18.79 15.15
C SER C 610 10.81 20.31 14.95
N ARG C 611 11.32 20.78 13.82
CA ARG C 611 11.40 22.22 13.56
C ARG C 611 10.10 22.82 13.04
N ALA C 612 9.06 22.01 12.83
CA ALA C 612 7.83 22.50 12.25
C ALA C 612 6.88 23.11 13.27
N ASN C 613 7.22 23.10 14.56
CA ASN C 613 6.35 23.59 15.62
C ASN C 613 6.94 24.84 16.23
N VAL C 614 6.12 25.89 16.34
CA VAL C 614 6.57 27.12 17.00
C VAL C 614 6.81 26.87 18.48
N PHE C 615 5.90 26.14 19.13
CA PHE C 615 5.98 25.89 20.57
C PHE C 615 6.38 24.45 20.81
N ASP C 616 7.43 24.26 21.62
CA ASP C 616 7.88 22.95 22.03
C ASP C 616 7.74 22.86 23.54
N LEU C 617 6.95 21.89 24.02
CA LEU C 617 6.69 21.79 25.45
C LEU C 617 7.97 21.48 26.22
N GLU C 618 8.77 20.54 25.72
CA GLU C 618 9.99 20.15 26.42
C GLU C 618 10.96 21.31 26.52
N ASN C 619 11.18 22.01 25.41
CA ASN C 619 12.12 23.13 25.42
C ASN C 619 11.63 24.24 26.35
N ILE C 620 10.34 24.56 26.30
CA ILE C 620 9.78 25.61 27.15
C ILE C 620 9.97 25.25 28.61
N LEU C 621 9.61 24.01 28.98
CA LEU C 621 9.71 23.61 30.37
C LEU C 621 11.16 23.58 30.84
N ARG C 622 12.07 23.07 30.01
CA ARG C 622 13.48 23.02 30.39
C ARG C 622 14.05 24.41 30.60
N GLU C 623 13.75 25.33 29.67
CA GLU C 623 14.26 26.69 29.81
C GLU C 623 13.68 27.37 31.04
N TYR C 624 12.38 27.22 31.27
CA TYR C 624 11.75 27.83 32.43
C TYR C 624 12.32 27.28 33.73
N ASN C 625 12.52 25.96 33.80
CA ASN C 625 13.06 25.35 35.00
C ASN C 625 14.50 25.79 35.23
N SER C 626 15.31 25.87 34.18
CA SER C 626 16.68 26.33 34.33
C SER C 626 16.72 27.78 34.82
N TYR C 627 15.87 28.63 34.25
CA TYR C 627 15.82 30.03 34.68
C TYR C 627 15.38 30.13 36.14
N LYS C 628 14.37 29.35 36.53
CA LYS C 628 13.91 29.37 37.91
C LYS C 628 14.98 28.88 38.88
N SER C 629 15.71 27.83 38.49
CA SER C 629 16.81 27.34 39.32
C SER C 629 17.89 28.40 39.46
N ALA C 630 18.22 29.09 38.36
CA ALA C 630 19.17 30.18 38.42
C ALA C 630 18.61 31.41 39.13
N LEU C 631 17.32 31.44 39.42
CA LEU C 631 16.67 32.54 40.11
C LEU C 631 16.71 32.38 41.63
N TYR C 632 17.72 31.65 42.13
CA TYR C 632 17.87 31.42 43.58
C TYR C 632 18.58 32.62 44.22
N THR C 633 18.11 33.83 43.93
CA THR C 633 18.73 35.04 44.47
C THR C 633 17.73 35.85 45.28
C1 NAG D . 26.87 -3.56 51.97
C2 NAG D . 27.56 -4.72 51.26
C3 NAG D . 29.08 -4.50 51.29
C4 NAG D . 29.41 -3.14 50.65
C5 NAG D . 28.64 -2.05 51.39
C6 NAG D . 28.91 -0.70 50.72
C7 NAG D . 26.10 -6.63 51.62
C8 NAG D . 25.77 -7.93 52.31
N2 NAG D . 27.24 -5.98 51.93
O3 NAG D . 29.74 -5.54 50.56
O4 NAG D . 30.81 -2.89 50.74
O5 NAG D . 27.24 -2.33 51.35
O6 NAG D . 28.30 0.34 51.47
O7 NAG D . 25.36 -6.18 50.77
H1 NAG D . 27.18 -3.54 53.02
H2 NAG D . 27.23 -4.76 50.21
H3 NAG D . 29.43 -4.50 52.33
H4 NAG D . 29.11 -3.16 49.60
H5 NAG D . 28.98 -2.01 52.43
H61 NAG D . 28.50 -0.71 49.71
H62 NAG D . 29.99 -0.52 50.67
H81 NAG D . 25.68 -7.76 53.35
H82 NAG D . 26.53 -8.64 52.13
H83 NAG D . 24.85 -8.30 51.94
HN2 NAG D . 27.86 -6.35 52.63
HO3 NAG D . 30.69 -5.40 50.58
HO4 NAG D . 31.01 -2.04 50.34
HO6 NAG D . 28.47 1.20 51.05
C1 NAG E . 30.68 -11.20 15.87
C2 NAG E . 31.33 -11.87 14.67
C3 NAG E . 31.36 -13.39 14.89
C4 NAG E . 32.10 -13.68 16.20
C5 NAG E . 31.41 -12.94 17.35
C6 NAG E . 32.19 -13.18 18.65
C7 NAG E . 30.78 -10.43 12.79
C8 NAG E . 30.00 -10.12 11.55
N2 NAG E . 30.56 -11.58 13.46
O3 NAG E . 32.03 -14.02 13.81
O4 NAG E . 32.07 -15.09 16.46
O5 NAG E . 31.40 -11.54 17.06
O6 NAG E . 31.49 -12.59 19.74
O7 NAG E . 31.63 -9.65 13.18
H2 NAG E . 32.36 -11.50 14.55
H3 NAG E . 30.33 -13.77 14.96
H4 NAG E . 33.14 -13.34 16.12
H5 NAG E . 30.39 -13.31 17.46
H61 NAG E . 33.18 -12.74 18.57
H62 NAG E . 32.29 -14.26 18.82
H81 NAG E . 28.96 -10.08 11.78
H82 NAG E . 30.14 -10.89 10.82
H83 NAG E . 30.31 -9.19 11.14
HN2 NAG E . 29.86 -12.23 13.14
HO3 NAG E . 32.05 -14.98 13.95
HO4 NAG E . 32.54 -15.27 17.28
HO6 NAG E . 31.98 -12.74 20.56
C1 NAG F . 21.63 54.31 4.21
C2 NAG F . 21.53 54.21 2.69
C3 NAG F . 20.67 55.36 2.16
C4 NAG F . 19.30 55.31 2.83
C5 NAG F . 19.48 55.38 4.35
C6 NAG F . 18.12 55.27 5.04
C7 NAG F . 23.63 53.17 2.00
C8 NAG F . 25.01 53.26 1.41
N2 NAG F . 22.86 54.29 2.11
O3 NAG F . 20.52 55.23 0.74
O4 NAG F . 18.51 56.43 2.39
O5 NAG F . 20.31 54.30 4.77
O6 NAG F . 18.27 55.45 6.44
O7 NAG F . 23.19 52.11 2.40
H1 NAG F . 22.13 55.25 4.48
H2 NAG F . 21.06 53.24 2.41
H3 NAG F . 21.16 56.32 2.38
H4 NAG F . 18.79 54.38 2.57
H5 NAG F . 19.95 56.33 4.62
H61 NAG F . 17.68 54.30 4.83
H62 NAG F . 17.45 56.05 4.63
H81 NAG F . 25.61 53.92 1.98
H82 NAG F . 24.94 53.61 0.42
H83 NAG F . 25.45 52.29 1.41
HN2 NAG F . 23.23 55.17 1.78
HO3 NAG F . 19.97 55.96 0.41
HO4 NAG F . 17.65 56.40 2.82
HO6 NAG F . 17.41 55.39 6.87
C1 NAG G . 1.60 31.82 -17.42
C2 NAG G . 0.91 31.40 -18.74
C3 NAG G . 1.95 31.41 -19.86
C4 NAG G . 2.58 32.79 -19.95
C5 NAG G . 3.20 33.16 -18.59
C6 NAG G . 3.79 34.58 -18.66
C7 NAG G . -0.87 29.89 -18.05
C8 NAG G . -1.45 28.51 -17.90
N2 NAG G . 0.36 30.06 -18.58
O3 NAG G . 1.31 31.09 -21.09
O4 NAG G . 3.60 32.79 -20.95
O5 NAG G . 2.19 33.11 -17.58
O6 NAG G . 4.46 34.87 -17.43
O7 NAG G . -1.51 30.85 -17.69
H2 NAG G . 0.11 32.11 -18.97
H3 NAG G . 2.73 30.66 -19.64
H4 NAG G . 1.82 33.53 -20.21
H5 NAG G . 3.99 32.45 -18.35
H61 NAG G . 2.97 35.29 -18.81
H62 NAG G . 4.49 34.64 -19.49
H81 NAG G . -0.82 27.92 -17.28
H82 NAG G . -1.52 28.05 -18.85
H83 NAG G . -2.42 28.57 -17.46
HN2 NAG G . 0.88 29.25 -18.89
HO3 NAG G . 1.96 31.09 -21.80
HO4 NAG G . 4.01 33.67 -21.00
HO6 NAG G . 4.82 35.76 -17.47
C1 NAG H . -40.59 24.66 34.35
C2 NAG H . -41.44 23.55 33.73
C3 NAG H . -42.04 22.69 34.85
C4 NAG H . -40.92 22.15 35.72
C5 NAG H . -40.09 23.32 36.27
C6 NAG H . -38.92 22.76 37.10
C7 NAG H . -42.28 24.50 31.65
C8 NAG H . -43.39 25.11 30.83
N2 NAG H . -42.52 24.14 32.92
O3 NAG H . -42.78 21.61 34.27
O4 NAG H . -41.47 21.41 36.81
O5 NAG H . -39.58 24.08 35.18
O6 NAG H . -38.21 23.86 37.70
O7 NAG H . -41.19 24.33 31.16
H1 NAG H . -41.23 25.32 34.96
H2 NAG H . -40.80 22.92 33.08
H3 NAG H . -42.72 23.31 35.46
H4 NAG H . -40.27 21.49 35.12
H5 NAG H . -40.73 23.95 36.91
H61 NAG H . -38.24 22.21 36.44
H62 NAG H . -39.31 22.11 37.87
H81 NAG H . -43.73 26.00 31.28
H82 NAG H . -44.19 24.43 30.76
H83 NAG H . -43.03 25.32 29.86
HN2 NAG H . -43.43 24.28 33.33
HO3 NAG H . -43.16 21.08 34.99
HO4 NAG H . -40.76 21.05 37.36
HO6 NAG H . -37.48 23.51 38.21
C1 NAG I . -30.84 -7.06 17.82
C2 NAG I . -31.08 -8.50 17.31
C3 NAG I . -32.31 -8.50 16.39
C4 NAG I . -33.51 -7.95 17.16
C5 NAG I . -33.18 -6.54 17.66
C6 NAG I . -34.36 -6.00 18.48
C7 NAG I . -28.87 -9.50 17.22
C8 NAG I . -27.66 -9.98 16.46
N2 NAG I . -29.90 -8.95 16.57
O3 NAG I . -32.58 -9.84 15.96
O4 NAG I . -34.65 -7.88 16.28
O5 NAG I . -32.01 -6.60 18.49
O6 NAG I . -34.09 -4.66 18.86
O7 NAG I . -28.90 -9.61 18.42
H2 NAG I . -31.27 -9.16 18.16
H3 NAG I . -32.11 -7.87 15.51
H4 NAG I . -33.74 -8.60 18.00
H5 NAG I . -32.99 -5.88 16.81
H61 NAG I . -34.49 -6.62 19.38
H62 NAG I . -35.26 -6.04 17.87
H81 NAG I . -27.23 -9.16 15.93
H82 NAG I . -27.94 -10.73 15.76
H83 NAG I . -26.94 -10.38 17.13
HN2 NAG I . -29.88 -8.86 15.56
HO3 NAG I . -33.36 -9.84 15.39
HO4 NAG I . -35.40 -7.53 16.77
HO6 NAG I . -34.83 -4.31 19.38
#